data_5QT0
# 
_entry.id   5QT0 
# 
_audit_conform.dict_name       mmcif_pdbx.dic 
_audit_conform.dict_version    5.387 
_audit_conform.dict_location   http://mmcif.pdb.org/dictionaries/ascii/mmcif_pdbx.dic 
# 
loop_
_database_2.database_id 
_database_2.database_code 
_database_2.pdbx_database_accession 
_database_2.pdbx_DOI 
PDB   5QT0         pdb_00005qt0 10.2210/pdb5qt0/pdb 
WWPDB D_1001402369 ?            ?                   
# 
loop_
_pdbx_audit_revision_history.ordinal 
_pdbx_audit_revision_history.data_content_type 
_pdbx_audit_revision_history.major_revision 
_pdbx_audit_revision_history.minor_revision 
_pdbx_audit_revision_history.revision_date 
1 'Structure model' 1 0 2019-08-21 
2 'Structure model' 1 1 2024-03-06 
# 
_pdbx_audit_revision_details.ordinal             1 
_pdbx_audit_revision_details.revision_ordinal    1 
_pdbx_audit_revision_details.data_content_type   'Structure model' 
_pdbx_audit_revision_details.provider            repository 
_pdbx_audit_revision_details.type                'Initial release' 
_pdbx_audit_revision_details.description         ? 
_pdbx_audit_revision_details.details             ? 
# 
loop_
_pdbx_audit_revision_group.ordinal 
_pdbx_audit_revision_group.revision_ordinal 
_pdbx_audit_revision_group.data_content_type 
_pdbx_audit_revision_group.group 
1 2 'Structure model' 'Data collection'     
2 2 'Structure model' 'Database references' 
# 
loop_
_pdbx_audit_revision_category.ordinal 
_pdbx_audit_revision_category.revision_ordinal 
_pdbx_audit_revision_category.data_content_type 
_pdbx_audit_revision_category.category 
1 2 'Structure model' chem_comp_atom 
2 2 'Structure model' chem_comp_bond 
3 2 'Structure model' database_2     
# 
loop_
_pdbx_audit_revision_item.ordinal 
_pdbx_audit_revision_item.revision_ordinal 
_pdbx_audit_revision_item.data_content_type 
_pdbx_audit_revision_item.item 
1 2 'Structure model' '_database_2.pdbx_DOI'                
2 2 'Structure model' '_database_2.pdbx_database_accession' 
# 
_pdbx_database_status.entry_id                        5QT0 
_pdbx_database_status.status_code                     REL 
_pdbx_database_status.status_code_sf                  REL 
_pdbx_database_status.status_code_mr                  ? 
_pdbx_database_status.status_code_cs                  ? 
_pdbx_database_status.recvd_initial_deposition_date   2019-05-26 
_pdbx_database_status.deposit_site                    RCSB 
_pdbx_database_status.process_site                    RCSB 
_pdbx_database_status.SG_entry                        ? 
_pdbx_database_status.pdb_format_compatible           Y 
_pdbx_database_status.methods_development_category    ? 
_pdbx_database_status.status_code_nmr_data            ? 
# 
loop_
_audit_author.name 
_audit_author.pdbx_ordinal 
'Newman, J.A.'        1 
'Gavard, A.E.'        2 
'Sherestha, L.'       3 
'Burgess-Brown, N.A.' 4 
'von Delft, F.'       5 
'Arrowsmith, C.H.'    6 
'Edwards, A.'         7 
'Bountra, C.'         8 
'Gileadi, O.'         9 
# 
_citation.id                        primary 
_citation.title                     'PanDDA analysis group deposition' 
_citation.journal_abbrev            'To Be Published' 
_citation.journal_volume            ? 
_citation.page_first                ? 
_citation.page_last                 ? 
_citation.year                      ? 
_citation.journal_id_ASTM           ? 
_citation.country                   ? 
_citation.journal_id_ISSN           ? 
_citation.journal_id_CSD            0353 
_citation.book_publisher            ? 
_citation.pdbx_database_id_PubMed   ? 
_citation.pdbx_database_id_DOI      ? 
# 
loop_
_citation_author.citation_id 
_citation_author.name 
_citation_author.identifier_ORCID 
_citation_author.ordinal 
primary 'Newman, J.A.'        ? 1 
primary 'Gavard, A.E.'        ? 2 
primary 'Sherestha, L.'       ? 3 
primary 'Burgess-Brown, N.A.' ? 4 
primary 'von Delft, F.'       ? 5 
primary 'Arrowsmith, C.H.'    ? 6 
primary 'Edwards, A.'         ? 7 
primary 'Bountra, C.'         ? 8 
primary 'Gileadi, O.'         ? 9 
# 
loop_
_entity.id 
_entity.type 
_entity.src_method 
_entity.pdbx_description 
_entity.formula_weight 
_entity.pdbx_number_of_molecules 
_entity.pdbx_ec 
_entity.pdbx_mutation 
_entity.pdbx_fragment 
_entity.details 
1 polymer     man 'T-box transcription factor T'            19655.623 1   ? G177D ? ? 
2 non-polymer syn "N-(4-methoxyphenyl)-N'-pyridin-4-ylurea" 243.261   1   ? ?     ? ? 
3 water       nat water                                     18.015    229 ? ?     ? ? 
# 
_entity_name_com.entity_id   1 
_entity_name_com.name        'Brachyury protein,Protein T' 
# 
_entity_poly.entity_id                      1 
_entity_poly.type                           'polypeptide(L)' 
_entity_poly.nstd_linkage                   no 
_entity_poly.nstd_monomer                   no 
_entity_poly.pdbx_seq_one_letter_code       
;GELRVGLEESELWLRFKELTNEMIVTKNGRRMFPVLKVNVSGLDPNAMYSFLLDFVAADNHRWKYVNGEWVPGGKPEPQA
PSCVYIHPDSPNFGAHWMKAPVSFSKVKLTNKLNGGGQIMLNSLHKYEPRIHIVRVGDPQRMITSHCFPETQFIAVTAYQ
NEEITALKIKYN
;
_entity_poly.pdbx_seq_one_letter_code_can   
;GELRVGLEESELWLRFKELTNEMIVTKNGRRMFPVLKVNVSGLDPNAMYSFLLDFVAADNHRWKYVNGEWVPGGKPEPQA
PSCVYIHPDSPNFGAHWMKAPVSFSKVKLTNKLNGGGQIMLNSLHKYEPRIHIVRVGDPQRMITSHCFPETQFIAVTAYQ
NEEITALKIKYN
;
_entity_poly.pdbx_strand_id                 A 
_entity_poly.pdbx_target_identifier         ? 
# 
loop_
_pdbx_entity_nonpoly.entity_id 
_pdbx_entity_nonpoly.name 
_pdbx_entity_nonpoly.comp_id 
2 "N-(4-methoxyphenyl)-N'-pyridin-4-ylurea" JHJ 
3 water                                     HOH 
# 
loop_
_entity_poly_seq.entity_id 
_entity_poly_seq.num 
_entity_poly_seq.mon_id 
_entity_poly_seq.hetero 
1 1   GLY n 
1 2   GLU n 
1 3   LEU n 
1 4   ARG n 
1 5   VAL n 
1 6   GLY n 
1 7   LEU n 
1 8   GLU n 
1 9   GLU n 
1 10  SER n 
1 11  GLU n 
1 12  LEU n 
1 13  TRP n 
1 14  LEU n 
1 15  ARG n 
1 16  PHE n 
1 17  LYS n 
1 18  GLU n 
1 19  LEU n 
1 20  THR n 
1 21  ASN n 
1 22  GLU n 
1 23  MET n 
1 24  ILE n 
1 25  VAL n 
1 26  THR n 
1 27  LYS n 
1 28  ASN n 
1 29  GLY n 
1 30  ARG n 
1 31  ARG n 
1 32  MET n 
1 33  PHE n 
1 34  PRO n 
1 35  VAL n 
1 36  LEU n 
1 37  LYS n 
1 38  VAL n 
1 39  ASN n 
1 40  VAL n 
1 41  SER n 
1 42  GLY n 
1 43  LEU n 
1 44  ASP n 
1 45  PRO n 
1 46  ASN n 
1 47  ALA n 
1 48  MET n 
1 49  TYR n 
1 50  SER n 
1 51  PHE n 
1 52  LEU n 
1 53  LEU n 
1 54  ASP n 
1 55  PHE n 
1 56  VAL n 
1 57  ALA n 
1 58  ALA n 
1 59  ASP n 
1 60  ASN n 
1 61  HIS n 
1 62  ARG n 
1 63  TRP n 
1 64  LYS n 
1 65  TYR n 
1 66  VAL n 
1 67  ASN n 
1 68  GLY n 
1 69  GLU n 
1 70  TRP n 
1 71  VAL n 
1 72  PRO n 
1 73  GLY n 
1 74  GLY n 
1 75  LYS n 
1 76  PRO n 
1 77  GLU n 
1 78  PRO n 
1 79  GLN n 
1 80  ALA n 
1 81  PRO n 
1 82  SER n 
1 83  CYS n 
1 84  VAL n 
1 85  TYR n 
1 86  ILE n 
1 87  HIS n 
1 88  PRO n 
1 89  ASP n 
1 90  SER n 
1 91  PRO n 
1 92  ASN n 
1 93  PHE n 
1 94  GLY n 
1 95  ALA n 
1 96  HIS n 
1 97  TRP n 
1 98  MET n 
1 99  LYS n 
1 100 ALA n 
1 101 PRO n 
1 102 VAL n 
1 103 SER n 
1 104 PHE n 
1 105 SER n 
1 106 LYS n 
1 107 VAL n 
1 108 LYS n 
1 109 LEU n 
1 110 THR n 
1 111 ASN n 
1 112 LYS n 
1 113 LEU n 
1 114 ASN n 
1 115 GLY n 
1 116 GLY n 
1 117 GLY n 
1 118 GLN n 
1 119 ILE n 
1 120 MET n 
1 121 LEU n 
1 122 ASN n 
1 123 SER n 
1 124 LEU n 
1 125 HIS n 
1 126 LYS n 
1 127 TYR n 
1 128 GLU n 
1 129 PRO n 
1 130 ARG n 
1 131 ILE n 
1 132 HIS n 
1 133 ILE n 
1 134 VAL n 
1 135 ARG n 
1 136 VAL n 
1 137 GLY n 
1 138 ASP n 
1 139 PRO n 
1 140 GLN n 
1 141 ARG n 
1 142 MET n 
1 143 ILE n 
1 144 THR n 
1 145 SER n 
1 146 HIS n 
1 147 CYS n 
1 148 PHE n 
1 149 PRO n 
1 150 GLU n 
1 151 THR n 
1 152 GLN n 
1 153 PHE n 
1 154 ILE n 
1 155 ALA n 
1 156 VAL n 
1 157 THR n 
1 158 ALA n 
1 159 TYR n 
1 160 GLN n 
1 161 ASN n 
1 162 GLU n 
1 163 GLU n 
1 164 ILE n 
1 165 THR n 
1 166 ALA n 
1 167 LEU n 
1 168 LYS n 
1 169 ILE n 
1 170 LYS n 
1 171 TYR n 
1 172 ASN n 
# 
_entity_src_gen.entity_id                          1 
_entity_src_gen.pdbx_src_id                        1 
_entity_src_gen.pdbx_alt_source_flag               sample 
_entity_src_gen.pdbx_seq_type                      'Biological sequence' 
_entity_src_gen.pdbx_beg_seq_num                   1 
_entity_src_gen.pdbx_end_seq_num                   172 
_entity_src_gen.gene_src_common_name               Human 
_entity_src_gen.gene_src_genus                     ? 
_entity_src_gen.pdbx_gene_src_gene                 'TBXT, T' 
_entity_src_gen.gene_src_species                   ? 
_entity_src_gen.gene_src_strain                    ? 
_entity_src_gen.gene_src_tissue                    ? 
_entity_src_gen.gene_src_tissue_fraction           ? 
_entity_src_gen.gene_src_details                   ? 
_entity_src_gen.pdbx_gene_src_fragment             ? 
_entity_src_gen.pdbx_gene_src_scientific_name      'Homo sapiens' 
_entity_src_gen.pdbx_gene_src_ncbi_taxonomy_id     9606 
_entity_src_gen.pdbx_gene_src_variant              ? 
_entity_src_gen.pdbx_gene_src_cell_line            ? 
_entity_src_gen.pdbx_gene_src_atcc                 ? 
_entity_src_gen.pdbx_gene_src_organ                ? 
_entity_src_gen.pdbx_gene_src_organelle            ? 
_entity_src_gen.pdbx_gene_src_cell                 ? 
_entity_src_gen.pdbx_gene_src_cellular_location    ? 
_entity_src_gen.host_org_common_name               ? 
_entity_src_gen.pdbx_host_org_scientific_name      'Escherichia coli' 
_entity_src_gen.pdbx_host_org_ncbi_taxonomy_id     562 
_entity_src_gen.host_org_genus                     ? 
_entity_src_gen.pdbx_host_org_gene                 ? 
_entity_src_gen.pdbx_host_org_organ                ? 
_entity_src_gen.host_org_species                   ? 
_entity_src_gen.pdbx_host_org_tissue               ? 
_entity_src_gen.pdbx_host_org_tissue_fraction      ? 
_entity_src_gen.pdbx_host_org_strain               ? 
_entity_src_gen.pdbx_host_org_variant              ? 
_entity_src_gen.pdbx_host_org_cell_line            ? 
_entity_src_gen.pdbx_host_org_atcc                 ? 
_entity_src_gen.pdbx_host_org_culture_collection   ? 
_entity_src_gen.pdbx_host_org_cell                 ? 
_entity_src_gen.pdbx_host_org_organelle            ? 
_entity_src_gen.pdbx_host_org_cellular_location    ? 
_entity_src_gen.pdbx_host_org_vector_type          ? 
_entity_src_gen.pdbx_host_org_vector               ? 
_entity_src_gen.host_org_details                   ? 
_entity_src_gen.expression_system_id               ? 
_entity_src_gen.plasmid_name                       ? 
_entity_src_gen.plasmid_details                    ? 
_entity_src_gen.pdbx_description                   ? 
# 
loop_
_chem_comp.id 
_chem_comp.type 
_chem_comp.mon_nstd_flag 
_chem_comp.name 
_chem_comp.pdbx_synonyms 
_chem_comp.formula 
_chem_comp.formula_weight 
ALA 'L-peptide linking' y ALANINE                                   ? 'C3 H7 N O2'     89.093  
ARG 'L-peptide linking' y ARGININE                                  ? 'C6 H15 N4 O2 1' 175.209 
ASN 'L-peptide linking' y ASPARAGINE                                ? 'C4 H8 N2 O3'    132.118 
ASP 'L-peptide linking' y 'ASPARTIC ACID'                           ? 'C4 H7 N O4'     133.103 
CYS 'L-peptide linking' y CYSTEINE                                  ? 'C3 H7 N O2 S'   121.158 
GLN 'L-peptide linking' y GLUTAMINE                                 ? 'C5 H10 N2 O3'   146.144 
GLU 'L-peptide linking' y 'GLUTAMIC ACID'                           ? 'C5 H9 N O4'     147.129 
GLY 'peptide linking'   y GLYCINE                                   ? 'C2 H5 N O2'     75.067  
HIS 'L-peptide linking' y HISTIDINE                                 ? 'C6 H10 N3 O2 1' 156.162 
HOH non-polymer         . WATER                                     ? 'H2 O'           18.015  
ILE 'L-peptide linking' y ISOLEUCINE                                ? 'C6 H13 N O2'    131.173 
JHJ non-polymer         . "N-(4-methoxyphenyl)-N'-pyridin-4-ylurea" ? 'C13 H13 N3 O2'  243.261 
LEU 'L-peptide linking' y LEUCINE                                   ? 'C6 H13 N O2'    131.173 
LYS 'L-peptide linking' y LYSINE                                    ? 'C6 H15 N2 O2 1' 147.195 
MET 'L-peptide linking' y METHIONINE                                ? 'C5 H11 N O2 S'  149.211 
PHE 'L-peptide linking' y PHENYLALANINE                             ? 'C9 H11 N O2'    165.189 
PRO 'L-peptide linking' y PROLINE                                   ? 'C5 H9 N O2'     115.130 
SER 'L-peptide linking' y SERINE                                    ? 'C3 H7 N O3'     105.093 
THR 'L-peptide linking' y THREONINE                                 ? 'C4 H9 N O3'     119.119 
TRP 'L-peptide linking' y TRYPTOPHAN                                ? 'C11 H12 N2 O2'  204.225 
TYR 'L-peptide linking' y TYROSINE                                  ? 'C9 H11 N O3'    181.189 
VAL 'L-peptide linking' y VALINE                                    ? 'C5 H11 N O2'    117.146 
# 
loop_
_pdbx_poly_seq_scheme.asym_id 
_pdbx_poly_seq_scheme.entity_id 
_pdbx_poly_seq_scheme.seq_id 
_pdbx_poly_seq_scheme.mon_id 
_pdbx_poly_seq_scheme.ndb_seq_num 
_pdbx_poly_seq_scheme.pdb_seq_num 
_pdbx_poly_seq_scheme.auth_seq_num 
_pdbx_poly_seq_scheme.pdb_mon_id 
_pdbx_poly_seq_scheme.auth_mon_id 
_pdbx_poly_seq_scheme.pdb_strand_id 
_pdbx_poly_seq_scheme.pdb_ins_code 
_pdbx_poly_seq_scheme.hetero 
A 1 1   GLY 1   40  ?   ?   ?   A . n 
A 1 2   GLU 2   41  41  GLU GLU A . n 
A 1 3   LEU 3   42  42  LEU LEU A . n 
A 1 4   ARG 4   43  43  ARG ARG A . n 
A 1 5   VAL 5   44  44  VAL VAL A . n 
A 1 6   GLY 6   45  45  GLY GLY A . n 
A 1 7   LEU 7   46  46  LEU LEU A . n 
A 1 8   GLU 8   47  47  GLU GLU A . n 
A 1 9   GLU 9   48  48  GLU GLU A . n 
A 1 10  SER 10  49  49  SER SER A . n 
A 1 11  GLU 11  50  50  GLU GLU A . n 
A 1 12  LEU 12  51  51  LEU LEU A . n 
A 1 13  TRP 13  52  52  TRP TRP A . n 
A 1 14  LEU 14  53  53  LEU LEU A . n 
A 1 15  ARG 15  54  54  ARG ARG A . n 
A 1 16  PHE 16  55  55  PHE PHE A . n 
A 1 17  LYS 17  56  56  LYS LYS A . n 
A 1 18  GLU 18  57  57  GLU GLU A . n 
A 1 19  LEU 19  58  58  LEU LEU A . n 
A 1 20  THR 20  59  59  THR THR A . n 
A 1 21  ASN 21  60  60  ASN ASN A . n 
A 1 22  GLU 22  61  61  GLU GLU A . n 
A 1 23  MET 23  62  62  MET MET A . n 
A 1 24  ILE 24  63  63  ILE ILE A . n 
A 1 25  VAL 25  64  64  VAL VAL A . n 
A 1 26  THR 26  65  65  THR THR A . n 
A 1 27  LYS 27  66  66  LYS LYS A . n 
A 1 28  ASN 28  67  67  ASN ASN A . n 
A 1 29  GLY 29  68  68  GLY GLY A . n 
A 1 30  ARG 30  69  69  ARG ARG A . n 
A 1 31  ARG 31  70  70  ARG ARG A . n 
A 1 32  MET 32  71  71  MET MET A . n 
A 1 33  PHE 33  72  72  PHE PHE A . n 
A 1 34  PRO 34  73  73  PRO PRO A . n 
A 1 35  VAL 35  74  74  VAL VAL A . n 
A 1 36  LEU 36  75  75  LEU LEU A . n 
A 1 37  LYS 37  76  76  LYS LYS A . n 
A 1 38  VAL 38  77  77  VAL VAL A . n 
A 1 39  ASN 39  78  78  ASN ASN A . n 
A 1 40  VAL 40  79  79  VAL VAL A . n 
A 1 41  SER 41  80  80  SER SER A . n 
A 1 42  GLY 42  81  81  GLY GLY A . n 
A 1 43  LEU 43  82  82  LEU LEU A . n 
A 1 44  ASP 44  83  83  ASP ASP A . n 
A 1 45  PRO 45  84  84  PRO PRO A . n 
A 1 46  ASN 46  85  85  ASN ASN A . n 
A 1 47  ALA 47  86  86  ALA ALA A . n 
A 1 48  MET 48  87  87  MET MET A . n 
A 1 49  TYR 49  88  88  TYR TYR A . n 
A 1 50  SER 50  89  89  SER SER A . n 
A 1 51  PHE 51  90  90  PHE PHE A . n 
A 1 52  LEU 52  91  91  LEU LEU A . n 
A 1 53  LEU 53  92  92  LEU LEU A . n 
A 1 54  ASP 54  93  93  ASP ASP A . n 
A 1 55  PHE 55  94  94  PHE PHE A . n 
A 1 56  VAL 56  95  95  VAL VAL A . n 
A 1 57  ALA 57  96  96  ALA ALA A . n 
A 1 58  ALA 58  97  97  ALA ALA A . n 
A 1 59  ASP 59  98  98  ASP ASP A . n 
A 1 60  ASN 60  99  99  ASN ASN A . n 
A 1 61  HIS 61  100 100 HIS HIS A . n 
A 1 62  ARG 62  101 101 ARG ARG A . n 
A 1 63  TRP 63  102 102 TRP TRP A . n 
A 1 64  LYS 64  103 103 LYS LYS A . n 
A 1 65  TYR 65  104 104 TYR TYR A . n 
A 1 66  VAL 66  105 105 VAL VAL A . n 
A 1 67  ASN 67  106 106 ASN ASN A . n 
A 1 68  GLY 68  107 107 GLY GLY A . n 
A 1 69  GLU 69  108 108 GLU GLU A . n 
A 1 70  TRP 70  109 109 TRP TRP A . n 
A 1 71  VAL 71  110 110 VAL VAL A . n 
A 1 72  PRO 72  111 111 PRO PRO A . n 
A 1 73  GLY 73  112 112 GLY GLY A . n 
A 1 74  GLY 74  113 113 GLY GLY A . n 
A 1 75  LYS 75  114 114 LYS LYS A . n 
A 1 76  PRO 76  115 115 PRO PRO A . n 
A 1 77  GLU 77  116 116 GLU GLU A . n 
A 1 78  PRO 78  117 117 PRO PRO A . n 
A 1 79  GLN 79  118 118 GLN GLN A . n 
A 1 80  ALA 80  119 119 ALA ALA A . n 
A 1 81  PRO 81  120 120 PRO PRO A . n 
A 1 82  SER 82  121 121 SER SER A . n 
A 1 83  CYS 83  122 122 CYS CYS A . n 
A 1 84  VAL 84  123 123 VAL VAL A . n 
A 1 85  TYR 85  124 124 TYR TYR A . n 
A 1 86  ILE 86  125 125 ILE ILE A . n 
A 1 87  HIS 87  126 126 HIS HIS A . n 
A 1 88  PRO 88  127 127 PRO PRO A . n 
A 1 89  ASP 89  128 128 ASP ASP A . n 
A 1 90  SER 90  129 129 SER SER A . n 
A 1 91  PRO 91  130 130 PRO PRO A . n 
A 1 92  ASN 92  131 131 ASN ASN A . n 
A 1 93  PHE 93  132 132 PHE PHE A . n 
A 1 94  GLY 94  133 133 GLY GLY A . n 
A 1 95  ALA 95  134 134 ALA ALA A . n 
A 1 96  HIS 96  135 135 HIS HIS A . n 
A 1 97  TRP 97  136 136 TRP TRP A . n 
A 1 98  MET 98  137 137 MET MET A . n 
A 1 99  LYS 99  138 138 LYS LYS A . n 
A 1 100 ALA 100 139 139 ALA ALA A . n 
A 1 101 PRO 101 140 140 PRO PRO A . n 
A 1 102 VAL 102 141 141 VAL VAL A . n 
A 1 103 SER 103 142 142 SER SER A . n 
A 1 104 PHE 104 143 143 PHE PHE A . n 
A 1 105 SER 105 144 144 SER SER A . n 
A 1 106 LYS 106 145 145 LYS LYS A . n 
A 1 107 VAL 107 146 146 VAL VAL A . n 
A 1 108 LYS 108 147 147 LYS LYS A . n 
A 1 109 LEU 109 148 148 LEU LEU A . n 
A 1 110 THR 110 149 149 THR THR A . n 
A 1 111 ASN 111 150 150 ASN ASN A . n 
A 1 112 LYS 112 151 151 LYS LYS A . n 
A 1 113 LEU 113 152 152 LEU LEU A . n 
A 1 114 ASN 114 153 153 ASN ASN A . n 
A 1 115 GLY 115 154 154 GLY GLY A . n 
A 1 116 GLY 116 155 155 GLY GLY A . n 
A 1 117 GLY 117 156 156 GLY GLY A . n 
A 1 118 GLN 118 157 157 GLN GLN A . n 
A 1 119 ILE 119 158 158 ILE ILE A . n 
A 1 120 MET 120 159 159 MET MET A . n 
A 1 121 LEU 121 160 160 LEU LEU A . n 
A 1 122 ASN 122 161 161 ASN ASN A . n 
A 1 123 SER 123 162 162 SER SER A . n 
A 1 124 LEU 124 163 163 LEU LEU A . n 
A 1 125 HIS 125 164 164 HIS HIS A . n 
A 1 126 LYS 126 165 165 LYS LYS A . n 
A 1 127 TYR 127 166 166 TYR TYR A . n 
A 1 128 GLU 128 167 167 GLU GLU A . n 
A 1 129 PRO 129 168 168 PRO PRO A . n 
A 1 130 ARG 130 169 169 ARG ARG A . n 
A 1 131 ILE 131 170 170 ILE ILE A . n 
A 1 132 HIS 132 171 171 HIS HIS A . n 
A 1 133 ILE 133 172 172 ILE ILE A . n 
A 1 134 VAL 134 173 173 VAL VAL A . n 
A 1 135 ARG 135 174 174 ARG ARG A . n 
A 1 136 VAL 136 175 175 VAL VAL A . n 
A 1 137 GLY 137 176 176 GLY GLY A . n 
A 1 138 ASP 138 177 177 ASP ASP A . n 
A 1 139 PRO 139 178 178 PRO PRO A . n 
A 1 140 GLN 140 179 179 GLN GLN A . n 
A 1 141 ARG 141 180 180 ARG ARG A . n 
A 1 142 MET 142 181 181 MET MET A . n 
A 1 143 ILE 143 182 182 ILE ILE A . n 
A 1 144 THR 144 183 183 THR THR A . n 
A 1 145 SER 145 184 184 SER SER A . n 
A 1 146 HIS 146 185 185 HIS HIS A . n 
A 1 147 CYS 147 186 186 CYS CYS A . n 
A 1 148 PHE 148 187 187 PHE PHE A . n 
A 1 149 PRO 149 188 188 PRO PRO A . n 
A 1 150 GLU 150 189 189 GLU GLU A . n 
A 1 151 THR 151 190 190 THR THR A . n 
A 1 152 GLN 152 191 191 GLN GLN A . n 
A 1 153 PHE 153 192 192 PHE PHE A . n 
A 1 154 ILE 154 193 193 ILE ILE A . n 
A 1 155 ALA 155 194 194 ALA ALA A . n 
A 1 156 VAL 156 195 195 VAL VAL A . n 
A 1 157 THR 157 196 196 THR THR A . n 
A 1 158 ALA 158 197 197 ALA ALA A . n 
A 1 159 TYR 159 198 198 TYR TYR A . n 
A 1 160 GLN 160 199 199 GLN GLN A . n 
A 1 161 ASN 161 200 200 ASN ASN A . n 
A 1 162 GLU 162 201 201 GLU GLU A . n 
A 1 163 GLU 163 202 202 GLU GLU A . n 
A 1 164 ILE 164 203 203 ILE ILE A . n 
A 1 165 THR 165 204 204 THR THR A . n 
A 1 166 ALA 166 205 205 ALA ALA A . n 
A 1 167 LEU 167 206 206 LEU LEU A . n 
A 1 168 LYS 168 207 207 LYS LYS A . n 
A 1 169 ILE 169 208 208 ILE ILE A . n 
A 1 170 LYS 170 209 209 LYS LYS A . n 
A 1 171 TYR 171 210 210 TYR TYR A . n 
A 1 172 ASN 172 211 211 ASN ASN A . n 
# 
loop_
_pdbx_nonpoly_scheme.asym_id 
_pdbx_nonpoly_scheme.entity_id 
_pdbx_nonpoly_scheme.mon_id 
_pdbx_nonpoly_scheme.ndb_seq_num 
_pdbx_nonpoly_scheme.pdb_seq_num 
_pdbx_nonpoly_scheme.auth_seq_num 
_pdbx_nonpoly_scheme.pdb_mon_id 
_pdbx_nonpoly_scheme.auth_mon_id 
_pdbx_nonpoly_scheme.pdb_strand_id 
_pdbx_nonpoly_scheme.pdb_ins_code 
B 2 JHJ 1   301 301 JHJ LIG A . 
C 3 HOH 1   401 166 HOH HOH A . 
C 3 HOH 2   402 187 HOH HOH A . 
C 3 HOH 3   403 220 HOH HOH A . 
C 3 HOH 4   404 105 HOH HOH A . 
C 3 HOH 5   405 77  HOH HOH A . 
C 3 HOH 6   406 183 HOH HOH A . 
C 3 HOH 7   407 162 HOH HOH A . 
C 3 HOH 8   408 198 HOH HOH A . 
C 3 HOH 9   409 228 HOH HOH A . 
C 3 HOH 10  410 16  HOH HOH A . 
C 3 HOH 11  411 171 HOH HOH A . 
C 3 HOH 12  412 30  HOH HOH A . 
C 3 HOH 13  413 149 HOH HOH A . 
C 3 HOH 14  414 27  HOH HOH A . 
C 3 HOH 15  415 157 HOH HOH A . 
C 3 HOH 16  416 123 HOH HOH A . 
C 3 HOH 17  417 97  HOH HOH A . 
C 3 HOH 18  418 106 HOH HOH A . 
C 3 HOH 19  419 92  HOH HOH A . 
C 3 HOH 20  420 45  HOH HOH A . 
C 3 HOH 21  421 41  HOH HOH A . 
C 3 HOH 22  422 90  HOH HOH A . 
C 3 HOH 23  423 12  HOH HOH A . 
C 3 HOH 24  424 76  HOH HOH A . 
C 3 HOH 25  425 133 HOH HOH A . 
C 3 HOH 26  426 94  HOH HOH A . 
C 3 HOH 27  427 78  HOH HOH A . 
C 3 HOH 28  428 118 HOH HOH A . 
C 3 HOH 29  429 159 HOH HOH A . 
C 3 HOH 30  430 104 HOH HOH A . 
C 3 HOH 31  431 113 HOH HOH A . 
C 3 HOH 32  432 37  HOH HOH A . 
C 3 HOH 33  433 23  HOH HOH A . 
C 3 HOH 34  434 174 HOH HOH A . 
C 3 HOH 35  435 31  HOH HOH A . 
C 3 HOH 36  436 9   HOH HOH A . 
C 3 HOH 37  437 136 HOH HOH A . 
C 3 HOH 38  438 167 HOH HOH A . 
C 3 HOH 39  439 46  HOH HOH A . 
C 3 HOH 40  440 14  HOH HOH A . 
C 3 HOH 41  441 36  HOH HOH A . 
C 3 HOH 42  442 152 HOH HOH A . 
C 3 HOH 43  443 233 HOH HOH A . 
C 3 HOH 44  444 225 HOH HOH A . 
C 3 HOH 45  445 107 HOH HOH A . 
C 3 HOH 46  446 62  HOH HOH A . 
C 3 HOH 47  447 42  HOH HOH A . 
C 3 HOH 48  448 32  HOH HOH A . 
C 3 HOH 49  449 202 HOH HOH A . 
C 3 HOH 50  450 3   HOH HOH A . 
C 3 HOH 51  451 47  HOH HOH A . 
C 3 HOH 52  452 188 HOH HOH A . 
C 3 HOH 53  453 57  HOH HOH A . 
C 3 HOH 54  454 17  HOH HOH A . 
C 3 HOH 55  455 189 HOH HOH A . 
C 3 HOH 56  456 212 HOH HOH A . 
C 3 HOH 57  457 232 HOH HOH A . 
C 3 HOH 58  458 207 HOH HOH A . 
C 3 HOH 59  459 22  HOH HOH A . 
C 3 HOH 60  460 25  HOH HOH A . 
C 3 HOH 61  461 44  HOH HOH A . 
C 3 HOH 62  462 8   HOH HOH A . 
C 3 HOH 63  463 96  HOH HOH A . 
C 3 HOH 64  464 5   HOH HOH A . 
C 3 HOH 65  465 26  HOH HOH A . 
C 3 HOH 66  466 191 HOH HOH A . 
C 3 HOH 67  467 69  HOH HOH A . 
C 3 HOH 68  468 195 HOH HOH A . 
C 3 HOH 69  469 48  HOH HOH A . 
C 3 HOH 70  470 190 HOH HOH A . 
C 3 HOH 71  471 70  HOH HOH A . 
C 3 HOH 72  472 35  HOH HOH A . 
C 3 HOH 73  473 28  HOH HOH A . 
C 3 HOH 74  474 109 HOH HOH A . 
C 3 HOH 75  475 151 HOH HOH A . 
C 3 HOH 76  476 150 HOH HOH A . 
C 3 HOH 77  477 4   HOH HOH A . 
C 3 HOH 78  478 89  HOH HOH A . 
C 3 HOH 79  479 101 HOH HOH A . 
C 3 HOH 80  480 50  HOH HOH A . 
C 3 HOH 81  481 6   HOH HOH A . 
C 3 HOH 82  482 88  HOH HOH A . 
C 3 HOH 83  483 194 HOH HOH A . 
C 3 HOH 84  484 154 HOH HOH A . 
C 3 HOH 85  485 124 HOH HOH A . 
C 3 HOH 86  486 67  HOH HOH A . 
C 3 HOH 87  487 58  HOH HOH A . 
C 3 HOH 88  488 93  HOH HOH A . 
C 3 HOH 89  489 1   HOH HOH A . 
C 3 HOH 90  490 51  HOH HOH A . 
C 3 HOH 91  491 170 HOH HOH A . 
C 3 HOH 92  492 141 HOH HOH A . 
C 3 HOH 93  493 160 HOH HOH A . 
C 3 HOH 94  494 111 HOH HOH A . 
C 3 HOH 95  495 60  HOH HOH A . 
C 3 HOH 96  496 40  HOH HOH A . 
C 3 HOH 97  497 59  HOH HOH A . 
C 3 HOH 98  498 224 HOH HOH A . 
C 3 HOH 99  499 227 HOH HOH A . 
C 3 HOH 100 500 204 HOH HOH A . 
C 3 HOH 101 501 39  HOH HOH A . 
C 3 HOH 102 502 95  HOH HOH A . 
C 3 HOH 103 503 15  HOH HOH A . 
C 3 HOH 104 504 234 HOH HOH A . 
C 3 HOH 105 505 68  HOH HOH A . 
C 3 HOH 106 506 169 HOH HOH A . 
C 3 HOH 107 507 72  HOH HOH A . 
C 3 HOH 108 508 33  HOH HOH A . 
C 3 HOH 109 509 38  HOH HOH A . 
C 3 HOH 110 510 176 HOH HOH A . 
C 3 HOH 111 511 87  HOH HOH A . 
C 3 HOH 112 512 80  HOH HOH A . 
C 3 HOH 113 513 81  HOH HOH A . 
C 3 HOH 114 514 53  HOH HOH A . 
C 3 HOH 115 515 164 HOH HOH A . 
C 3 HOH 116 516 54  HOH HOH A . 
C 3 HOH 117 517 175 HOH HOH A . 
C 3 HOH 118 518 43  HOH HOH A . 
C 3 HOH 119 519 180 HOH HOH A . 
C 3 HOH 120 520 186 HOH HOH A . 
C 3 HOH 121 521 226 HOH HOH A . 
C 3 HOH 122 522 199 HOH HOH A . 
C 3 HOH 123 523 13  HOH HOH A . 
C 3 HOH 124 524 108 HOH HOH A . 
C 3 HOH 125 525 158 HOH HOH A . 
C 3 HOH 126 526 66  HOH HOH A . 
C 3 HOH 127 527 168 HOH HOH A . 
C 3 HOH 128 528 114 HOH HOH A . 
C 3 HOH 129 529 103 HOH HOH A . 
C 3 HOH 130 530 24  HOH HOH A . 
C 3 HOH 131 531 61  HOH HOH A . 
C 3 HOH 132 532 135 HOH HOH A . 
C 3 HOH 133 533 182 HOH HOH A . 
C 3 HOH 134 534 209 HOH HOH A . 
C 3 HOH 135 535 20  HOH HOH A . 
C 3 HOH 136 536 231 HOH HOH A . 
C 3 HOH 137 537 181 HOH HOH A . 
C 3 HOH 138 538 125 HOH HOH A . 
C 3 HOH 139 539 122 HOH HOH A . 
C 3 HOH 140 540 11  HOH HOH A . 
C 3 HOH 141 541 100 HOH HOH A . 
C 3 HOH 142 542 64  HOH HOH A . 
C 3 HOH 143 543 223 HOH HOH A . 
C 3 HOH 144 544 138 HOH HOH A . 
C 3 HOH 145 545 99  HOH HOH A . 
C 3 HOH 146 546 185 HOH HOH A . 
C 3 HOH 147 547 163 HOH HOH A . 
C 3 HOH 148 548 165 HOH HOH A . 
C 3 HOH 149 549 82  HOH HOH A . 
C 3 HOH 150 550 196 HOH HOH A . 
C 3 HOH 151 551 2   HOH HOH A . 
C 3 HOH 152 552 83  HOH HOH A . 
C 3 HOH 153 553 161 HOH HOH A . 
C 3 HOH 154 554 117 HOH HOH A . 
C 3 HOH 155 555 86  HOH HOH A . 
C 3 HOH 156 556 74  HOH HOH A . 
C 3 HOH 157 557 184 HOH HOH A . 
C 3 HOH 158 558 208 HOH HOH A . 
C 3 HOH 159 559 7   HOH HOH A . 
C 3 HOH 160 560 127 HOH HOH A . 
C 3 HOH 161 561 56  HOH HOH A . 
C 3 HOH 162 562 85  HOH HOH A . 
C 3 HOH 163 563 229 HOH HOH A . 
C 3 HOH 164 564 178 HOH HOH A . 
C 3 HOH 165 565 29  HOH HOH A . 
C 3 HOH 166 566 213 HOH HOH A . 
C 3 HOH 167 567 179 HOH HOH A . 
C 3 HOH 168 568 144 HOH HOH A . 
C 3 HOH 169 569 119 HOH HOH A . 
C 3 HOH 170 570 121 HOH HOH A . 
C 3 HOH 171 571 52  HOH HOH A . 
C 3 HOH 172 572 201 HOH HOH A . 
C 3 HOH 173 573 214 HOH HOH A . 
C 3 HOH 174 574 84  HOH HOH A . 
C 3 HOH 175 575 221 HOH HOH A . 
C 3 HOH 176 576 218 HOH HOH A . 
C 3 HOH 177 577 143 HOH HOH A . 
C 3 HOH 178 578 216 HOH HOH A . 
C 3 HOH 179 579 19  HOH HOH A . 
C 3 HOH 180 580 193 HOH HOH A . 
C 3 HOH 181 581 139 HOH HOH A . 
C 3 HOH 182 582 215 HOH HOH A . 
C 3 HOH 183 583 98  HOH HOH A . 
C 3 HOH 184 584 131 HOH HOH A . 
C 3 HOH 185 585 173 HOH HOH A . 
C 3 HOH 186 586 21  HOH HOH A . 
C 3 HOH 187 587 200 HOH HOH A . 
C 3 HOH 188 588 205 HOH HOH A . 
C 3 HOH 189 589 197 HOH HOH A . 
C 3 HOH 190 590 116 HOH HOH A . 
C 3 HOH 191 591 102 HOH HOH A . 
C 3 HOH 192 592 222 HOH HOH A . 
C 3 HOH 193 593 206 HOH HOH A . 
C 3 HOH 194 594 156 HOH HOH A . 
C 3 HOH 195 595 129 HOH HOH A . 
C 3 HOH 196 596 219 HOH HOH A . 
C 3 HOH 197 597 49  HOH HOH A . 
C 3 HOH 198 598 132 HOH HOH A . 
C 3 HOH 199 599 120 HOH HOH A . 
C 3 HOH 200 600 210 HOH HOH A . 
C 3 HOH 201 601 55  HOH HOH A . 
C 3 HOH 202 602 126 HOH HOH A . 
C 3 HOH 203 603 65  HOH HOH A . 
C 3 HOH 204 604 142 HOH HOH A . 
C 3 HOH 205 605 172 HOH HOH A . 
C 3 HOH 206 606 155 HOH HOH A . 
C 3 HOH 207 607 79  HOH HOH A . 
C 3 HOH 208 608 71  HOH HOH A . 
C 3 HOH 209 609 75  HOH HOH A . 
C 3 HOH 210 610 130 HOH HOH A . 
C 3 HOH 211 611 112 HOH HOH A . 
C 3 HOH 212 612 230 HOH HOH A . 
C 3 HOH 213 613 110 HOH HOH A . 
C 3 HOH 214 614 91  HOH HOH A . 
C 3 HOH 215 615 217 HOH HOH A . 
C 3 HOH 216 616 140 HOH HOH A . 
C 3 HOH 217 617 73  HOH HOH A . 
C 3 HOH 218 618 137 HOH HOH A . 
C 3 HOH 219 619 153 HOH HOH A . 
C 3 HOH 220 620 128 HOH HOH A . 
C 3 HOH 221 621 134 HOH HOH A . 
C 3 HOH 222 622 63  HOH HOH A . 
C 3 HOH 223 623 148 HOH HOH A . 
C 3 HOH 224 624 147 HOH HOH A . 
C 3 HOH 225 625 211 HOH HOH A . 
C 3 HOH 226 626 203 HOH HOH A . 
C 3 HOH 227 627 115 HOH HOH A . 
C 3 HOH 228 628 145 HOH HOH A . 
C 3 HOH 229 629 146 HOH HOH A . 
# 
loop_
_software.pdbx_ordinal 
_software.name 
_software.version 
_software.date 
_software.type 
_software.contact_author 
_software.contact_author_email 
_software.classification 
_software.location 
_software.language 
_software.citation_id 
1 REFMAC      5.8.0238 ?               program 'Garib N. Murshudov' garib@ysbl.york.ac.uk    refinement        
http://www.ccp4.ac.uk/dist/html/refmac5.html        Fortran_77 ? 
2 Aimless     0.7.3    15/08/18        program 'Phil Evans'         ?                        'data scaling'    
http://www.mrc-lmb.cam.ac.uk/harry/pre/aimless.html ?          ? 
3 PDB_EXTRACT 3.23     'SEP. 23, 2016' package PDB                  deposit@deposit.rcsb.org 'data extraction' 
http://sw-tools.pdb.org/apps/PDB_EXTRACT/           C++        ? 
4 XDS         .        ?               program ?                    ?                        'data reduction'  ? ?          ? 
5 REFMAC      .        ?               program ?                    ?                        phasing           ? ?          ? 
# 
_cell.entry_id           5QT0 
_cell.length_a           99.930 
_cell.length_b           99.930 
_cell.length_c           98.020 
_cell.angle_alpha        90.000 
_cell.angle_beta         90.000 
_cell.angle_gamma        120.000 
_cell.Z_PDB              18 
_cell.pdbx_unique_axis   ? 
# 
_symmetry.entry_id                         5QT0 
_symmetry.Int_Tables_number                155 
_symmetry.space_group_name_H-M             'H 3 2' 
_symmetry.pdbx_full_space_group_name_H-M   ? 
_symmetry.cell_setting                     ? 
# 
_exptl.crystals_number   1 
_exptl.entry_id          5QT0 
_exptl.method            'X-RAY DIFFRACTION' 
# 
_exptl_crystal.id                    1 
_exptl_crystal.pdbx_mosaicity        0.000 
_exptl_crystal.pdbx_mosaicity_esd    ? 
_exptl_crystal.density_Matthews      2.40 
_exptl_crystal.density_diffrn        ? 
_exptl_crystal.density_meas          ? 
_exptl_crystal.density_meas_temp     ? 
_exptl_crystal.density_percent_sol   48.66 
_exptl_crystal.size_max              ? 
_exptl_crystal.size_mid              ? 
_exptl_crystal.size_min              ? 
_exptl_crystal.size_rad              ? 
_exptl_crystal.description           ? 
_exptl_crystal.preparation           ? 
# 
_exptl_crystal_grow.crystal_id      1 
_exptl_crystal_grow.method          'VAPOR DIFFUSION, SITTING DROP' 
_exptl_crystal_grow.pH              7 
_exptl_crystal_grow.temp            298 
_exptl_crystal_grow.pdbx_details    '0.1 M SPG pH 7.0, 30 % PEG 1000' 
_exptl_crystal_grow.temp_details    ? 
_exptl_crystal_grow.pdbx_pH_range   ? 
# 
_diffrn.id                               1 
_diffrn.ambient_temp                     100 
_diffrn.crystal_id                       1 
_diffrn.ambient_temp_details             ? 
_diffrn.pdbx_serial_crystal_experiment   ? 
# 
_diffrn_detector.detector               PIXEL 
_diffrn_detector.type                   'DECTRIS PILATUS 6M' 
_diffrn_detector.pdbx_collection_date   2018-12-09 
_diffrn_detector.diffrn_id              1 
_diffrn_detector.details                ? 
# 
_diffrn_radiation.diffrn_id                        1 
_diffrn_radiation.wavelength_id                    1 
_diffrn_radiation.pdbx_diffrn_protocol             'SINGLE WAVELENGTH' 
_diffrn_radiation.pdbx_monochromatic_or_laue_m_l   M 
_diffrn_radiation.monochromator                    ? 
_diffrn_radiation.pdbx_scattering_type             x-ray 
# 
_diffrn_radiation_wavelength.id           1 
_diffrn_radiation_wavelength.wavelength   0.91587 
_diffrn_radiation_wavelength.wt           1.0 
# 
_diffrn_source.diffrn_id                   1 
_diffrn_source.source                      SYNCHROTRON 
_diffrn_source.type                        'DIAMOND BEAMLINE I04-1' 
_diffrn_source.pdbx_wavelength_list        0.91587 
_diffrn_source.pdbx_synchrotron_site       Diamond 
_diffrn_source.pdbx_synchrotron_beamline   I04-1 
_diffrn_source.pdbx_wavelength             ? 
# 
_reflns.entry_id                     5QT0 
_reflns.pdbx_diffrn_id               1 
_reflns.pdbx_ordinal                 1 
_reflns.observed_criterion_sigma_I   ? 
_reflns.observed_criterion_sigma_F   ? 
_reflns.d_resolution_low             42.540 
_reflns.d_resolution_high            2.020 
_reflns.number_obs                   12422 
_reflns.number_all                   ? 
_reflns.percent_possible_obs         100.000 
_reflns.pdbx_Rmerge_I_obs            0.135 
_reflns.pdbx_Rsym_value              ? 
_reflns.pdbx_netI_over_sigmaI        9.500 
_reflns.B_iso_Wilson_estimate        ? 
_reflns.pdbx_redundancy              9.400 
_reflns.pdbx_Rrim_I_all              0.143 
_reflns.pdbx_Rpim_I_all              0.047 
_reflns.pdbx_CC_half                 0.991 
_reflns.pdbx_netI_over_av_sigmaI     ? 
_reflns.pdbx_number_measured_all     117350 
_reflns.pdbx_scaling_rejects         1378 
_reflns.pdbx_chi_squared             ? 
_reflns.Rmerge_F_all                 ? 
_reflns.Rmerge_F_obs                 ? 
_reflns.observed_criterion_F_max     ? 
_reflns.observed_criterion_F_min     ? 
_reflns.observed_criterion_I_max     ? 
_reflns.observed_criterion_I_min     ? 
_reflns.pdbx_d_res_high_opt          ? 
_reflns.pdbx_d_res_low_opt           ? 
_reflns.details                      ? 
# 
loop_
_reflns_shell.pdbx_diffrn_id 
_reflns_shell.pdbx_ordinal 
_reflns_shell.d_res_high 
_reflns_shell.d_res_low 
_reflns_shell.number_measured_obs 
_reflns_shell.number_measured_all 
_reflns_shell.number_unique_obs 
_reflns_shell.pdbx_rejects 
_reflns_shell.Rmerge_I_obs 
_reflns_shell.meanI_over_sigI_obs 
_reflns_shell.pdbx_Rsym_value 
_reflns_shell.pdbx_chi_squared 
_reflns_shell.pdbx_redundancy 
_reflns_shell.percent_possible_obs 
_reflns_shell.pdbx_netI_over_sigmaI_obs 
_reflns_shell.number_possible 
_reflns_shell.number_unique_all 
_reflns_shell.Rmerge_F_all 
_reflns_shell.Rmerge_F_obs 
_reflns_shell.Rmerge_I_all 
_reflns_shell.meanI_over_sigI_all 
_reflns_shell.percent_possible_all 
_reflns_shell.pdbx_Rrim_I_all 
_reflns_shell.pdbx_Rpim_I_all 
_reflns_shell.pdbx_CC_half 
1 1 2.020 2.070  ? 8287 ? ? 1.348 ? ? ? 9.100 ? 2.200  ? 908 ? ? ? ? 100.000 1.439 0.496 0.755 
1 2 9.030 42.540 ? 1512 ? ? 0.075 ? ? ? 9.300 ? 29.500 ? 162 ? ? ? ? 99.100  0.080 0.027 0.981 
# 
_refine.entry_id                                 5QT0 
_refine.pdbx_refine_id                           'X-RAY DIFFRACTION' 
_refine.ls_d_res_high                            2.1000 
_refine.ls_d_res_low                             49.9700 
_refine.pdbx_ls_sigma_F                          0.000 
_refine.pdbx_data_cutoff_high_absF               ? 
_refine.pdbx_data_cutoff_low_absF                ? 
_refine.ls_percent_reflns_obs                    98.6900 
_refine.ls_number_reflns_obs                     10506 
_refine.ls_number_reflns_all                     ? 
_refine.pdbx_ls_cross_valid_method               THROUGHOUT 
_refine.ls_matrix_type                           ? 
_refine.pdbx_R_Free_selection_details            RANDOM 
_refine.details                                  
'HYDROGENS HAVE BEEN ADDED IN THE RIDING POSITIONS U VALUES      : REFINED INDIVIDUALLY' 
_refine.ls_R_factor_all                          ? 
_refine.ls_R_factor_obs                          0.1891 
_refine.ls_R_factor_R_work                       0.1858 
_refine.ls_wR_factor_R_work                      ? 
_refine.ls_R_factor_R_free                       0.2568 
_refine.ls_wR_factor_R_free                      ? 
_refine.ls_percent_reflns_R_free                 4.7000 
_refine.ls_number_reflns_R_free                  521 
_refine.ls_number_reflns_R_work                  ? 
_refine.ls_R_factor_R_free_error                 ? 
_refine.B_iso_mean                               46.2290 
_refine.solvent_model_param_bsol                 ? 
_refine.solvent_model_param_ksol                 ? 
_refine.pdbx_isotropic_thermal_model             ? 
_refine.aniso_B[1][1]                            -0.7500 
_refine.aniso_B[2][2]                            -0.7500 
_refine.aniso_B[3][3]                            2.4200 
_refine.aniso_B[1][2]                            -0.3700 
_refine.aniso_B[1][3]                            -0.0000 
_refine.aniso_B[2][3]                            -0.0000 
_refine.correlation_coeff_Fo_to_Fc               0.9640 
_refine.correlation_coeff_Fo_to_Fc_free          0.9350 
_refine.overall_SU_R_Cruickshank_DPI             ? 
_refine.pdbx_overall_SU_R_free_Cruickshank_DPI   ? 
_refine.pdbx_overall_SU_R_Blow_DPI               ? 
_refine.pdbx_overall_SU_R_free_Blow_DPI          ? 
_refine.overall_SU_R_free                        ? 
_refine.pdbx_overall_ESU_R                       0.2980 
_refine.pdbx_overall_ESU_R_Free                  0.2290 
_refine.overall_SU_ML                            0.1950 
_refine.overall_SU_B                             7.9710 
_refine.solvent_model_details                    MASK 
_refine.pdbx_solvent_vdw_probe_radii             1.2000 
_refine.pdbx_solvent_ion_probe_radii             0.8000 
_refine.pdbx_solvent_shrinkage_radii             0.8000 
_refine.ls_number_parameters                     ? 
_refine.ls_number_restraints                     ? 
_refine.pdbx_starting_model                      6f58 
_refine.pdbx_method_to_determine_struct          'FOURIER SYNTHESIS' 
_refine.pdbx_stereochemistry_target_values       'MAXIMUM LIKELIHOOD' 
_refine.pdbx_stereochem_target_val_spec_case     ? 
_refine.overall_FOM_work_R_set                   ? 
_refine.B_iso_max                                179.260 
_refine.B_iso_min                                28.520 
_refine.pdbx_overall_phase_error                 ? 
_refine.occupancy_max                            ? 
_refine.occupancy_min                            ? 
_refine.pdbx_diffrn_id                           1 
_refine.pdbx_TLS_residual_ADP_flag               ? 
_refine.pdbx_ls_sigma_I                          ? 
_refine.pdbx_data_cutoff_high_rms_absF           ? 
_refine.ls_R_factor_R_free_error_details         ? 
# 
_refine_hist.cycle_id                         final 
_refine_hist.pdbx_refine_id                   'X-RAY DIFFRACTION' 
_refine_hist.d_res_high                       2.1000 
_refine_hist.d_res_low                        49.9700 
_refine_hist.pdbx_number_atoms_ligand         18 
_refine_hist.number_atoms_solvent             229 
_refine_hist.number_atoms_total               1627 
_refine_hist.pdbx_number_residues_total       171 
_refine_hist.pdbx_B_iso_mean_ligand           96.06 
_refine_hist.pdbx_B_iso_mean_solvent          61.44 
_refine_hist.pdbx_number_atoms_protein        1380 
_refine_hist.pdbx_number_atoms_nucleic_acid   0 
# 
loop_
_refine_ls_restr.pdbx_refine_id 
_refine_ls_restr.type 
_refine_ls_restr.number 
_refine_ls_restr.dev_ideal 
_refine_ls_restr.dev_ideal_target 
_refine_ls_restr.weight 
_refine_ls_restr.pdbx_restraint_function 
'X-RAY DIFFRACTION' r_bond_refined_d       1762 0.015  0.014  ? ? 
'X-RAY DIFFRACTION' r_bond_other_d         1494 0.002  0.017  ? ? 
'X-RAY DIFFRACTION' r_angle_refined_deg    2219 1.586  1.672  ? ? 
'X-RAY DIFFRACTION' r_angle_other_deg      3482 1.250  1.594  ? ? 
'X-RAY DIFFRACTION' r_dihedral_angle_1_deg 200  6.718  5.000  ? ? 
'X-RAY DIFFRACTION' r_dihedral_angle_2_deg 77   30.733 22.338 ? ? 
'X-RAY DIFFRACTION' r_dihedral_angle_3_deg 282  15.124 15.000 ? ? 
'X-RAY DIFFRACTION' r_dihedral_angle_4_deg 8    18.899 15.000 ? ? 
'X-RAY DIFFRACTION' r_chiral_restr         203  0.068  0.200  ? ? 
'X-RAY DIFFRACTION' r_gen_planes_refined   1998 0.009  0.020  ? ? 
'X-RAY DIFFRACTION' r_gen_planes_other     354  0.002  0.020  ? ? 
'X-RAY DIFFRACTION' r_mcbond_it            842  3.360  4.483  ? ? 
'X-RAY DIFFRACTION' r_mcbond_other         838  3.368  4.482  ? ? 
'X-RAY DIFFRACTION' r_mcangle_it           984  4.982  6.718  ? ? 
# 
_refine_ls_shell.d_res_high                       2.1000 
_refine_ls_shell.d_res_low                        2.1550 
_refine_ls_shell.pdbx_total_number_of_bins_used   20 
_refine_ls_shell.percent_reflns_obs               99.8800 
_refine_ls_shell.number_reflns_R_work             760 
_refine_ls_shell.R_factor_all                     ? 
_refine_ls_shell.R_factor_R_work                  0.2260 
_refine_ls_shell.R_factor_R_free                  0.3360 
_refine_ls_shell.percent_reflns_R_free            ? 
_refine_ls_shell.number_reflns_R_free             46 
_refine_ls_shell.R_factor_R_free_error            ? 
_refine_ls_shell.number_reflns_all                806 
_refine_ls_shell.number_reflns_obs                ? 
_refine_ls_shell.pdbx_refine_id                   'X-RAY DIFFRACTION' 
# 
_struct.entry_id                  5QT0 
_struct.title                     
'PanDDA analysis group deposition -- Crystal Structure of human Brachyury G177D variant in complex with Z321318226' 
_struct.pdbx_model_details        ? 
_struct.pdbx_CASP_flag            ? 
_struct.pdbx_model_type_details   ? 
# 
_struct_keywords.entry_id        5QT0 
_struct_keywords.text            'SGC - Diamond I04-1 fragment screening, PanDDA, XChemExplorer, TRANSCRIPTION' 
_struct_keywords.pdbx_keywords   TRANSCRIPTION 
# 
loop_
_struct_asym.id 
_struct_asym.pdbx_blank_PDB_chainid_flag 
_struct_asym.pdbx_modified 
_struct_asym.entity_id 
_struct_asym.details 
A N N 1 ? 
B N N 2 ? 
C N N 3 ? 
# 
_struct_ref.id                         1 
_struct_ref.db_name                    UNP 
_struct_ref.db_code                    TBXT_HUMAN 
_struct_ref.pdbx_db_accession          O15178 
_struct_ref.pdbx_db_isoform            ? 
_struct_ref.entity_id                  1 
_struct_ref.pdbx_seq_one_letter_code   
;ELRVGLEESELWLRFKELTNEMIVTKNGRRMFPVLKVNVSGLDPNAMYSFLLDFVAADNHRWKYVNGEWVPGGKPEPQAP
SCVYIHPDSPNFGAHWMKAPVSFSKVKLTNKLNGGGQIMLNSLHKYEPRIHIVRVGGPQRMITSHCFPETQFIAVTAYQN
EEITALKIKYN
;
_struct_ref.pdbx_align_begin           41 
# 
_struct_ref_seq.align_id                      1 
_struct_ref_seq.ref_id                        1 
_struct_ref_seq.pdbx_PDB_id_code              5QT0 
_struct_ref_seq.pdbx_strand_id                A 
_struct_ref_seq.seq_align_beg                 2 
_struct_ref_seq.pdbx_seq_align_beg_ins_code   ? 
_struct_ref_seq.seq_align_end                 172 
_struct_ref_seq.pdbx_seq_align_end_ins_code   ? 
_struct_ref_seq.pdbx_db_accession             O15178 
_struct_ref_seq.db_align_beg                  41 
_struct_ref_seq.pdbx_db_align_beg_ins_code    ? 
_struct_ref_seq.db_align_end                  211 
_struct_ref_seq.pdbx_db_align_end_ins_code    ? 
_struct_ref_seq.pdbx_auth_seq_align_beg       41 
_struct_ref_seq.pdbx_auth_seq_align_end       211 
# 
loop_
_struct_ref_seq_dif.align_id 
_struct_ref_seq_dif.pdbx_pdb_id_code 
_struct_ref_seq_dif.mon_id 
_struct_ref_seq_dif.pdbx_pdb_strand_id 
_struct_ref_seq_dif.seq_num 
_struct_ref_seq_dif.pdbx_pdb_ins_code 
_struct_ref_seq_dif.pdbx_seq_db_name 
_struct_ref_seq_dif.pdbx_seq_db_accession_code 
_struct_ref_seq_dif.db_mon_id 
_struct_ref_seq_dif.pdbx_seq_db_seq_num 
_struct_ref_seq_dif.details 
_struct_ref_seq_dif.pdbx_auth_seq_num 
_struct_ref_seq_dif.pdbx_ordinal 
1 5QT0 GLY A 1   ? UNP O15178 ?   ?   'expression tag'      40  1 
1 5QT0 ASP A 138 ? UNP O15178 GLY 177 'engineered mutation' 177 2 
# 
_pdbx_struct_assembly.id                   1 
_pdbx_struct_assembly.details              author_defined_assembly 
_pdbx_struct_assembly.method_details       ? 
_pdbx_struct_assembly.oligomeric_details   monomeric 
_pdbx_struct_assembly.oligomeric_count     1 
# 
_pdbx_struct_assembly_gen.assembly_id       1 
_pdbx_struct_assembly_gen.oper_expression   1 
_pdbx_struct_assembly_gen.asym_id_list      A,B,C 
# 
_pdbx_struct_oper_list.id                   1 
_pdbx_struct_oper_list.type                 'identity operation' 
_pdbx_struct_oper_list.name                 1_555 
_pdbx_struct_oper_list.symmetry_operation   x,y,z 
_pdbx_struct_oper_list.matrix[1][1]         1.0000000000 
_pdbx_struct_oper_list.matrix[1][2]         0.0000000000 
_pdbx_struct_oper_list.matrix[1][3]         0.0000000000 
_pdbx_struct_oper_list.vector[1]            0.0000000000 
_pdbx_struct_oper_list.matrix[2][1]         0.0000000000 
_pdbx_struct_oper_list.matrix[2][2]         1.0000000000 
_pdbx_struct_oper_list.matrix[2][3]         0.0000000000 
_pdbx_struct_oper_list.vector[2]            0.0000000000 
_pdbx_struct_oper_list.matrix[3][1]         0.0000000000 
_pdbx_struct_oper_list.matrix[3][2]         0.0000000000 
_pdbx_struct_oper_list.matrix[3][3]         1.0000000000 
_pdbx_struct_oper_list.vector[3]            0.0000000000 
# 
loop_
_struct_conf.conf_type_id 
_struct_conf.id 
_struct_conf.pdbx_PDB_helix_id 
_struct_conf.beg_label_comp_id 
_struct_conf.beg_label_asym_id 
_struct_conf.beg_label_seq_id 
_struct_conf.pdbx_beg_PDB_ins_code 
_struct_conf.end_label_comp_id 
_struct_conf.end_label_asym_id 
_struct_conf.end_label_seq_id 
_struct_conf.pdbx_end_PDB_ins_code 
_struct_conf.beg_auth_comp_id 
_struct_conf.beg_auth_asym_id 
_struct_conf.beg_auth_seq_id 
_struct_conf.end_auth_comp_id 
_struct_conf.end_auth_asym_id 
_struct_conf.end_auth_seq_id 
_struct_conf.pdbx_PDB_helix_class 
_struct_conf.details 
_struct_conf.pdbx_PDB_helix_length 
HELX_P HELX_P1 AA1 GLU A 9   ? GLU A 18  ? GLU A 48  GLU A 57  1 ? 10 
HELX_P HELX_P2 AA2 GLY A 94  ? ALA A 100 ? GLY A 133 ALA A 139 1 ? 7  
HELX_P HELX_P3 AA3 PRO A 149 ? GLN A 152 ? PRO A 188 GLN A 191 5 ? 4  
HELX_P HELX_P4 AA4 ASN A 161 ? ASN A 172 ? ASN A 200 ASN A 211 1 ? 12 
# 
_struct_conf_type.id          HELX_P 
_struct_conf_type.criteria    ? 
_struct_conf_type.reference   ? 
# 
loop_
_struct_mon_prot_cis.pdbx_id 
_struct_mon_prot_cis.label_comp_id 
_struct_mon_prot_cis.label_seq_id 
_struct_mon_prot_cis.label_asym_id 
_struct_mon_prot_cis.label_alt_id 
_struct_mon_prot_cis.pdbx_PDB_ins_code 
_struct_mon_prot_cis.auth_comp_id 
_struct_mon_prot_cis.auth_seq_id 
_struct_mon_prot_cis.auth_asym_id 
_struct_mon_prot_cis.pdbx_label_comp_id_2 
_struct_mon_prot_cis.pdbx_label_seq_id_2 
_struct_mon_prot_cis.pdbx_label_asym_id_2 
_struct_mon_prot_cis.pdbx_PDB_ins_code_2 
_struct_mon_prot_cis.pdbx_auth_comp_id_2 
_struct_mon_prot_cis.pdbx_auth_seq_id_2 
_struct_mon_prot_cis.pdbx_auth_asym_id_2 
_struct_mon_prot_cis.pdbx_PDB_model_num 
_struct_mon_prot_cis.pdbx_omega_angle 
1 PHE 33 A . ? PHE 72  A PRO 34 A ? PRO 73  A 1 -1.28  
2 SER 90 A . ? SER 129 A PRO 91 A ? PRO 130 A 1 -11.14 
# 
loop_
_struct_sheet.id 
_struct_sheet.type 
_struct_sheet.number_strands 
_struct_sheet.details 
AA1 ? 3 ? 
AA2 ? 5 ? 
AA3 ? 4 ? 
AA4 ? 3 ? 
AA5 ? 2 ? 
# 
loop_
_struct_sheet_order.sheet_id 
_struct_sheet_order.range_id_1 
_struct_sheet_order.range_id_2 
_struct_sheet_order.offset 
_struct_sheet_order.sense 
AA1 1 2 ? anti-parallel 
AA1 2 3 ? anti-parallel 
AA2 1 2 ? parallel      
AA2 2 3 ? anti-parallel 
AA2 3 4 ? anti-parallel 
AA2 4 5 ? anti-parallel 
AA3 1 2 ? anti-parallel 
AA3 2 3 ? anti-parallel 
AA3 3 4 ? anti-parallel 
AA4 1 2 ? anti-parallel 
AA4 2 3 ? parallel      
AA5 1 2 ? anti-parallel 
# 
loop_
_struct_sheet_range.sheet_id 
_struct_sheet_range.id 
_struct_sheet_range.beg_label_comp_id 
_struct_sheet_range.beg_label_asym_id 
_struct_sheet_range.beg_label_seq_id 
_struct_sheet_range.pdbx_beg_PDB_ins_code 
_struct_sheet_range.end_label_comp_id 
_struct_sheet_range.end_label_asym_id 
_struct_sheet_range.end_label_seq_id 
_struct_sheet_range.pdbx_end_PDB_ins_code 
_struct_sheet_range.beg_auth_comp_id 
_struct_sheet_range.beg_auth_asym_id 
_struct_sheet_range.beg_auth_seq_id 
_struct_sheet_range.end_auth_comp_id 
_struct_sheet_range.end_auth_asym_id 
_struct_sheet_range.end_auth_seq_id 
AA1 1 ARG A 4   ? LEU A 7   ? ARG A 43  LEU A 46  
AA1 2 LYS A 37  ? SER A 41  ? LYS A 76  SER A 80  
AA1 3 VAL A 102 ? SER A 103 ? VAL A 141 SER A 142 
AA2 1 GLU A 22  ? ILE A 24  ? GLU A 61  ILE A 63  
AA2 2 PHE A 153 ? VAL A 156 ? PHE A 192 VAL A 195 
AA2 3 LYS A 126 ? ARG A 135 ? LYS A 165 ARG A 174 
AA2 4 MET A 48  ? ALA A 57  ? MET A 87  ALA A 96  
AA2 5 ASN A 92  ? PHE A 93  ? ASN A 131 PHE A 132 
AA3 1 TYR A 85  ? ILE A 86  ? TYR A 124 ILE A 125 
AA3 2 MET A 48  ? ALA A 57  ? MET A 87  ALA A 96  
AA3 3 LYS A 126 ? ARG A 135 ? LYS A 165 ARG A 174 
AA3 4 ILE A 143 ? CYS A 147 ? ILE A 182 CYS A 186 
AA4 1 ARG A 30  ? ARG A 31  ? ARG A 69  ARG A 70  
AA4 2 LYS A 108 ? THR A 110 ? LYS A 147 THR A 149 
AA4 3 ILE A 119 ? MET A 120 ? ILE A 158 MET A 159 
AA5 1 TRP A 63  ? VAL A 66  ? TRP A 102 VAL A 105 
AA5 2 GLU A 69  ? PRO A 72  ? GLU A 108 PRO A 111 
# 
loop_
_pdbx_struct_sheet_hbond.sheet_id 
_pdbx_struct_sheet_hbond.range_id_1 
_pdbx_struct_sheet_hbond.range_id_2 
_pdbx_struct_sheet_hbond.range_1_label_atom_id 
_pdbx_struct_sheet_hbond.range_1_label_comp_id 
_pdbx_struct_sheet_hbond.range_1_label_asym_id 
_pdbx_struct_sheet_hbond.range_1_label_seq_id 
_pdbx_struct_sheet_hbond.range_1_PDB_ins_code 
_pdbx_struct_sheet_hbond.range_1_auth_atom_id 
_pdbx_struct_sheet_hbond.range_1_auth_comp_id 
_pdbx_struct_sheet_hbond.range_1_auth_asym_id 
_pdbx_struct_sheet_hbond.range_1_auth_seq_id 
_pdbx_struct_sheet_hbond.range_2_label_atom_id 
_pdbx_struct_sheet_hbond.range_2_label_comp_id 
_pdbx_struct_sheet_hbond.range_2_label_asym_id 
_pdbx_struct_sheet_hbond.range_2_label_seq_id 
_pdbx_struct_sheet_hbond.range_2_PDB_ins_code 
_pdbx_struct_sheet_hbond.range_2_auth_atom_id 
_pdbx_struct_sheet_hbond.range_2_auth_comp_id 
_pdbx_struct_sheet_hbond.range_2_auth_asym_id 
_pdbx_struct_sheet_hbond.range_2_auth_seq_id 
AA1 1 2 N ARG A 4   ? N ARG A 43  O SER A 41  ? O SER A 80  
AA1 2 3 N VAL A 38  ? N VAL A 77  O VAL A 102 ? O VAL A 141 
AA2 1 2 N MET A 23  ? N MET A 62  O VAL A 156 ? O VAL A 195 
AA2 2 3 O PHE A 153 ? O PHE A 192 N TYR A 127 ? N TYR A 166 
AA2 3 4 O VAL A 134 ? O VAL A 173 N SER A 50  ? N SER A 89  
AA2 4 5 N TYR A 49  ? N TYR A 88  O ASN A 92  ? O ASN A 131 
AA3 1 2 O TYR A 85  ? O TYR A 124 N LEU A 53  ? N LEU A 92  
AA3 2 3 N SER A 50  ? N SER A 89  O VAL A 134 ? O VAL A 173 
AA3 3 4 N ILE A 133 ? N ILE A 172 O THR A 144 ? O THR A 183 
AA4 1 2 N ARG A 30  ? N ARG A 69  O LEU A 109 ? O LEU A 148 
AA4 2 3 N THR A 110 ? N THR A 149 O ILE A 119 ? O ILE A 158 
AA5 1 2 N VAL A 66  ? N VAL A 105 O GLU A 69  ? O GLU A 108 
# 
_struct_site.id                   AC1 
_struct_site.pdbx_evidence_code   Software 
_struct_site.pdbx_auth_asym_id    A 
_struct_site.pdbx_auth_comp_id    JHJ 
_struct_site.pdbx_auth_seq_id     301 
_struct_site.pdbx_auth_ins_code   ? 
_struct_site.pdbx_num_residues    5 
_struct_site.details              'binding site for residue JHJ A 301' 
# 
loop_
_struct_site_gen.id 
_struct_site_gen.site_id 
_struct_site_gen.pdbx_num_res 
_struct_site_gen.label_comp_id 
_struct_site_gen.label_asym_id 
_struct_site_gen.label_seq_id 
_struct_site_gen.pdbx_auth_ins_code 
_struct_site_gen.auth_comp_id 
_struct_site_gen.auth_asym_id 
_struct_site_gen.auth_seq_id 
_struct_site_gen.label_atom_id 
_struct_site_gen.label_alt_id 
_struct_site_gen.symmetry 
_struct_site_gen.details 
1 AC1 5 LEU A 12  ? LEU A 51  . ? 1_555 ? 
2 AC1 5 ARG A 15  ? ARG A 54  . ? 4_555 ? 
3 AC1 5 ARG A 15  ? ARG A 54  . ? 1_555 ? 
4 AC1 5 TYR A 171 ? TYR A 210 . ? 4_555 ? 
5 AC1 5 TYR A 171 ? TYR A 210 . ? 1_555 ? 
# 
loop_
_pdbx_validate_close_contact.id 
_pdbx_validate_close_contact.PDB_model_num 
_pdbx_validate_close_contact.auth_atom_id_1 
_pdbx_validate_close_contact.auth_asym_id_1 
_pdbx_validate_close_contact.auth_comp_id_1 
_pdbx_validate_close_contact.auth_seq_id_1 
_pdbx_validate_close_contact.PDB_ins_code_1 
_pdbx_validate_close_contact.label_alt_id_1 
_pdbx_validate_close_contact.auth_atom_id_2 
_pdbx_validate_close_contact.auth_asym_id_2 
_pdbx_validate_close_contact.auth_comp_id_2 
_pdbx_validate_close_contact.auth_seq_id_2 
_pdbx_validate_close_contact.PDB_ins_code_2 
_pdbx_validate_close_contact.label_alt_id_2 
_pdbx_validate_close_contact.dist 
1  1 NE  A ARG 54  ? ? C01 A JHJ 301 ? ? 1.61 
2  1 NH2 A ARG 54  ? ? C01 A JHJ 301 ? ? 1.81 
3  1 CZ  A ARG 54  ? ? C01 A JHJ 301 ? ? 1.87 
4  1 O   A HOH 456 ? ? O   A HOH 565 ? ? 1.93 
5  1 O   A HOH 459 ? ? O   A HOH 491 ? ? 1.94 
6  1 O   A HOH 411 ? ? O   A HOH 569 ? ? 1.99 
7  1 O   A HOH 547 ? ? O   A HOH 599 ? ? 2.09 
8  1 O   A HOH 539 ? ? O   A HOH 551 ? ? 2.13 
9  1 O   A LYS 145 ? ? O   A HOH 401 ? ? 2.14 
10 1 O   A HOH 546 ? ? O   A HOH 563 ? ? 2.15 
11 1 OD1 A ASP 83  ? ? O   A HOH 402 ? ? 2.16 
12 1 O   A HOH 439 ? ? O   A HOH 514 ? ? 2.17 
13 1 O   A HOH 414 ? ? O   A HOH 482 ? ? 2.19 
# 
loop_
_pdbx_validate_torsion.id 
_pdbx_validate_torsion.PDB_model_num 
_pdbx_validate_torsion.auth_comp_id 
_pdbx_validate_torsion.auth_asym_id 
_pdbx_validate_torsion.auth_seq_id 
_pdbx_validate_torsion.PDB_ins_code 
_pdbx_validate_torsion.label_alt_id 
_pdbx_validate_torsion.phi 
_pdbx_validate_torsion.psi 
1 1 THR A 59  ? ? 70.19   115.11 
2 1 SER A 121 ? ? -52.70  93.20  
3 1 PHE A 143 ? ? -105.38 51.81  
4 1 PHE A 143 ? ? -103.60 51.81  
# 
loop_
_pdbx_struct_special_symmetry.id 
_pdbx_struct_special_symmetry.PDB_model_num 
_pdbx_struct_special_symmetry.auth_asym_id 
_pdbx_struct_special_symmetry.auth_comp_id 
_pdbx_struct_special_symmetry.auth_seq_id 
_pdbx_struct_special_symmetry.PDB_ins_code 
_pdbx_struct_special_symmetry.label_asym_id 
_pdbx_struct_special_symmetry.label_comp_id 
_pdbx_struct_special_symmetry.label_seq_id 
1 1 A JHJ 301 ? B JHJ . 
2 1 A JHJ 301 ? B JHJ . 
# 
_phasing.method   MR 
# 
_pdbx_entry_details.entry_id                 5QT0 
_pdbx_entry_details.has_ligand_of_interest   Y 
_pdbx_entry_details.compound_details         ? 
_pdbx_entry_details.source_details           ? 
_pdbx_entry_details.nonpolymer_details       ? 
_pdbx_entry_details.sequence_details         ? 
# 
loop_
_pdbx_distant_solvent_atoms.id 
_pdbx_distant_solvent_atoms.PDB_model_num 
_pdbx_distant_solvent_atoms.auth_atom_id 
_pdbx_distant_solvent_atoms.label_alt_id 
_pdbx_distant_solvent_atoms.auth_asym_id 
_pdbx_distant_solvent_atoms.auth_comp_id 
_pdbx_distant_solvent_atoms.auth_seq_id 
_pdbx_distant_solvent_atoms.PDB_ins_code 
_pdbx_distant_solvent_atoms.neighbor_macromolecule_distance 
_pdbx_distant_solvent_atoms.neighbor_ligand_distance 
1 1 O ? A HOH 625 ? 6.01 . 
2 1 O ? A HOH 626 ? 6.17 . 
3 1 O ? A HOH 627 ? 6.31 . 
4 1 O ? A HOH 628 ? 6.82 . 
5 1 O ? A HOH 629 ? 8.13 . 
# 
_pdbx_unobs_or_zero_occ_residues.id               1 
_pdbx_unobs_or_zero_occ_residues.PDB_model_num    1 
_pdbx_unobs_or_zero_occ_residues.polymer_flag     Y 
_pdbx_unobs_or_zero_occ_residues.occupancy_flag   1 
_pdbx_unobs_or_zero_occ_residues.auth_asym_id     A 
_pdbx_unobs_or_zero_occ_residues.auth_comp_id     GLY 
_pdbx_unobs_or_zero_occ_residues.auth_seq_id      40 
_pdbx_unobs_or_zero_occ_residues.PDB_ins_code     ? 
_pdbx_unobs_or_zero_occ_residues.label_asym_id    A 
_pdbx_unobs_or_zero_occ_residues.label_comp_id    GLY 
_pdbx_unobs_or_zero_occ_residues.label_seq_id     1 
# 
loop_
_chem_comp_atom.comp_id 
_chem_comp_atom.atom_id 
_chem_comp_atom.type_symbol 
_chem_comp_atom.pdbx_aromatic_flag 
_chem_comp_atom.pdbx_stereo_config 
_chem_comp_atom.pdbx_ordinal 
ALA N    N N N 1   
ALA CA   C N S 2   
ALA C    C N N 3   
ALA O    O N N 4   
ALA CB   C N N 5   
ALA OXT  O N N 6   
ALA H    H N N 7   
ALA H2   H N N 8   
ALA HA   H N N 9   
ALA HB1  H N N 10  
ALA HB2  H N N 11  
ALA HB3  H N N 12  
ALA HXT  H N N 13  
ARG N    N N N 14  
ARG CA   C N S 15  
ARG C    C N N 16  
ARG O    O N N 17  
ARG CB   C N N 18  
ARG CG   C N N 19  
ARG CD   C N N 20  
ARG NE   N N N 21  
ARG CZ   C N N 22  
ARG NH1  N N N 23  
ARG NH2  N N N 24  
ARG OXT  O N N 25  
ARG H    H N N 26  
ARG H2   H N N 27  
ARG HA   H N N 28  
ARG HB2  H N N 29  
ARG HB3  H N N 30  
ARG HG2  H N N 31  
ARG HG3  H N N 32  
ARG HD2  H N N 33  
ARG HD3  H N N 34  
ARG HE   H N N 35  
ARG HH11 H N N 36  
ARG HH12 H N N 37  
ARG HH21 H N N 38  
ARG HH22 H N N 39  
ARG HXT  H N N 40  
ASN N    N N N 41  
ASN CA   C N S 42  
ASN C    C N N 43  
ASN O    O N N 44  
ASN CB   C N N 45  
ASN CG   C N N 46  
ASN OD1  O N N 47  
ASN ND2  N N N 48  
ASN OXT  O N N 49  
ASN H    H N N 50  
ASN H2   H N N 51  
ASN HA   H N N 52  
ASN HB2  H N N 53  
ASN HB3  H N N 54  
ASN HD21 H N N 55  
ASN HD22 H N N 56  
ASN HXT  H N N 57  
ASP N    N N N 58  
ASP CA   C N S 59  
ASP C    C N N 60  
ASP O    O N N 61  
ASP CB   C N N 62  
ASP CG   C N N 63  
ASP OD1  O N N 64  
ASP OD2  O N N 65  
ASP OXT  O N N 66  
ASP H    H N N 67  
ASP H2   H N N 68  
ASP HA   H N N 69  
ASP HB2  H N N 70  
ASP HB3  H N N 71  
ASP HD2  H N N 72  
ASP HXT  H N N 73  
CYS N    N N N 74  
CYS CA   C N R 75  
CYS C    C N N 76  
CYS O    O N N 77  
CYS CB   C N N 78  
CYS SG   S N N 79  
CYS OXT  O N N 80  
CYS H    H N N 81  
CYS H2   H N N 82  
CYS HA   H N N 83  
CYS HB2  H N N 84  
CYS HB3  H N N 85  
CYS HG   H N N 86  
CYS HXT  H N N 87  
GLN N    N N N 88  
GLN CA   C N S 89  
GLN C    C N N 90  
GLN O    O N N 91  
GLN CB   C N N 92  
GLN CG   C N N 93  
GLN CD   C N N 94  
GLN OE1  O N N 95  
GLN NE2  N N N 96  
GLN OXT  O N N 97  
GLN H    H N N 98  
GLN H2   H N N 99  
GLN HA   H N N 100 
GLN HB2  H N N 101 
GLN HB3  H N N 102 
GLN HG2  H N N 103 
GLN HG3  H N N 104 
GLN HE21 H N N 105 
GLN HE22 H N N 106 
GLN HXT  H N N 107 
GLU N    N N N 108 
GLU CA   C N S 109 
GLU C    C N N 110 
GLU O    O N N 111 
GLU CB   C N N 112 
GLU CG   C N N 113 
GLU CD   C N N 114 
GLU OE1  O N N 115 
GLU OE2  O N N 116 
GLU OXT  O N N 117 
GLU H    H N N 118 
GLU H2   H N N 119 
GLU HA   H N N 120 
GLU HB2  H N N 121 
GLU HB3  H N N 122 
GLU HG2  H N N 123 
GLU HG3  H N N 124 
GLU HE2  H N N 125 
GLU HXT  H N N 126 
GLY N    N N N 127 
GLY CA   C N N 128 
GLY C    C N N 129 
GLY O    O N N 130 
GLY OXT  O N N 131 
GLY H    H N N 132 
GLY H2   H N N 133 
GLY HA2  H N N 134 
GLY HA3  H N N 135 
GLY HXT  H N N 136 
HIS N    N N N 137 
HIS CA   C N S 138 
HIS C    C N N 139 
HIS O    O N N 140 
HIS CB   C N N 141 
HIS CG   C Y N 142 
HIS ND1  N Y N 143 
HIS CD2  C Y N 144 
HIS CE1  C Y N 145 
HIS NE2  N Y N 146 
HIS OXT  O N N 147 
HIS H    H N N 148 
HIS H2   H N N 149 
HIS HA   H N N 150 
HIS HB2  H N N 151 
HIS HB3  H N N 152 
HIS HD1  H N N 153 
HIS HD2  H N N 154 
HIS HE1  H N N 155 
HIS HE2  H N N 156 
HIS HXT  H N N 157 
HOH O    O N N 158 
HOH H1   H N N 159 
HOH H2   H N N 160 
ILE N    N N N 161 
ILE CA   C N S 162 
ILE C    C N N 163 
ILE O    O N N 164 
ILE CB   C N S 165 
ILE CG1  C N N 166 
ILE CG2  C N N 167 
ILE CD1  C N N 168 
ILE OXT  O N N 169 
ILE H    H N N 170 
ILE H2   H N N 171 
ILE HA   H N N 172 
ILE HB   H N N 173 
ILE HG12 H N N 174 
ILE HG13 H N N 175 
ILE HG21 H N N 176 
ILE HG22 H N N 177 
ILE HG23 H N N 178 
ILE HD11 H N N 179 
ILE HD12 H N N 180 
ILE HD13 H N N 181 
ILE HXT  H N N 182 
JHJ C10  C N N 183 
JHJ N12  N N N 184 
JHJ C13  C Y N 185 
JHJ C15  C Y N 186 
JHJ C17  C Y N 187 
JHJ C01  C N N 188 
JHJ C03  C Y N 189 
JHJ C04  C Y N 190 
JHJ C05  C Y N 191 
JHJ C06  C Y N 192 
JHJ C07  C Y N 193 
JHJ C08  C Y N 194 
JHJ C14  C Y N 195 
JHJ C18  C Y N 196 
JHJ N09  N N N 197 
JHJ N16  N Y N 198 
JHJ O02  O N N 199 
JHJ O11  O N N 200 
JHJ H121 H N N 201 
JHJ H151 H N N 202 
JHJ H171 H N N 203 
JHJ H013 H N N 204 
JHJ H012 H N N 205 
JHJ H011 H N N 206 
JHJ H041 H N N 207 
JHJ H051 H N N 208 
JHJ H071 H N N 209 
JHJ H081 H N N 210 
JHJ H141 H N N 211 
JHJ H181 H N N 212 
JHJ H091 H N N 213 
LEU N    N N N 214 
LEU CA   C N S 215 
LEU C    C N N 216 
LEU O    O N N 217 
LEU CB   C N N 218 
LEU CG   C N N 219 
LEU CD1  C N N 220 
LEU CD2  C N N 221 
LEU OXT  O N N 222 
LEU H    H N N 223 
LEU H2   H N N 224 
LEU HA   H N N 225 
LEU HB2  H N N 226 
LEU HB3  H N N 227 
LEU HG   H N N 228 
LEU HD11 H N N 229 
LEU HD12 H N N 230 
LEU HD13 H N N 231 
LEU HD21 H N N 232 
LEU HD22 H N N 233 
LEU HD23 H N N 234 
LEU HXT  H N N 235 
LYS N    N N N 236 
LYS CA   C N S 237 
LYS C    C N N 238 
LYS O    O N N 239 
LYS CB   C N N 240 
LYS CG   C N N 241 
LYS CD   C N N 242 
LYS CE   C N N 243 
LYS NZ   N N N 244 
LYS OXT  O N N 245 
LYS H    H N N 246 
LYS H2   H N N 247 
LYS HA   H N N 248 
LYS HB2  H N N 249 
LYS HB3  H N N 250 
LYS HG2  H N N 251 
LYS HG3  H N N 252 
LYS HD2  H N N 253 
LYS HD3  H N N 254 
LYS HE2  H N N 255 
LYS HE3  H N N 256 
LYS HZ1  H N N 257 
LYS HZ2  H N N 258 
LYS HZ3  H N N 259 
LYS HXT  H N N 260 
MET N    N N N 261 
MET CA   C N S 262 
MET C    C N N 263 
MET O    O N N 264 
MET CB   C N N 265 
MET CG   C N N 266 
MET SD   S N N 267 
MET CE   C N N 268 
MET OXT  O N N 269 
MET H    H N N 270 
MET H2   H N N 271 
MET HA   H N N 272 
MET HB2  H N N 273 
MET HB3  H N N 274 
MET HG2  H N N 275 
MET HG3  H N N 276 
MET HE1  H N N 277 
MET HE2  H N N 278 
MET HE3  H N N 279 
MET HXT  H N N 280 
PHE N    N N N 281 
PHE CA   C N S 282 
PHE C    C N N 283 
PHE O    O N N 284 
PHE CB   C N N 285 
PHE CG   C Y N 286 
PHE CD1  C Y N 287 
PHE CD2  C Y N 288 
PHE CE1  C Y N 289 
PHE CE2  C Y N 290 
PHE CZ   C Y N 291 
PHE OXT  O N N 292 
PHE H    H N N 293 
PHE H2   H N N 294 
PHE HA   H N N 295 
PHE HB2  H N N 296 
PHE HB3  H N N 297 
PHE HD1  H N N 298 
PHE HD2  H N N 299 
PHE HE1  H N N 300 
PHE HE2  H N N 301 
PHE HZ   H N N 302 
PHE HXT  H N N 303 
PRO N    N N N 304 
PRO CA   C N S 305 
PRO C    C N N 306 
PRO O    O N N 307 
PRO CB   C N N 308 
PRO CG   C N N 309 
PRO CD   C N N 310 
PRO OXT  O N N 311 
PRO H    H N N 312 
PRO HA   H N N 313 
PRO HB2  H N N 314 
PRO HB3  H N N 315 
PRO HG2  H N N 316 
PRO HG3  H N N 317 
PRO HD2  H N N 318 
PRO HD3  H N N 319 
PRO HXT  H N N 320 
SER N    N N N 321 
SER CA   C N S 322 
SER C    C N N 323 
SER O    O N N 324 
SER CB   C N N 325 
SER OG   O N N 326 
SER OXT  O N N 327 
SER H    H N N 328 
SER H2   H N N 329 
SER HA   H N N 330 
SER HB2  H N N 331 
SER HB3  H N N 332 
SER HG   H N N 333 
SER HXT  H N N 334 
THR N    N N N 335 
THR CA   C N S 336 
THR C    C N N 337 
THR O    O N N 338 
THR CB   C N R 339 
THR OG1  O N N 340 
THR CG2  C N N 341 
THR OXT  O N N 342 
THR H    H N N 343 
THR H2   H N N 344 
THR HA   H N N 345 
THR HB   H N N 346 
THR HG1  H N N 347 
THR HG21 H N N 348 
THR HG22 H N N 349 
THR HG23 H N N 350 
THR HXT  H N N 351 
TRP N    N N N 352 
TRP CA   C N S 353 
TRP C    C N N 354 
TRP O    O N N 355 
TRP CB   C N N 356 
TRP CG   C Y N 357 
TRP CD1  C Y N 358 
TRP CD2  C Y N 359 
TRP NE1  N Y N 360 
TRP CE2  C Y N 361 
TRP CE3  C Y N 362 
TRP CZ2  C Y N 363 
TRP CZ3  C Y N 364 
TRP CH2  C Y N 365 
TRP OXT  O N N 366 
TRP H    H N N 367 
TRP H2   H N N 368 
TRP HA   H N N 369 
TRP HB2  H N N 370 
TRP HB3  H N N 371 
TRP HD1  H N N 372 
TRP HE1  H N N 373 
TRP HE3  H N N 374 
TRP HZ2  H N N 375 
TRP HZ3  H N N 376 
TRP HH2  H N N 377 
TRP HXT  H N N 378 
TYR N    N N N 379 
TYR CA   C N S 380 
TYR C    C N N 381 
TYR O    O N N 382 
TYR CB   C N N 383 
TYR CG   C Y N 384 
TYR CD1  C Y N 385 
TYR CD2  C Y N 386 
TYR CE1  C Y N 387 
TYR CE2  C Y N 388 
TYR CZ   C Y N 389 
TYR OH   O N N 390 
TYR OXT  O N N 391 
TYR H    H N N 392 
TYR H2   H N N 393 
TYR HA   H N N 394 
TYR HB2  H N N 395 
TYR HB3  H N N 396 
TYR HD1  H N N 397 
TYR HD2  H N N 398 
TYR HE1  H N N 399 
TYR HE2  H N N 400 
TYR HH   H N N 401 
TYR HXT  H N N 402 
VAL N    N N N 403 
VAL CA   C N S 404 
VAL C    C N N 405 
VAL O    O N N 406 
VAL CB   C N N 407 
VAL CG1  C N N 408 
VAL CG2  C N N 409 
VAL OXT  O N N 410 
VAL H    H N N 411 
VAL H2   H N N 412 
VAL HA   H N N 413 
VAL HB   H N N 414 
VAL HG11 H N N 415 
VAL HG12 H N N 416 
VAL HG13 H N N 417 
VAL HG21 H N N 418 
VAL HG22 H N N 419 
VAL HG23 H N N 420 
VAL HXT  H N N 421 
# 
loop_
_chem_comp_bond.comp_id 
_chem_comp_bond.atom_id_1 
_chem_comp_bond.atom_id_2 
_chem_comp_bond.value_order 
_chem_comp_bond.pdbx_aromatic_flag 
_chem_comp_bond.pdbx_stereo_config 
_chem_comp_bond.pdbx_ordinal 
ALA N   CA   sing N N 1   
ALA N   H    sing N N 2   
ALA N   H2   sing N N 3   
ALA CA  C    sing N N 4   
ALA CA  CB   sing N N 5   
ALA CA  HA   sing N N 6   
ALA C   O    doub N N 7   
ALA C   OXT  sing N N 8   
ALA CB  HB1  sing N N 9   
ALA CB  HB2  sing N N 10  
ALA CB  HB3  sing N N 11  
ALA OXT HXT  sing N N 12  
ARG N   CA   sing N N 13  
ARG N   H    sing N N 14  
ARG N   H2   sing N N 15  
ARG CA  C    sing N N 16  
ARG CA  CB   sing N N 17  
ARG CA  HA   sing N N 18  
ARG C   O    doub N N 19  
ARG C   OXT  sing N N 20  
ARG CB  CG   sing N N 21  
ARG CB  HB2  sing N N 22  
ARG CB  HB3  sing N N 23  
ARG CG  CD   sing N N 24  
ARG CG  HG2  sing N N 25  
ARG CG  HG3  sing N N 26  
ARG CD  NE   sing N N 27  
ARG CD  HD2  sing N N 28  
ARG CD  HD3  sing N N 29  
ARG NE  CZ   sing N N 30  
ARG NE  HE   sing N N 31  
ARG CZ  NH1  sing N N 32  
ARG CZ  NH2  doub N N 33  
ARG NH1 HH11 sing N N 34  
ARG NH1 HH12 sing N N 35  
ARG NH2 HH21 sing N N 36  
ARG NH2 HH22 sing N N 37  
ARG OXT HXT  sing N N 38  
ASN N   CA   sing N N 39  
ASN N   H    sing N N 40  
ASN N   H2   sing N N 41  
ASN CA  C    sing N N 42  
ASN CA  CB   sing N N 43  
ASN CA  HA   sing N N 44  
ASN C   O    doub N N 45  
ASN C   OXT  sing N N 46  
ASN CB  CG   sing N N 47  
ASN CB  HB2  sing N N 48  
ASN CB  HB3  sing N N 49  
ASN CG  OD1  doub N N 50  
ASN CG  ND2  sing N N 51  
ASN ND2 HD21 sing N N 52  
ASN ND2 HD22 sing N N 53  
ASN OXT HXT  sing N N 54  
ASP N   CA   sing N N 55  
ASP N   H    sing N N 56  
ASP N   H2   sing N N 57  
ASP CA  C    sing N N 58  
ASP CA  CB   sing N N 59  
ASP CA  HA   sing N N 60  
ASP C   O    doub N N 61  
ASP C   OXT  sing N N 62  
ASP CB  CG   sing N N 63  
ASP CB  HB2  sing N N 64  
ASP CB  HB3  sing N N 65  
ASP CG  OD1  doub N N 66  
ASP CG  OD2  sing N N 67  
ASP OD2 HD2  sing N N 68  
ASP OXT HXT  sing N N 69  
CYS N   CA   sing N N 70  
CYS N   H    sing N N 71  
CYS N   H2   sing N N 72  
CYS CA  C    sing N N 73  
CYS CA  CB   sing N N 74  
CYS CA  HA   sing N N 75  
CYS C   O    doub N N 76  
CYS C   OXT  sing N N 77  
CYS CB  SG   sing N N 78  
CYS CB  HB2  sing N N 79  
CYS CB  HB3  sing N N 80  
CYS SG  HG   sing N N 81  
CYS OXT HXT  sing N N 82  
GLN N   CA   sing N N 83  
GLN N   H    sing N N 84  
GLN N   H2   sing N N 85  
GLN CA  C    sing N N 86  
GLN CA  CB   sing N N 87  
GLN CA  HA   sing N N 88  
GLN C   O    doub N N 89  
GLN C   OXT  sing N N 90  
GLN CB  CG   sing N N 91  
GLN CB  HB2  sing N N 92  
GLN CB  HB3  sing N N 93  
GLN CG  CD   sing N N 94  
GLN CG  HG2  sing N N 95  
GLN CG  HG3  sing N N 96  
GLN CD  OE1  doub N N 97  
GLN CD  NE2  sing N N 98  
GLN NE2 HE21 sing N N 99  
GLN NE2 HE22 sing N N 100 
GLN OXT HXT  sing N N 101 
GLU N   CA   sing N N 102 
GLU N   H    sing N N 103 
GLU N   H2   sing N N 104 
GLU CA  C    sing N N 105 
GLU CA  CB   sing N N 106 
GLU CA  HA   sing N N 107 
GLU C   O    doub N N 108 
GLU C   OXT  sing N N 109 
GLU CB  CG   sing N N 110 
GLU CB  HB2  sing N N 111 
GLU CB  HB3  sing N N 112 
GLU CG  CD   sing N N 113 
GLU CG  HG2  sing N N 114 
GLU CG  HG3  sing N N 115 
GLU CD  OE1  doub N N 116 
GLU CD  OE2  sing N N 117 
GLU OE2 HE2  sing N N 118 
GLU OXT HXT  sing N N 119 
GLY N   CA   sing N N 120 
GLY N   H    sing N N 121 
GLY N   H2   sing N N 122 
GLY CA  C    sing N N 123 
GLY CA  HA2  sing N N 124 
GLY CA  HA3  sing N N 125 
GLY C   O    doub N N 126 
GLY C   OXT  sing N N 127 
GLY OXT HXT  sing N N 128 
HIS N   CA   sing N N 129 
HIS N   H    sing N N 130 
HIS N   H2   sing N N 131 
HIS CA  C    sing N N 132 
HIS CA  CB   sing N N 133 
HIS CA  HA   sing N N 134 
HIS C   O    doub N N 135 
HIS C   OXT  sing N N 136 
HIS CB  CG   sing N N 137 
HIS CB  HB2  sing N N 138 
HIS CB  HB3  sing N N 139 
HIS CG  ND1  sing Y N 140 
HIS CG  CD2  doub Y N 141 
HIS ND1 CE1  doub Y N 142 
HIS ND1 HD1  sing N N 143 
HIS CD2 NE2  sing Y N 144 
HIS CD2 HD2  sing N N 145 
HIS CE1 NE2  sing Y N 146 
HIS CE1 HE1  sing N N 147 
HIS NE2 HE2  sing N N 148 
HIS OXT HXT  sing N N 149 
HOH O   H1   sing N N 150 
HOH O   H2   sing N N 151 
ILE N   CA   sing N N 152 
ILE N   H    sing N N 153 
ILE N   H2   sing N N 154 
ILE CA  C    sing N N 155 
ILE CA  CB   sing N N 156 
ILE CA  HA   sing N N 157 
ILE C   O    doub N N 158 
ILE C   OXT  sing N N 159 
ILE CB  CG1  sing N N 160 
ILE CB  CG2  sing N N 161 
ILE CB  HB   sing N N 162 
ILE CG1 CD1  sing N N 163 
ILE CG1 HG12 sing N N 164 
ILE CG1 HG13 sing N N 165 
ILE CG2 HG21 sing N N 166 
ILE CG2 HG22 sing N N 167 
ILE CG2 HG23 sing N N 168 
ILE CD1 HD11 sing N N 169 
ILE CD1 HD12 sing N N 170 
ILE CD1 HD13 sing N N 171 
ILE OXT HXT  sing N N 172 
JHJ C18 C17  doub Y N 173 
JHJ C18 C13  sing Y N 174 
JHJ C17 N16  sing Y N 175 
JHJ N16 C15  doub Y N 176 
JHJ N12 C13  sing N N 177 
JHJ N12 C10  sing N N 178 
JHJ C13 C14  doub Y N 179 
JHJ N09 C10  sing N N 180 
JHJ N09 C06  sing N N 181 
JHJ C05 C06  doub Y N 182 
JHJ C05 C04  sing Y N 183 
JHJ C10 O11  doub N N 184 
JHJ C15 C14  sing Y N 185 
JHJ C06 C07  sing Y N 186 
JHJ C04 C03  doub Y N 187 
JHJ C07 C08  doub Y N 188 
JHJ C03 C08  sing Y N 189 
JHJ C03 O02  sing N N 190 
JHJ C01 O02  sing N N 191 
JHJ N12 H121 sing N N 192 
JHJ C15 H151 sing N N 193 
JHJ C17 H171 sing N N 194 
JHJ C01 H013 sing N N 195 
JHJ C01 H012 sing N N 196 
JHJ C01 H011 sing N N 197 
JHJ C04 H041 sing N N 198 
JHJ C05 H051 sing N N 199 
JHJ C07 H071 sing N N 200 
JHJ C08 H081 sing N N 201 
JHJ C14 H141 sing N N 202 
JHJ C18 H181 sing N N 203 
JHJ N09 H091 sing N N 204 
LEU N   CA   sing N N 205 
LEU N   H    sing N N 206 
LEU N   H2   sing N N 207 
LEU CA  C    sing N N 208 
LEU CA  CB   sing N N 209 
LEU CA  HA   sing N N 210 
LEU C   O    doub N N 211 
LEU C   OXT  sing N N 212 
LEU CB  CG   sing N N 213 
LEU CB  HB2  sing N N 214 
LEU CB  HB3  sing N N 215 
LEU CG  CD1  sing N N 216 
LEU CG  CD2  sing N N 217 
LEU CG  HG   sing N N 218 
LEU CD1 HD11 sing N N 219 
LEU CD1 HD12 sing N N 220 
LEU CD1 HD13 sing N N 221 
LEU CD2 HD21 sing N N 222 
LEU CD2 HD22 sing N N 223 
LEU CD2 HD23 sing N N 224 
LEU OXT HXT  sing N N 225 
LYS N   CA   sing N N 226 
LYS N   H    sing N N 227 
LYS N   H2   sing N N 228 
LYS CA  C    sing N N 229 
LYS CA  CB   sing N N 230 
LYS CA  HA   sing N N 231 
LYS C   O    doub N N 232 
LYS C   OXT  sing N N 233 
LYS CB  CG   sing N N 234 
LYS CB  HB2  sing N N 235 
LYS CB  HB3  sing N N 236 
LYS CG  CD   sing N N 237 
LYS CG  HG2  sing N N 238 
LYS CG  HG3  sing N N 239 
LYS CD  CE   sing N N 240 
LYS CD  HD2  sing N N 241 
LYS CD  HD3  sing N N 242 
LYS CE  NZ   sing N N 243 
LYS CE  HE2  sing N N 244 
LYS CE  HE3  sing N N 245 
LYS NZ  HZ1  sing N N 246 
LYS NZ  HZ2  sing N N 247 
LYS NZ  HZ3  sing N N 248 
LYS OXT HXT  sing N N 249 
MET N   CA   sing N N 250 
MET N   H    sing N N 251 
MET N   H2   sing N N 252 
MET CA  C    sing N N 253 
MET CA  CB   sing N N 254 
MET CA  HA   sing N N 255 
MET C   O    doub N N 256 
MET C   OXT  sing N N 257 
MET CB  CG   sing N N 258 
MET CB  HB2  sing N N 259 
MET CB  HB3  sing N N 260 
MET CG  SD   sing N N 261 
MET CG  HG2  sing N N 262 
MET CG  HG3  sing N N 263 
MET SD  CE   sing N N 264 
MET CE  HE1  sing N N 265 
MET CE  HE2  sing N N 266 
MET CE  HE3  sing N N 267 
MET OXT HXT  sing N N 268 
PHE N   CA   sing N N 269 
PHE N   H    sing N N 270 
PHE N   H2   sing N N 271 
PHE CA  C    sing N N 272 
PHE CA  CB   sing N N 273 
PHE CA  HA   sing N N 274 
PHE C   O    doub N N 275 
PHE C   OXT  sing N N 276 
PHE CB  CG   sing N N 277 
PHE CB  HB2  sing N N 278 
PHE CB  HB3  sing N N 279 
PHE CG  CD1  doub Y N 280 
PHE CG  CD2  sing Y N 281 
PHE CD1 CE1  sing Y N 282 
PHE CD1 HD1  sing N N 283 
PHE CD2 CE2  doub Y N 284 
PHE CD2 HD2  sing N N 285 
PHE CE1 CZ   doub Y N 286 
PHE CE1 HE1  sing N N 287 
PHE CE2 CZ   sing Y N 288 
PHE CE2 HE2  sing N N 289 
PHE CZ  HZ   sing N N 290 
PHE OXT HXT  sing N N 291 
PRO N   CA   sing N N 292 
PRO N   CD   sing N N 293 
PRO N   H    sing N N 294 
PRO CA  C    sing N N 295 
PRO CA  CB   sing N N 296 
PRO CA  HA   sing N N 297 
PRO C   O    doub N N 298 
PRO C   OXT  sing N N 299 
PRO CB  CG   sing N N 300 
PRO CB  HB2  sing N N 301 
PRO CB  HB3  sing N N 302 
PRO CG  CD   sing N N 303 
PRO CG  HG2  sing N N 304 
PRO CG  HG3  sing N N 305 
PRO CD  HD2  sing N N 306 
PRO CD  HD3  sing N N 307 
PRO OXT HXT  sing N N 308 
SER N   CA   sing N N 309 
SER N   H    sing N N 310 
SER N   H2   sing N N 311 
SER CA  C    sing N N 312 
SER CA  CB   sing N N 313 
SER CA  HA   sing N N 314 
SER C   O    doub N N 315 
SER C   OXT  sing N N 316 
SER CB  OG   sing N N 317 
SER CB  HB2  sing N N 318 
SER CB  HB3  sing N N 319 
SER OG  HG   sing N N 320 
SER OXT HXT  sing N N 321 
THR N   CA   sing N N 322 
THR N   H    sing N N 323 
THR N   H2   sing N N 324 
THR CA  C    sing N N 325 
THR CA  CB   sing N N 326 
THR CA  HA   sing N N 327 
THR C   O    doub N N 328 
THR C   OXT  sing N N 329 
THR CB  OG1  sing N N 330 
THR CB  CG2  sing N N 331 
THR CB  HB   sing N N 332 
THR OG1 HG1  sing N N 333 
THR CG2 HG21 sing N N 334 
THR CG2 HG22 sing N N 335 
THR CG2 HG23 sing N N 336 
THR OXT HXT  sing N N 337 
TRP N   CA   sing N N 338 
TRP N   H    sing N N 339 
TRP N   H2   sing N N 340 
TRP CA  C    sing N N 341 
TRP CA  CB   sing N N 342 
TRP CA  HA   sing N N 343 
TRP C   O    doub N N 344 
TRP C   OXT  sing N N 345 
TRP CB  CG   sing N N 346 
TRP CB  HB2  sing N N 347 
TRP CB  HB3  sing N N 348 
TRP CG  CD1  doub Y N 349 
TRP CG  CD2  sing Y N 350 
TRP CD1 NE1  sing Y N 351 
TRP CD1 HD1  sing N N 352 
TRP CD2 CE2  doub Y N 353 
TRP CD2 CE3  sing Y N 354 
TRP NE1 CE2  sing Y N 355 
TRP NE1 HE1  sing N N 356 
TRP CE2 CZ2  sing Y N 357 
TRP CE3 CZ3  doub Y N 358 
TRP CE3 HE3  sing N N 359 
TRP CZ2 CH2  doub Y N 360 
TRP CZ2 HZ2  sing N N 361 
TRP CZ3 CH2  sing Y N 362 
TRP CZ3 HZ3  sing N N 363 
TRP CH2 HH2  sing N N 364 
TRP OXT HXT  sing N N 365 
TYR N   CA   sing N N 366 
TYR N   H    sing N N 367 
TYR N   H2   sing N N 368 
TYR CA  C    sing N N 369 
TYR CA  CB   sing N N 370 
TYR CA  HA   sing N N 371 
TYR C   O    doub N N 372 
TYR C   OXT  sing N N 373 
TYR CB  CG   sing N N 374 
TYR CB  HB2  sing N N 375 
TYR CB  HB3  sing N N 376 
TYR CG  CD1  doub Y N 377 
TYR CG  CD2  sing Y N 378 
TYR CD1 CE1  sing Y N 379 
TYR CD1 HD1  sing N N 380 
TYR CD2 CE2  doub Y N 381 
TYR CD2 HD2  sing N N 382 
TYR CE1 CZ   doub Y N 383 
TYR CE1 HE1  sing N N 384 
TYR CE2 CZ   sing Y N 385 
TYR CE2 HE2  sing N N 386 
TYR CZ  OH   sing N N 387 
TYR OH  HH   sing N N 388 
TYR OXT HXT  sing N N 389 
VAL N   CA   sing N N 390 
VAL N   H    sing N N 391 
VAL N   H2   sing N N 392 
VAL CA  C    sing N N 393 
VAL CA  CB   sing N N 394 
VAL CA  HA   sing N N 395 
VAL C   O    doub N N 396 
VAL C   OXT  sing N N 397 
VAL CB  CG1  sing N N 398 
VAL CB  CG2  sing N N 399 
VAL CB  HB   sing N N 400 
VAL CG1 HG11 sing N N 401 
VAL CG1 HG12 sing N N 402 
VAL CG1 HG13 sing N N 403 
VAL CG2 HG21 sing N N 404 
VAL CG2 HG22 sing N N 405 
VAL CG2 HG23 sing N N 406 
VAL OXT HXT  sing N N 407 
# 
_pdbx_deposit_group.group_id            G_1002086 
_pdbx_deposit_group.group_description   
;Human Brachyury G177D variant screened against the DSI-poised Fragment Library by X-ray Crystallography at the XChem facility of Diamond Light Source beamline I04-1
;
_pdbx_deposit_group.group_title         'PanDDA analysis group deposition' 
_pdbx_deposit_group.group_type          'changed state' 
# 
_pdbx_entity_instance_feature.ordinal        1 
_pdbx_entity_instance_feature.comp_id        JHJ 
_pdbx_entity_instance_feature.asym_id        ? 
_pdbx_entity_instance_feature.seq_num        ? 
_pdbx_entity_instance_feature.auth_comp_id   JHJ 
_pdbx_entity_instance_feature.auth_asym_id   ? 
_pdbx_entity_instance_feature.auth_seq_num   ? 
_pdbx_entity_instance_feature.feature_type   'SUBJECT OF INVESTIGATION' 
_pdbx_entity_instance_feature.details        ? 
# 
_atom_sites.entry_id                    5QT0 
_atom_sites.fract_transf_matrix[1][1]   0.00935194 
_atom_sites.fract_transf_matrix[1][2]   0.00135518 
_atom_sites.fract_transf_matrix[1][3]   -0.00665057 
_atom_sites.fract_transf_matrix[2][1]   0.00887381 
_atom_sites.fract_transf_matrix[2][2]   0.00638606 
_atom_sites.fract_transf_matrix[2][3]   0.00374056 
_atom_sites.fract_transf_matrix[3][1]   0.00419441 
_atom_sites.fract_transf_matrix[3][2]   -0.00829330 
_atom_sites.fract_transf_matrix[3][3]   0.00420820 
_atom_sites.fract_transf_vector[1]      -0.177278 
_atom_sites.fract_transf_vector[2]      -0.362592 
_atom_sites.fract_transf_vector[3]      -0.019909 
# 
loop_
_atom_type.symbol 
C 
N 
O 
S 
# 
loop_
_atom_site.group_PDB 
_atom_site.id 
_atom_site.type_symbol 
_atom_site.label_atom_id 
_atom_site.label_alt_id 
_atom_site.label_comp_id 
_atom_site.label_asym_id 
_atom_site.label_entity_id 
_atom_site.label_seq_id 
_atom_site.pdbx_PDB_ins_code 
_atom_site.Cartn_x 
_atom_site.Cartn_y 
_atom_site.Cartn_z 
_atom_site.occupancy 
_atom_site.B_iso_or_equiv 
_atom_site.pdbx_formal_charge 
_atom_site.auth_seq_id 
_atom_site.auth_comp_id 
_atom_site.auth_asym_id 
_atom_site.auth_atom_id 
_atom_site.pdbx_PDB_model_num 
ATOM   1    N N   . GLU A 1 2   ? 20.081  10.398  9.576   1.00 58.90  ? 41  GLU A N   1 
ATOM   2    C CA  . GLU A 1 2   ? 19.704  9.286   8.674   1.00 57.59  ? 41  GLU A CA  1 
ATOM   3    C C   . GLU A 1 2   ? 18.224  9.406   8.284   1.00 48.59  ? 41  GLU A C   1 
ATOM   4    O O   . GLU A 1 2   ? 17.433  9.770   9.163   1.00 45.21  ? 41  GLU A O   1 
ATOM   5    C CB  . GLU A 1 2   ? 19.948  7.953   9.381   1.00 68.25  ? 41  GLU A CB  1 
ATOM   6    C CG  . GLU A 1 2   ? 20.408  6.855   8.448   1.00 76.22  ? 41  GLU A CG  1 
ATOM   7    C CD  . GLU A 1 2   ? 21.873  6.977   8.096   1.00 80.18  ? 41  GLU A CD  1 
ATOM   8    O OE1 . GLU A 1 2   ? 22.174  7.201   6.901   1.00 83.52  ? 41  GLU A OE1 1 
ATOM   9    O OE2 . GLU A 1 2   ? 22.703  6.871   9.031   1.00 83.70  ? 41  GLU A OE2 1 
ATOM   10   N N   . LEU A 1 3   ? 17.872  9.068   7.032   1.00 43.41  ? 42  LEU A N   1 
ATOM   11   C CA  . LEU A 1 3   ? 16.469  9.040   6.528   1.00 42.51  ? 42  LEU A CA  1 
ATOM   12   C C   . LEU A 1 3   ? 15.735  7.901   7.240   1.00 40.78  ? 42  LEU A C   1 
ATOM   13   O O   . LEU A 1 3   ? 16.176  6.776   7.102   1.00 42.58  ? 42  LEU A O   1 
ATOM   14   C CB  . LEU A 1 3   ? 16.423  8.814   5.010   1.00 39.73  ? 42  LEU A CB  1 
ATOM   15   C CG  . LEU A 1 3   ? 15.030  8.564   4.428   1.00 43.92  ? 42  LEU A CG  1 
ATOM   16   C CD1 . LEU A 1 3   ? 14.052  9.652   4.853   1.00 44.47  ? 42  LEU A CD1 1 
ATOM   17   C CD2 . LEU A 1 3   ? 15.067  8.465   2.910   1.00 47.77  ? 42  LEU A CD2 1 
ATOM   18   N N   . ARG A 1 4   ? 14.638  8.186   7.927   1.00 41.70  ? 43  ARG A N   1 
ATOM   19   C CA  . ARG A 1 4   ? 13.798  7.148   8.582   1.00 46.61  ? 43  ARG A CA  1 
ATOM   20   C C   . ARG A 1 4   ? 12.347  7.337   8.123   1.00 43.37  ? 43  ARG A C   1 
ATOM   21   O O   . ARG A 1 4   ? 11.829  8.463   8.206   1.00 38.79  ? 43  ARG A O   1 
ATOM   22   C CB  . ARG A 1 4   ? 13.935  7.223   10.107  1.00 50.41  ? 43  ARG A CB  1 
ATOM   23   C CG  . ARG A 1 4   ? 15.344  6.961   10.630  1.00 57.32  ? 43  ARG A CG  1 
ATOM   24   C CD  . ARG A 1 4   ? 15.599  7.535   12.021  1.00 66.18  ? 43  ARG A CD  1 
ATOM   25   N NE  . ARG A 1 4   ? 14.550  7.183   12.979  1.00 70.48  ? 43  ARG A NE  1 
ATOM   26   C CZ  . ARG A 1 4   ? 14.670  6.333   13.997  1.00 71.02  ? 43  ARG A CZ  1 
ATOM   27   N NH1 . ARG A 1 4   ? 13.623  6.107   14.771  1.00 71.96  ? 43  ARG A NH1 1 
ATOM   28   N NH2 . ARG A 1 4   ? 15.815  5.720   14.251  1.00 74.47  ? 43  ARG A NH2 1 
ATOM   29   N N   . VAL A 1 5   ? 11.733  6.277   7.612   1.00 42.62  ? 44  VAL A N   1 
ATOM   30   C CA  . VAL A 1 5   ? 10.282  6.238   7.286   1.00 43.13  ? 44  VAL A CA  1 
ATOM   31   C C   . VAL A 1 5   ? 9.647   5.197   8.211   1.00 43.83  ? 44  VAL A C   1 
ATOM   32   O O   . VAL A 1 5   ? 9.946   3.997   8.036   1.00 49.40  ? 44  VAL A O   1 
ATOM   33   C CB  . VAL A 1 5   ? 10.042  5.906   5.801   1.00 39.95  ? 44  VAL A CB  1 
ATOM   34   C CG1 . VAL A 1 5   ? 8.564   5.960   5.441   1.00 41.60  ? 44  VAL A CG1 1 
ATOM   35   C CG2 . VAL A 1 5   ? 10.854  6.796   4.878   1.00 44.14  ? 44  VAL A CG2 1 
ATOM   36   N N   . GLY A 1 6   ? 8.833   5.654   9.164   1.00 43.40  ? 45  GLY A N   1 
ATOM   37   C CA  . GLY A 1 6   ? 8.169   4.811   10.177  1.00 44.22  ? 45  GLY A CA  1 
ATOM   38   C C   . GLY A 1 6   ? 6.695   4.633   9.872   1.00 39.57  ? 45  GLY A C   1 
ATOM   39   O O   . GLY A 1 6   ? 6.041   5.627   9.474   1.00 39.91  ? 45  GLY A O   1 
ATOM   40   N N   . LEU A 1 7   ? 6.186   3.411   10.027  1.00 37.22  ? 46  LEU A N   1 
ATOM   41   C CA  . LEU A 1 7   ? 4.740   3.100   9.868   1.00 38.95  ? 46  LEU A CA  1 
ATOM   42   C C   . LEU A 1 7   ? 3.969   3.680   11.056  1.00 34.95  ? 46  LEU A C   1 
ATOM   43   O O   . LEU A 1 7   ? 4.352   3.435   12.203  1.00 36.74  ? 46  LEU A O   1 
ATOM   44   C CB  . LEU A 1 7   ? 4.513   1.587   9.760   1.00 37.11  ? 46  LEU A CB  1 
ATOM   45   C CG  . LEU A 1 7   ? 3.067   1.169   9.506   1.00 38.63  ? 46  LEU A CG  1 
ATOM   46   C CD1 . LEU A 1 7   ? 2.560   1.715   8.189   1.00 40.97  ? 46  LEU A CD1 1 
ATOM   47   C CD2 . LEU A 1 7   ? 2.909   -0.343  9.544   1.00 39.48  ? 46  LEU A CD2 1 
ATOM   48   N N   . GLU A 1 8   ? 2.953   4.481   10.764  1.00 41.34  ? 47  GLU A N   1 
ATOM   49   C CA  . GLU A 1 8   ? 1.957   4.957   11.751  1.00 41.79  ? 47  GLU A CA  1 
ATOM   50   C C   . GLU A 1 8   ? 0.940   3.849   12.025  1.00 43.14  ? 47  GLU A C   1 
ATOM   51   O O   . GLU A 1 8   ? 0.537   3.150   11.057  1.00 44.70  ? 47  GLU A O   1 
ATOM   52   C CB  . GLU A 1 8   ? 1.207   6.159   11.195  1.00 43.78  ? 47  GLU A CB  1 
ATOM   53   C CG  . GLU A 1 8   ? 2.076   7.379   11.083  1.00 46.72  ? 47  GLU A CG  1 
ATOM   54   C CD  . GLU A 1 8   ? 2.392   8.019   12.419  1.00 47.10  ? 47  GLU A CD  1 
ATOM   55   O OE1 . GLU A 1 8   ? 3.593   8.305   12.664  1.00 48.07  ? 47  GLU A OE1 1 
ATOM   56   O OE2 . GLU A 1 8   ? 1.432   8.259   13.180  1.00 41.98  ? 47  GLU A OE2 1 
ATOM   57   N N   . GLU A 1 9   ? 0.501   3.725   13.284  1.00 40.35  ? 48  GLU A N   1 
ATOM   58   C CA  . GLU A 1 9   ? -0.605  2.820   13.670  1.00 37.96  ? 48  GLU A CA  1 
ATOM   59   C C   . GLU A 1 9   ? -0.196  1.366   13.357  1.00 41.06  ? 48  GLU A C   1 
ATOM   60   O O   . GLU A 1 9   ? -1.065  0.581   12.919  1.00 37.42  ? 48  GLU A O   1 
ATOM   61   C CB  . GLU A 1 9   ? -1.887  3.241   12.949  1.00 43.74  ? 48  GLU A CB  1 
ATOM   62   C CG  . GLU A 1 9   ? -2.346  4.629   13.336  1.00 53.43  ? 48  GLU A CG  1 
ATOM   63   C CD  . GLU A 1 9   ? -3.247  5.368   12.350  1.00 65.61  ? 48  GLU A CD  1 
ATOM   64   O OE1 . GLU A 1 9   ? -3.963  4.704   11.571  1.00 73.74  ? 48  GLU A OE1 1 
ATOM   65   O OE2 . GLU A 1 9   ? -3.241  6.620   12.366  1.00 75.95  ? 48  GLU A OE2 1 
ATOM   66   N N   . SER A 1 10  ? 1.074   1.002   13.577  1.00 33.21  ? 49  SER A N   1 
ATOM   67   C CA  . SER A 1 10  ? 1.569   -0.382  13.335  1.00 41.98  ? 49  SER A CA  1 
ATOM   68   C C   . SER A 1 10  ? 0.766   -1.395  14.179  1.00 40.16  ? 49  SER A C   1 
ATOM   69   O O   . SER A 1 10  ? 0.431   -2.466  13.668  1.00 39.60  ? 49  SER A O   1 
ATOM   70   C CB  . SER A 1 10  ? 3.033   -0.468  13.637  1.00 40.12  ? 49  SER A CB  1 
ATOM   71   O OG  . SER A 1 10  ? 3.290   0.292   14.790  1.00 39.66  ? 49  SER A OG  1 
ATOM   72   N N   . GLU A 1 11  ? 0.424   -1.048  15.415  1.00 38.31  ? 50  GLU A N   1 
ATOM   73   C CA  . GLU A 1 11  ? -0.398  -1.911  16.297  1.00 40.45  ? 50  GLU A CA  1 
ATOM   74   C C   . GLU A 1 11  ? -1.755  -2.160  15.619  1.00 38.15  ? 50  GLU A C   1 
ATOM   75   O O   . GLU A 1 11  ? -2.211  -3.312  15.626  1.00 37.35  ? 50  GLU A O   1 
ATOM   76   C CB  . GLU A 1 11  ? -0.420  -1.320  17.710  1.00 46.65  ? 50  GLU A CB  1 
ATOM   77   C CG  . GLU A 1 11  ? -0.251  -2.371  18.800  1.00 61.05  ? 50  GLU A CG  1 
ATOM   78   C CD  . GLU A 1 11  ? -0.490  -1.880  20.224  1.00 74.11  ? 50  GLU A CD  1 
ATOM   79   O OE1 . GLU A 1 11  ? 0.197   -0.910  20.637  1.00 74.83  ? 50  GLU A OE1 1 
ATOM   80   O OE2 . GLU A 1 11  ? -1.370  -2.462  20.918  1.00 76.12  ? 50  GLU A OE2 1 
ATOM   81   N N   . LEU A 1 12  ? -2.353  -1.173  14.950  1.00 40.53  ? 51  LEU A N   1 
ATOM   82   C CA  . LEU A 1 12  ? -3.622  -1.392  14.204  1.00 40.28  ? 51  LEU A CA  1 
ATOM   83   C C   . LEU A 1 12  ? -3.426  -2.421  13.084  1.00 41.60  ? 51  LEU A C   1 
ATOM   84   O O   . LEU A 1 12  ? -4.301  -3.311  12.909  1.00 33.71  ? 51  LEU A O   1 
ATOM   85   C CB  . LEU A 1 12  ? -4.104  -0.109  13.531  1.00 44.27  ? 51  LEU A CB  1 
ATOM   86   C CG  . LEU A 1 12  ? -5.409  -0.300  12.758  1.00 46.33  ? 51  LEU A CG  1 
ATOM   87   C CD1 . LEU A 1 12  ? -6.496  -0.988  13.602  1.00 44.41  ? 51  LEU A CD1 1 
ATOM   88   C CD2 . LEU A 1 12  ? -5.891  1.005   12.159  1.00 46.76  ? 51  LEU A CD2 1 
ATOM   89   N N   . TRP A 1 13  ? -2.389  -2.201  12.282  1.00 36.70  ? 52  TRP A N   1 
ATOM   90   C CA  . TRP A 1 13  ? -2.050  -3.031  11.103  1.00 37.76  ? 52  TRP A CA  1 
ATOM   91   C C   . TRP A 1 13  ? -1.877  -4.478  11.554  1.00 40.21  ? 52  TRP A C   1 
ATOM   92   O O   . TRP A 1 13  ? -2.429  -5.350  10.876  1.00 42.29  ? 52  TRP A O   1 
ATOM   93   C CB  . TRP A 1 13  ? -0.806  -2.485  10.385  1.00 37.84  ? 52  TRP A CB  1 
ATOM   94   C CG  . TRP A 1 13  ? -1.111  -1.360  9.442   1.00 37.69  ? 52  TRP A CG  1 
ATOM   95   C CD1 . TRP A 1 13  ? -0.869  -0.032  9.639   1.00 35.53  ? 52  TRP A CD1 1 
ATOM   96   C CD2 . TRP A 1 13  ? -1.783  -1.465  8.173   1.00 41.45  ? 52  TRP A CD2 1 
ATOM   97   N NE1 . TRP A 1 13  ? -1.325  0.691   8.571   1.00 38.93  ? 52  TRP A NE1 1 
ATOM   98   C CE2 . TRP A 1 13  ? -1.876  -0.162  7.646   1.00 37.56  ? 52  TRP A CE2 1 
ATOM   99   C CE3 . TRP A 1 13  ? -2.259  -2.532  7.402   1.00 41.29  ? 52  TRP A CE3 1 
ATOM   100  C CZ2 . TRP A 1 13  ? -2.447  0.096   6.402   1.00 37.21  ? 52  TRP A CZ2 1 
ATOM   101  C CZ3 . TRP A 1 13  ? -2.814  -2.275  6.170   1.00 37.60  ? 52  TRP A CZ3 1 
ATOM   102  C CH2 . TRP A 1 13  ? -2.897  -0.979  5.670   1.00 38.19  ? 52  TRP A CH2 1 
ATOM   103  N N   . LEU A 1 14  ? -1.162  -4.702  12.658  1.00 39.08  ? 53  LEU A N   1 
ATOM   104  C CA  . LEU A 1 14  ? -0.876  -6.058  13.193  1.00 46.51  ? 53  LEU A CA  1 
ATOM   105  C C   . LEU A 1 14  ? -2.156  -6.753  13.671  1.00 45.55  ? 53  LEU A C   1 
ATOM   106  O O   . LEU A 1 14  ? -2.152  -7.975  13.669  1.00 49.92  ? 53  LEU A O   1 
ATOM   107  C CB  . LEU A 1 14  ? 0.178   -5.983  14.303  1.00 49.06  ? 53  LEU A CB  1 
ATOM   108  C CG  . LEU A 1 14  ? 1.649   -6.044  13.847  1.00 57.22  ? 53  LEU A CG  1 
ATOM   109  C CD1 . LEU A 1 14  ? 1.815   -6.618  12.432  1.00 55.55  ? 53  LEU A CD1 1 
ATOM   110  C CD2 . LEU A 1 14  ? 2.335   -4.689  13.929  1.00 55.37  ? 53  LEU A CD2 1 
ATOM   111  N N   . ARG A 1 15  ? -3.210  -6.027  14.037  1.00 49.34  ? 54  ARG A N   1 
ATOM   112  C CA  . ARG A 1 15  ? -4.500  -6.655  14.433  1.00 52.21  ? 54  ARG A CA  1 
ATOM   113  C C   . ARG A 1 15  ? -5.156  -7.300  13.212  1.00 47.08  ? 54  ARG A C   1 
ATOM   114  O O   . ARG A 1 15  ? -5.701  -8.398  13.355  1.00 41.91  ? 54  ARG A O   1 
ATOM   115  C CB  . ARG A 1 15  ? -5.423  -5.654  15.130  1.00 60.36  ? 54  ARG A CB  1 
ATOM   116  C CG  . ARG A 1 15  ? -5.086  -5.559  16.606  1.00 70.83  ? 54  ARG A CG  1 
ATOM   117  C CD  . ARG A 1 15  ? -6.214  -5.094  17.492  1.00 92.22  ? 54  ARG A CD  1 
ATOM   118  N NE  . ARG A 1 15  ? -5.630  -4.543  18.708  1.00 107.46 ? 54  ARG A NE  1 
ATOM   119  C CZ  . ARG A 1 15  ? -5.085  -5.225  19.713  1.00 110.65 ? 54  ARG A CZ  1 
ATOM   120  N NH1 . ARG A 1 15  ? -5.047  -6.548  19.692  1.00 113.73 ? 54  ARG A NH1 1 
ATOM   121  N NH2 . ARG A 1 15  ? -4.573  -4.570  20.744  1.00 107.58 ? 54  ARG A NH2 1 
ATOM   122  N N   . PHE A 1 16  ? -5.050  -6.657  12.051  1.00 46.37  ? 55  PHE A N   1 
ATOM   123  C CA  . PHE A 1 16  ? -5.501  -7.203  10.750  1.00 43.83  ? 55  PHE A CA  1 
ATOM   124  C C   . PHE A 1 16  ? -4.507  -8.257  10.280  1.00 41.61  ? 55  PHE A C   1 
ATOM   125  O O   . PHE A 1 16  ? -4.969  -9.351  9.890   1.00 38.46  ? 55  PHE A O   1 
ATOM   126  C CB  . PHE A 1 16  ? -5.695  -6.097  9.712   1.00 46.02  ? 55  PHE A CB  1 
ATOM   127  C CG  . PHE A 1 16  ? -6.833  -5.161  10.028  1.00 47.39  ? 55  PHE A CG  1 
ATOM   128  C CD1 . PHE A 1 16  ? -8.090  -5.352  9.465   1.00 49.65  ? 55  PHE A CD1 1 
ATOM   129  C CD2 . PHE A 1 16  ? -6.660  -4.093  10.893  1.00 42.36  ? 55  PHE A CD2 1 
ATOM   130  C CE1 . PHE A 1 16  ? -9.138  -4.494  9.761   1.00 46.56  ? 55  PHE A CE1 1 
ATOM   131  C CE2 . PHE A 1 16  ? -7.718  -3.248  11.197  1.00 46.41  ? 55  PHE A CE2 1 
ATOM   132  C CZ  . PHE A 1 16  ? -8.952  -3.441  10.625  1.00 44.28  ? 55  PHE A CZ  1 
ATOM   133  N N   . LYS A 1 17  ? -3.201  -7.970  10.325  1.00 42.01  ? 56  LYS A N   1 
ATOM   134  C CA  . LYS A 1 17  ? -2.190  -8.935  9.834   1.00 41.37  ? 56  LYS A CA  1 
ATOM   135  C C   . LYS A 1 17  ? -2.372  -10.274 10.551  1.00 40.32  ? 56  LYS A C   1 
ATOM   136  O O   . LYS A 1 17  ? -2.217  -11.295 9.880   1.00 33.59  ? 56  LYS A O   1 
ATOM   137  C CB  . LYS A 1 17  ? -0.734  -8.485  9.997   1.00 45.45  ? 56  LYS A CB  1 
ATOM   138  C CG  . LYS A 1 17  ? 0.263   -9.464  9.390   1.00 47.35  ? 56  LYS A CG  1 
ATOM   139  C CD  . LYS A 1 17  ? 1.525   -8.834  8.810   1.00 51.77  ? 56  LYS A CD  1 
ATOM   140  C CE  . LYS A 1 17  ? 2.538   -9.851  8.322   1.00 49.40  ? 56  LYS A CE  1 
ATOM   141  N NZ  . LYS A 1 17  ? 3.744   -9.209  7.734   1.00 55.16  ? 56  LYS A NZ  1 
ATOM   142  N N   . GLU A 1 18  ? -2.690  -10.308 11.848  1.00 42.18  ? 57  GLU A N   1 
ATOM   143  C CA  . GLU A 1 18  ? -2.691  -11.617 12.557  1.00 48.19  ? 57  GLU A CA  1 
ATOM   144  C C   . GLU A 1 18  ? -3.913  -12.439 12.116  1.00 48.29  ? 57  GLU A C   1 
ATOM   145  O O   . GLU A 1 18  ? -3.842  -13.677 12.228  1.00 52.19  ? 57  GLU A O   1 
ATOM   146  C CB  . GLU A 1 18  ? -2.490  -11.462 14.065  1.00 54.45  ? 57  GLU A CB  1 
ATOM   147  C CG  . GLU A 1 18  ? -3.650  -10.876 14.832  1.00 61.46  ? 57  GLU A CG  1 
ATOM   148  C CD  . GLU A 1 18  ? -3.258  -10.456 16.248  1.00 75.48  ? 57  GLU A CD  1 
ATOM   149  O OE1 . GLU A 1 18  ? -2.067  -10.645 16.626  1.00 75.66  ? 57  GLU A OE1 1 
ATOM   150  O OE2 . GLU A 1 18  ? -4.134  -9.922  16.974  1.00 74.40  ? 57  GLU A OE2 1 
ATOM   151  N N   . LEU A 1 19  ? -4.946  -11.811 11.552  1.00 44.23  ? 58  LEU A N   1 
ATOM   152  C CA  . LEU A 1 19  ? -6.091  -12.546 10.952  1.00 44.70  ? 58  LEU A CA  1 
ATOM   153  C C   . LEU A 1 19  ? -5.787  -12.898 9.491   1.00 43.19  ? 58  LEU A C   1 
ATOM   154  O O   . LEU A 1 19  ? -6.606  -13.640 8.903   1.00 38.59  ? 58  LEU A O   1 
ATOM   155  C CB  . LEU A 1 19  ? -7.368  -11.703 11.036  1.00 46.19  ? 58  LEU A CB  1 
ATOM   156  C CG  . LEU A 1 19  ? -7.736  -11.154 12.416  1.00 46.86  ? 58  LEU A CG  1 
ATOM   157  C CD1 . LEU A 1 19  ? -8.986  -10.296 12.321  1.00 49.24  ? 58  LEU A CD1 1 
ATOM   158  C CD2 . LEU A 1 19  ? -7.938  -12.273 13.420  1.00 47.24  ? 58  LEU A CD2 1 
ATOM   159  N N   . THR A 1 20  ? -4.674  -12.396 8.932   1.00 37.95  ? 59  THR A N   1 
ATOM   160  C CA  . THR A 1 20  ? -4.467  -12.230 7.474   1.00 35.84  ? 59  THR A CA  1 
ATOM   161  C C   . THR A 1 20  ? -5.391  -11.102 7.011   1.00 38.22  ? 59  THR A C   1 
ATOM   162  O O   . THR A 1 20  ? -6.638  -11.275 7.101   1.00 38.49  ? 59  THR A O   1 
ATOM   163  C CB  . THR A 1 20  ? -4.762  -13.521 6.695   1.00 40.31  ? 59  THR A CB  1 
ATOM   164  O OG1 . THR A 1 20  ? -3.919  -14.558 7.211   1.00 40.21  ? 59  THR A OG1 1 
ATOM   165  C CG2 . THR A 1 20  ? -4.546  -13.354 5.203   1.00 36.48  ? 59  THR A CG2 1 
ATOM   166  N N   . ASN A 1 21  ? -4.815  -9.990  6.545   1.00 35.63  ? 60  ASN A N   1 
ATOM   167  C CA  . ASN A 1 21  ? -5.556  -8.755  6.186   1.00 33.44  ? 60  ASN A CA  1 
ATOM   168  C C   . ASN A 1 21  ? -6.084  -8.867  4.744   1.00 36.17  ? 60  ASN A C   1 
ATOM   169  O O   . ASN A 1 21  ? -5.456  -9.555  3.895   1.00 35.26  ? 60  ASN A O   1 
ATOM   170  C CB  . ASN A 1 21  ? -4.682  -7.523  6.434   1.00 36.32  ? 60  ASN A CB  1 
ATOM   171  C CG  . ASN A 1 21  ? -5.405  -6.188  6.362   1.00 34.57  ? 60  ASN A CG  1 
ATOM   172  O OD1 . ASN A 1 21  ? -6.625  -6.112  6.249   1.00 31.98  ? 60  ASN A OD1 1 
ATOM   173  N ND2 . ASN A 1 21  ? -4.640  -5.117  6.443   1.00 40.06  ? 60  ASN A ND2 1 
ATOM   174  N N   . GLU A 1 22  ? -7.223  -8.228  4.484   1.00 34.00  ? 61  GLU A N   1 
ATOM   175  C CA  . GLU A 1 22  ? -7.977  -8.307  3.202   1.00 37.03  ? 61  GLU A CA  1 
ATOM   176  C C   . GLU A 1 22  ? -8.360  -6.878  2.811   1.00 35.28  ? 61  GLU A C   1 
ATOM   177  O O   . GLU A 1 22  ? -8.720  -6.083  3.705   1.00 34.99  ? 61  GLU A O   1 
ATOM   178  C CB  . GLU A 1 22  ? -9.234  -9.190  3.312   1.00 37.92  ? 61  GLU A CB  1 
ATOM   179  C CG  . GLU A 1 22  ? -8.972  -10.631 3.719   1.00 38.08  ? 61  GLU A CG  1 
ATOM   180  C CD  . GLU A 1 22  ? -10.232 -11.472 3.890   1.00 41.95  ? 61  GLU A CD  1 
ATOM   181  O OE1 . GLU A 1 22  ? -10.289 -12.311 4.813   1.00 42.26  ? 61  GLU A OE1 1 
ATOM   182  O OE2 . GLU A 1 22  ? -11.142 -11.305 3.086   1.00 39.69  ? 61  GLU A OE2 1 
ATOM   183  N N   . MET A 1 23  ? -8.236  -6.544  1.534   1.00 38.52  ? 62  MET A N   1 
ATOM   184  C CA  . MET A 1 23  ? -8.687  -5.240  1.001   1.00 39.63  ? 62  MET A CA  1 
ATOM   185  C C   . MET A 1 23  ? -9.611  -5.544  -0.176  1.00 41.92  ? 62  MET A C   1 
ATOM   186  O O   . MET A 1 23  ? -9.251  -6.384  -1.027  1.00 40.29  ? 62  MET A O   1 
ATOM   187  C CB  . MET A 1 23  ? -7.515  -4.360  0.553   1.00 39.83  ? 62  MET A CB  1 
ATOM   188  C CG  . MET A 1 23  ? -6.593  -3.981  1.699   1.00 40.87  ? 62  MET A CG  1 
ATOM   189  S SD  . MET A 1 23  ? -7.236  -2.683  2.780   1.00 40.56  ? 62  MET A SD  1 
ATOM   190  C CE  . MET A 1 23  ? -5.887  -2.545  3.954   1.00 42.96  ? 62  MET A CE  1 
ATOM   191  N N   . ILE A 1 24  ? -10.781 -4.915  -0.173  1.00 40.01  ? 63  ILE A N   1 
ATOM   192  C CA  . ILE A 1 24  ? -11.803 -5.032  -1.248  1.00 40.90  ? 63  ILE A CA  1 
ATOM   193  C C   . ILE A 1 24  ? -11.259 -4.333  -2.494  1.00 43.69  ? 63  ILE A C   1 
ATOM   194  O O   . ILE A 1 24  ? -10.680 -3.223  -2.368  1.00 42.42  ? 63  ILE A O   1 
ATOM   195  C CB  . ILE A 1 24  ? -13.148 -4.440  -0.796  1.00 44.93  ? 63  ILE A CB  1 
ATOM   196  C CG1 . ILE A 1 24  ? -13.620 -5.048  0.526   1.00 47.70  ? 63  ILE A CG1 1 
ATOM   197  C CG2 . ILE A 1 24  ? -14.197 -4.587  -1.893  1.00 46.03  ? 63  ILE A CG2 1 
ATOM   198  C CD1 . ILE A 1 24  ? -14.251 -6.392  0.382   1.00 46.55  ? 63  ILE A CD1 1 
ATOM   199  N N   . VAL A 1 25  ? -11.373 -4.993  -3.647  1.00 44.34  ? 64  VAL A N   1 
ATOM   200  C CA  . VAL A 1 25  ? -11.169 -4.371  -4.983  1.00 47.99  ? 64  VAL A CA  1 
ATOM   201  C C   . VAL A 1 25  ? -12.520 -4.396  -5.702  1.00 47.73  ? 64  VAL A C   1 
ATOM   202  O O   . VAL A 1 25  ? -13.251 -5.358  -5.509  1.00 51.74  ? 64  VAL A O   1 
ATOM   203  C CB  . VAL A 1 25  ? -10.050 -5.062  -5.784  1.00 49.13  ? 64  VAL A CB  1 
ATOM   204  C CG1 . VAL A 1 25  ? -8.686  -4.782  -5.154  1.00 44.91  ? 64  VAL A CG1 1 
ATOM   205  C CG2 . VAL A 1 25  ? -10.289 -6.558  -5.957  1.00 47.93  ? 64  VAL A CG2 1 
ATOM   206  N N   . THR A 1 26  ? -12.851 -3.333  -6.435  1.00 51.90  ? 65  THR A N   1 
ATOM   207  C CA  . THR A 1 26  ? -14.132 -3.189  -7.183  1.00 51.88  ? 65  THR A CA  1 
ATOM   208  C C   . THR A 1 26  ? -13.872 -2.564  -8.552  1.00 55.43  ? 65  THR A C   1 
ATOM   209  O O   . THR A 1 26  ? -12.712 -2.208  -8.846  1.00 47.17  ? 65  THR A O   1 
ATOM   210  C CB  . THR A 1 26  ? -15.155 -2.358  -6.405  1.00 49.07  ? 65  THR A CB  1 
ATOM   211  O OG1 . THR A 1 26  ? -14.623 -1.042  -6.198  1.00 45.10  ? 65  THR A OG1 1 
ATOM   212  C CG2 . THR A 1 26  ? -15.526 -3.014  -5.094  1.00 47.86  ? 65  THR A CG2 1 
ATOM   213  N N   . LYS A 1 27  ? -14.930 -2.505  -9.359  1.00 61.79  ? 66  LYS A N   1 
ATOM   214  C CA  . LYS A 1 27  ? -14.940 -1.916  -10.722 1.00 65.08  ? 66  LYS A CA  1 
ATOM   215  C C   . LYS A 1 27  ? -14.452 -0.464  -10.645 1.00 54.30  ? 66  LYS A C   1 
ATOM   216  O O   . LYS A 1 27  ? -13.512 -0.132  -11.379 1.00 54.06  ? 66  LYS A O   1 
ATOM   217  C CB  . LYS A 1 27  ? -16.351 -2.006  -11.316 1.00 69.14  ? 66  LYS A CB  1 
ATOM   218  C CG  . LYS A 1 27  ? -16.437 -1.788  -12.818 1.00 78.00  ? 66  LYS A CG  1 
ATOM   219  C CD  . LYS A 1 27  ? -17.759 -2.218  -13.410 1.00 84.92  ? 66  LYS A CD  1 
ATOM   220  C CE  . LYS A 1 27  ? -17.718 -2.375  -14.917 1.00 98.22  ? 66  LYS A CE  1 
ATOM   221  N NZ  . LYS A 1 27  ? -16.992 -1.262  -15.580 1.00 102.98 ? 66  LYS A NZ  1 
ATOM   222  N N   . ASN A 1 28  ? -15.044 0.335   -9.759  1.00 46.79  ? 67  ASN A N   1 
ATOM   223  C CA  . ASN A 1 28  ? -14.839 1.806   -9.677  1.00 59.31  ? 67  ASN A CA  1 
ATOM   224  C C   . ASN A 1 28  ? -13.753 2.163   -8.654  1.00 62.79  ? 67  ASN A C   1 
ATOM   225  O O   . ASN A 1 28  ? -13.357 3.352   -8.618  1.00 66.55  ? 67  ASN A O   1 
ATOM   226  C CB  . ASN A 1 28  ? -16.157 2.520   -9.373  1.00 59.99  ? 67  ASN A CB  1 
ATOM   227  C CG  . ASN A 1 28  ? -17.175 2.326   -10.481 1.00 56.69  ? 67  ASN A CG  1 
ATOM   228  O OD1 . ASN A 1 28  ? -16.808 2.165   -11.646 1.00 58.55  ? 67  ASN A OD1 1 
ATOM   229  N ND2 . ASN A 1 28  ? -18.449 2.331   -10.123 1.00 49.35  ? 67  ASN A ND2 1 
ATOM   230  N N   . GLY A 1 29  ? -13.298 1.193   -7.851  1.00 62.80  ? 68  GLY A N   1 
ATOM   231  C CA  . GLY A 1 29  ? -12.154 1.347   -6.929  1.00 59.45  ? 68  GLY A CA  1 
ATOM   232  C C   . GLY A 1 29  ? -12.610 1.608   -5.506  1.00 57.05  ? 68  GLY A C   1 
ATOM   233  O O   . GLY A 1 29  ? -13.621 2.288   -5.345  1.00 50.98  ? 68  GLY A O   1 
ATOM   234  N N   . ARG A 1 30  ? -11.865 1.119   -4.508  1.00 50.59  ? 69  ARG A N   1 
ATOM   235  C CA  . ARG A 1 30  ? -12.259 1.184   -3.079  1.00 50.64  ? 69  ARG A CA  1 
ATOM   236  C C   . ARG A 1 30  ? -11.074 1.673   -2.237  1.00 50.79  ? 69  ARG A C   1 
ATOM   237  O O   . ARG A 1 30  ? -10.028 1.017   -2.254  1.00 45.68  ? 69  ARG A O   1 
ATOM   238  C CB  . ARG A 1 30  ? -12.737 -0.200  -2.641  1.00 53.24  ? 69  ARG A CB  1 
ATOM   239  C CG  . ARG A 1 30  ? -13.253 -0.260  -1.210  1.00 59.47  ? 69  ARG A CG  1 
ATOM   240  C CD  . ARG A 1 30  ? -14.578 0.440   -1.002  1.00 59.68  ? 69  ARG A CD  1 
ATOM   241  N NE  . ARG A 1 30  ? -15.638 -0.188  -1.776  1.00 65.79  ? 69  ARG A NE  1 
ATOM   242  C CZ  . ARG A 1 30  ? -16.412 -1.194  -1.368  1.00 63.03  ? 69  ARG A CZ  1 
ATOM   243  N NH1 . ARG A 1 30  ? -17.343 -1.660  -2.181  1.00 66.21  ? 69  ARG A NH1 1 
ATOM   244  N NH2 . ARG A 1 30  ? -16.257 -1.741  -0.171  1.00 61.45  ? 69  ARG A NH2 1 
ATOM   245  N N   . ARG A 1 31  ? -11.243 2.771   -1.502  1.00 51.89  ? 70  ARG A N   1 
ATOM   246  C CA  . ARG A 1 31  ? -10.245 3.261   -0.509  1.00 49.33  ? 70  ARG A CA  1 
ATOM   247  C C   . ARG A 1 31  ? -9.893  2.120   0.457   1.00 49.26  ? 70  ARG A C   1 
ATOM   248  O O   . ARG A 1 31  ? -10.725 1.217   0.678   1.00 41.12  ? 70  ARG A O   1 
ATOM   249  C CB  . ARG A 1 31  ? -10.767 4.491   0.239   1.00 53.08  ? 70  ARG A CB  1 
ATOM   250  C CG  . ARG A 1 31  ? -10.713 5.778   -0.577  1.00 59.72  ? 70  ARG A CG  1 
ATOM   251  C CD  . ARG A 1 31  ? -11.205 6.992   0.202   1.00 62.89  ? 70  ARG A CD  1 
ATOM   252  N NE  . ARG A 1 31  ? -12.618 6.869   0.534   1.00 74.85  ? 70  ARG A NE  1 
ATOM   253  C CZ  . ARG A 1 31  ? -13.623 7.048   -0.329  1.00 80.22  ? 70  ARG A CZ  1 
ATOM   254  N NH1 . ARG A 1 31  ? -13.375 7.380   -1.586  1.00 77.25  ? 70  ARG A NH1 1 
ATOM   255  N NH2 . ARG A 1 31  ? -14.879 6.903   0.067   1.00 81.06  ? 70  ARG A NH2 1 
ATOM   256  N N   . MET A 1 32  ? -8.689  2.161   1.017   1.00 45.92  ? 71  MET A N   1 
ATOM   257  C CA  . MET A 1 32  ? -8.181  1.120   1.942   1.00 40.59  ? 71  MET A CA  1 
ATOM   258  C C   . MET A 1 32  ? -8.570  1.453   3.384   1.00 39.91  ? 71  MET A C   1 
ATOM   259  O O   . MET A 1 32  ? -8.631  2.638   3.734   1.00 42.09  ? 71  MET A O   1 
ATOM   260  C CB  . MET A 1 32  ? -6.659  1.043   1.865   1.00 42.98  ? 71  MET A CB  1 
ATOM   261  C CG  . MET A 1 32  ? -6.106  0.713   0.483   1.00 43.71  ? 71  MET A CG  1 
ATOM   262  S SD  . MET A 1 32  ? -4.309  0.862   0.530   1.00 42.40  ? 71  MET A SD  1 
ATOM   263  C CE  . MET A 1 32  ? -3.965  -0.375  1.785   1.00 37.01  ? 71  MET A CE  1 
ATOM   264  N N   . PHE A 1 33  ? -8.708  0.421   4.216   1.00 40.13  ? 72  PHE A N   1 
ATOM   265  C CA  . PHE A 1 33  ? -8.716  0.530   5.691   1.00 41.33  ? 72  PHE A CA  1 
ATOM   266  C C   . PHE A 1 33  ? -8.007  -0.669  6.300   1.00 39.77  ? 72  PHE A C   1 
ATOM   267  O O   . PHE A 1 33  ? -8.403  -1.788  6.031   1.00 43.65  ? 72  PHE A O   1 
ATOM   268  C CB  . PHE A 1 33  ? -10.123 0.598   6.293   1.00 45.34  ? 72  PHE A CB  1 
ATOM   269  C CG  . PHE A 1 33  ? -10.011 0.932   7.755   1.00 45.23  ? 72  PHE A CG  1 
ATOM   270  C CD1 . PHE A 1 33  ? -9.856  2.251   8.166   1.00 45.10  ? 72  PHE A CD1 1 
ATOM   271  C CD2 . PHE A 1 33  ? -9.932  -0.069  8.702   1.00 45.98  ? 72  PHE A CD2 1 
ATOM   272  C CE1 . PHE A 1 33  ? -9.679  2.560   9.505   1.00 46.36  ? 72  PHE A CE1 1 
ATOM   273  C CE2 . PHE A 1 33  ? -9.775  0.245   10.045  1.00 48.35  ? 72  PHE A CE2 1 
ATOM   274  C CZ  . PHE A 1 33  ? -9.637  1.555   10.442  1.00 48.77  ? 72  PHE A CZ  1 
ATOM   275  N N   . PRO A 1 34  ? -6.995  -0.472  7.174   1.00 39.95  ? 73  PRO A N   1 
ATOM   276  C CA  . PRO A 1 34  ? -6.534  0.869   7.538   1.00 42.07  ? 73  PRO A CA  1 
ATOM   277  C C   . PRO A 1 34  ? -5.956  1.633   6.335   1.00 40.08  ? 73  PRO A C   1 
ATOM   278  O O   . PRO A 1 34  ? -5.701  1.036   5.302   1.00 33.92  ? 73  PRO A O   1 
ATOM   279  C CB  . PRO A 1 34  ? -5.432  0.619   8.585   1.00 46.18  ? 73  PRO A CB  1 
ATOM   280  C CG  . PRO A 1 34  ? -5.686  -0.806  9.089   1.00 45.20  ? 73  PRO A CG  1 
ATOM   281  C CD  . PRO A 1 34  ? -6.262  -1.528  7.887   1.00 46.13  ? 73  PRO A CD  1 
ATOM   282  N N   . VAL A 1 35  ? -5.779  2.937   6.509   1.00 42.78  ? 74  VAL A N   1 
ATOM   283  C CA  . VAL A 1 35  ? -5.043  3.831   5.577   1.00 44.98  ? 74  VAL A CA  1 
ATOM   284  C C   . VAL A 1 35  ? -3.544  3.726   5.883   1.00 43.91  ? 74  VAL A C   1 
ATOM   285  O O   . VAL A 1 35  ? -3.158  3.749   7.074   1.00 40.98  ? 74  VAL A O   1 
ATOM   286  C CB  . VAL A 1 35  ? -5.545  5.287   5.698   1.00 53.67  ? 74  VAL A CB  1 
ATOM   287  C CG1 . VAL A 1 35  ? -4.741  6.219   4.808   1.00 57.42  ? 74  VAL A CG1 1 
ATOM   288  C CG2 . VAL A 1 35  ? -7.036  5.415   5.402   1.00 52.83  ? 74  VAL A CG2 1 
ATOM   289  N N   . LEU A 1 36  ? -2.720  3.609   4.842   1.00 41.53  ? 75  LEU A N   1 
ATOM   290  C CA  . LEU A 1 36  ? -1.246  3.648   4.995   1.00 42.05  ? 75  LEU A CA  1 
ATOM   291  C C   . LEU A 1 36  ? -0.843  5.089   5.321   1.00 39.45  ? 75  LEU A C   1 
ATOM   292  O O   . LEU A 1 36  ? -1.114  5.993   4.489   1.00 34.57  ? 75  LEU A O   1 
ATOM   293  C CB  . LEU A 1 36  ? -0.574  3.152   3.718   1.00 43.10  ? 75  LEU A CB  1 
ATOM   294  C CG  . LEU A 1 36  ? 0.937   3.062   3.814   1.00 46.76  ? 75  LEU A CG  1 
ATOM   295  C CD1 . LEU A 1 36  ? 1.349   1.875   4.669   1.00 49.85  ? 75  LEU A CD1 1 
ATOM   296  C CD2 . LEU A 1 36  ? 1.557   2.981   2.424   1.00 52.25  ? 75  LEU A CD2 1 
ATOM   297  N N   . LYS A 1 37  ? -0.265  5.292   6.504   1.00 40.14  ? 76  LYS A N   1 
ATOM   298  C CA  . LYS A 1 37  ? 0.353   6.577   6.922   1.00 37.25  ? 76  LYS A CA  1 
ATOM   299  C C   . LYS A 1 37  ? 1.767   6.319   7.424   1.00 37.01  ? 76  LYS A C   1 
ATOM   300  O O   . LYS A 1 37  ? 1.999   5.306   8.147   1.00 29.26  ? 76  LYS A O   1 
ATOM   301  C CB  . LYS A 1 37  ? -0.490  7.239   8.011   1.00 43.42  ? 76  LYS A CB  1 
ATOM   302  C CG  . LYS A 1 37  ? -1.988  7.225   7.768   1.00 51.53  ? 76  LYS A CG  1 
ATOM   303  C CD  . LYS A 1 37  ? -2.785  7.985   8.819   1.00 59.76  ? 76  LYS A CD  1 
ATOM   304  C CE  . LYS A 1 37  ? -4.230  7.542   8.902   1.00 68.24  ? 76  LYS A CE  1 
ATOM   305  N NZ  . LYS A 1 37  ? -4.348  6.165   9.441   1.00 78.13  ? 76  LYS A NZ  1 
ATOM   306  N N   . VAL A 1 38  ? 2.699   7.206   7.079   1.00 32.47  ? 77  VAL A N   1 
ATOM   307  C CA  . VAL A 1 38  ? 4.102   7.074   7.561   1.00 38.41  ? 77  VAL A CA  1 
ATOM   308  C C   . VAL A 1 38  ? 4.575   8.406   8.143   1.00 36.39  ? 77  VAL A C   1 
ATOM   309  O O   . VAL A 1 38  ? 4.049   9.509   7.744   1.00 31.71  ? 77  VAL A O   1 
ATOM   310  C CB  . VAL A 1 38  ? 5.042   6.551   6.458   1.00 38.00  ? 77  VAL A CB  1 
ATOM   311  C CG1 . VAL A 1 38  ? 4.628   5.163   6.016   1.00 40.89  ? 77  VAL A CG1 1 
ATOM   312  C CG2 . VAL A 1 38  ? 5.129   7.481   5.265   1.00 34.48  ? 77  VAL A CG2 1 
ATOM   313  N N   . ASN A 1 39  ? 5.495   8.306   9.091   1.00 34.64  ? 78  ASN A N   1 
ATOM   314  C CA  . ASN A 1 39  ? 6.233   9.494   9.601   1.00 39.32  ? 78  ASN A CA  1 
ATOM   315  C C   . ASN A 1 39  ? 7.645   9.461   8.987   1.00 41.30  ? 78  ASN A C   1 
ATOM   316  O O   . ASN A 1 39  ? 8.210   8.346   8.805   1.00 41.13  ? 78  ASN A O   1 
ATOM   317  C CB  . ASN A 1 39  ? 6.170   9.565   11.123  1.00 41.16  ? 78  ASN A CB  1 
ATOM   318  C CG  . ASN A 1 39  ? 6.678   8.297   11.776  1.00 52.14  ? 78  ASN A CG  1 
ATOM   319  O OD1 . ASN A 1 39  ? 7.875   7.994   11.711  1.00 55.54  ? 78  ASN A OD1 1 
ATOM   320  N ND2 . ASN A 1 39  ? 5.777   7.554   12.403  1.00 48.14  ? 78  ASN A ND2 1 
ATOM   321  N N   . VAL A 1 40  ? 8.174   10.638  8.653   1.00 37.13  ? 79  VAL A N   1 
ATOM   322  C CA  . VAL A 1 40  ? 9.461   10.802  7.929   1.00 35.41  ? 79  VAL A CA  1 
ATOM   323  C C   . VAL A 1 40  ? 10.381  11.731  8.727   1.00 37.20  ? 79  VAL A C   1 
ATOM   324  O O   . VAL A 1 40  ? 9.920   12.821  9.116   1.00 42.32  ? 79  VAL A O   1 
ATOM   325  C CB  . VAL A 1 40  ? 9.236   11.345  6.504   1.00 32.69  ? 79  VAL A CB  1 
ATOM   326  C CG1 . VAL A 1 40  ? 10.543  11.413  5.754   1.00 30.16  ? 79  VAL A CG1 1 
ATOM   327  C CG2 . VAL A 1 40  ? 8.223   10.515  5.720   1.00 33.20  ? 79  VAL A CG2 1 
ATOM   328  N N   . SER A 1 41  ? 11.622  11.298  8.962   1.00 35.61  ? 80  SER A N   1 
ATOM   329  C CA  . SER A 1 41  ? 12.732  12.138  9.479   1.00 37.73  ? 80  SER A CA  1 
ATOM   330  C C   . SER A 1 41  ? 13.974  11.914  8.610   1.00 37.57  ? 80  SER A C   1 
ATOM   331  O O   . SER A 1 41  ? 14.078  10.818  8.058   1.00 34.19  ? 80  SER A O   1 
ATOM   332  C CB  . SER A 1 41  ? 12.999  11.834  10.927  1.00 40.10  ? 80  SER A CB  1 
ATOM   333  O OG  . SER A 1 41  ? 13.424  10.489  11.113  1.00 40.65  ? 80  SER A OG  1 
ATOM   334  N N   . GLY A 1 42  ? 14.849  12.922  8.483   1.00 38.00  ? 81  GLY A N   1 
ATOM   335  C CA  . GLY A 1 42  ? 16.155  12.819  7.789   1.00 41.27  ? 81  GLY A CA  1 
ATOM   336  C C   . GLY A 1 42  ? 16.081  13.110  6.297   1.00 42.19  ? 81  GLY A C   1 
ATOM   337  O O   . GLY A 1 42  ? 17.026  12.755  5.561   1.00 37.39  ? 81  GLY A O   1 
ATOM   338  N N   . LEU A 1 43  ? 14.989  13.698  5.820   1.00 40.38  ? 82  LEU A N   1 
ATOM   339  C CA  . LEU A 1 43  ? 14.973  14.323  4.473   1.00 38.40  ? 82  LEU A CA  1 
ATOM   340  C C   . LEU A 1 43  ? 15.708  15.665  4.578   1.00 38.44  ? 82  LEU A C   1 
ATOM   341  O O   . LEU A 1 43  ? 15.823  16.192  5.701   1.00 36.12  ? 82  LEU A O   1 
ATOM   342  C CB  . LEU A 1 43  ? 13.535  14.526  3.990   1.00 38.72  ? 82  LEU A CB  1 
ATOM   343  C CG  . LEU A 1 43  ? 12.819  13.300  3.435   1.00 40.66  ? 82  LEU A CG  1 
ATOM   344  C CD1 . LEU A 1 43  ? 11.402  13.651  3.028   1.00 43.22  ? 82  LEU A CD1 1 
ATOM   345  C CD2 . LEU A 1 43  ? 13.558  12.683  2.261   1.00 41.61  ? 82  LEU A CD2 1 
ATOM   346  N N   . ASP A 1 44  ? 16.227  16.179  3.465   1.00 40.70  ? 83  ASP A N   1 
ATOM   347  C CA  . ASP A 1 44  ? 16.698  17.583  3.407   1.00 40.37  ? 83  ASP A CA  1 
ATOM   348  C C   . ASP A 1 44  ? 15.449  18.444  3.482   1.00 37.32  ? 83  ASP A C   1 
ATOM   349  O O   . ASP A 1 44  ? 14.617  18.354  2.586   1.00 41.57  ? 83  ASP A O   1 
ATOM   350  C CB  . ASP A 1 44  ? 17.461  17.876  2.115   1.00 40.98  ? 83  ASP A CB  1 
ATOM   351  C CG  . ASP A 1 44  ? 18.147  19.229  2.165   1.00 43.52  ? 83  ASP A CG  1 
ATOM   352  O OD1 . ASP A 1 44  ? 17.727  20.065  2.985   1.00 37.71  ? 83  ASP A OD1 1 
ATOM   353  O OD2 . ASP A 1 44  ? 19.119  19.420  1.421   1.00 50.47  ? 83  ASP A OD2 1 
ATOM   354  N N   . PRO A 1 45  ? 15.214  19.212  4.566   1.00 37.44  ? 84  PRO A N   1 
ATOM   355  C CA  . PRO A 1 45  ? 14.000  20.022  4.664   1.00 37.93  ? 84  PRO A CA  1 
ATOM   356  C C   . PRO A 1 45  ? 13.882  21.071  3.557   1.00 37.11  ? 84  PRO A C   1 
ATOM   357  O O   . PRO A 1 45  ? 12.782  21.506  3.302   1.00 39.91  ? 84  PRO A O   1 
ATOM   358  C CB  . PRO A 1 45  ? 14.079  20.695  6.047   1.00 36.76  ? 84  PRO A CB  1 
ATOM   359  C CG  . PRO A 1 45  ? 15.548  20.566  6.455   1.00 40.54  ? 84  PRO A CG  1 
ATOM   360  C CD  . PRO A 1 45  ? 16.057  19.308  5.774   1.00 38.14  ? 84  PRO A CD  1 
ATOM   361  N N   . ASN A 1 46  ? 15.007  21.444  2.940   1.00 40.21  ? 85  ASN A N   1 
ATOM   362  C CA  . ASN A 1 46  ? 15.088  22.491  1.885   1.00 37.81  ? 85  ASN A CA  1 
ATOM   363  C C   . ASN A 1 46  ? 14.810  21.913  0.489   1.00 42.91  ? 85  ASN A C   1 
ATOM   364  O O   . ASN A 1 46  ? 14.468  22.695  -0.406  1.00 45.57  ? 85  ASN A O   1 
ATOM   365  C CB  . ASN A 1 46  ? 16.461  23.154  1.857   1.00 43.04  ? 85  ASN A CB  1 
ATOM   366  C CG  . ASN A 1 46  ? 16.863  23.751  3.189   1.00 45.73  ? 85  ASN A CG  1 
ATOM   367  O OD1 . ASN A 1 46  ? 16.150  24.593  3.729   1.00 49.60  ? 85  ASN A OD1 1 
ATOM   368  N ND2 . ASN A 1 46  ? 17.978  23.292  3.734   1.00 37.00  ? 85  ASN A ND2 1 
ATOM   369  N N   . ALA A 1 47  ? 14.985  20.609  0.285   1.00 41.41  ? 86  ALA A N   1 
ATOM   370  C CA  . ALA A 1 47  ? 14.935  19.976  -1.056  1.00 40.51  ? 86  ALA A CA  1 
ATOM   371  C C   . ALA A 1 47  ? 13.475  19.712  -1.403  1.00 40.50  ? 86  ALA A C   1 
ATOM   372  O O   . ALA A 1 47  ? 12.683  19.747  -0.485  1.00 33.93  ? 86  ALA A O   1 
ATOM   373  C CB  . ALA A 1 47  ? 15.715  18.694  -1.045  1.00 40.29  ? 86  ALA A CB  1 
ATOM   374  N N   . MET A 1 48  ? 13.153  19.422  -2.660  1.00 36.81  ? 87  MET A N   1 
ATOM   375  C CA  . MET A 1 48  ? 11.796  18.924  -2.987  1.00 40.82  ? 87  MET A CA  1 
ATOM   376  C C   . MET A 1 48  ? 11.834  17.443  -3.361  1.00 39.69  ? 87  MET A C   1 
ATOM   377  O O   . MET A 1 48  ? 12.874  16.930  -3.831  1.00 39.79  ? 87  MET A O   1 
ATOM   378  C CB  . MET A 1 48  ? 11.124  19.762  -4.075  1.00 42.74  ? 87  MET A CB  1 
ATOM   379  C CG  . MET A 1 48  ? 10.852  21.168  -3.567  1.00 43.34  ? 87  MET A CG  1 
ATOM   380  S SD  . MET A 1 48  ? 9.894   22.128  -4.701  1.00 47.60  ? 87  MET A SD  1 
ATOM   381  C CE  . MET A 1 48  ? 8.231   21.634  -4.253  1.00 49.96  ? 87  MET A CE  1 
ATOM   382  N N   . TYR A 1 49  ? 10.711  16.787  -3.105  1.00 38.75  ? 88  TYR A N   1 
ATOM   383  C CA  . TYR A 1 49  ? 10.535  15.325  -3.209  1.00 40.32  ? 88  TYR A CA  1 
ATOM   384  C C   . TYR A 1 49  ? 9.091   15.030  -3.590  1.00 43.02  ? 88  TYR A C   1 
ATOM   385  O O   . TYR A 1 49  ? 8.167   15.779  -3.132  1.00 33.84  ? 88  TYR A O   1 
ATOM   386  C CB  . TYR A 1 49  ? 10.800  14.617  -1.880  1.00 38.10  ? 88  TYR A CB  1 
ATOM   387  C CG  . TYR A 1 49  ? 12.151  14.841  -1.251  1.00 41.36  ? 88  TYR A CG  1 
ATOM   388  C CD1 . TYR A 1 49  ? 13.245  14.046  -1.561  1.00 36.34  ? 88  TYR A CD1 1 
ATOM   389  C CD2 . TYR A 1 49  ? 12.313  15.810  -0.272  1.00 42.25  ? 88  TYR A CD2 1 
ATOM   390  C CE1 . TYR A 1 49  ? 14.467  14.243  -0.939  1.00 39.11  ? 88  TYR A CE1 1 
ATOM   391  C CE2 . TYR A 1 49  ? 13.521  16.004  0.374   1.00 42.96  ? 88  TYR A CE2 1 
ATOM   392  C CZ  . TYR A 1 49  ? 14.606  15.212  0.047   1.00 43.28  ? 88  TYR A CZ  1 
ATOM   393  O OH  . TYR A 1 49  ? 15.793  15.433  0.697   1.00 40.74  ? 88  TYR A OH  1 
ATOM   394  N N   . SER A 1 50  ? 8.909   13.968  -4.377  1.00 39.47  ? 89  SER A N   1 
ATOM   395  C CA  . SER A 1 50  ? 7.590   13.343  -4.605  1.00 39.96  ? 89  SER A CA  1 
ATOM   396  C C   . SER A 1 50  ? 7.518   12.023  -3.847  1.00 36.87  ? 89  SER A C   1 
ATOM   397  O O   . SER A 1 50  ? 8.558   11.369  -3.691  1.00 40.36  ? 89  SER A O   1 
ATOM   398  C CB  . SER A 1 50  ? 7.325   13.217  -6.067  1.00 42.15  ? 89  SER A CB  1 
ATOM   399  O OG  . SER A 1 50  ? 7.196   14.525  -6.610  1.00 44.72  ? 89  SER A OG  1 
ATOM   400  N N   . PHE A 1 51  ? 6.334   11.709  -3.335  1.00 36.81  ? 90  PHE A N   1 
ATOM   401  C CA  . PHE A 1 51  ? 5.996   10.427  -2.687  1.00 36.74  ? 90  PHE A CA  1 
ATOM   402  C C   . PHE A 1 51  ? 5.145   9.640   -3.685  1.00 36.77  ? 90  PHE A C   1 
ATOM   403  O O   . PHE A 1 51  ? 4.179   10.207  -4.207  1.00 35.41  ? 90  PHE A O   1 
ATOM   404  C CB  . PHE A 1 51  ? 5.329   10.670  -1.334  1.00 34.10  ? 90  PHE A CB  1 
ATOM   405  C CG  . PHE A 1 51  ? 6.285   10.913  -0.197  1.00 32.64  ? 90  PHE A CG  1 
ATOM   406  C CD1 . PHE A 1 51  ? 6.294   10.064  0.909   1.00 35.28  ? 90  PHE A CD1 1 
ATOM   407  C CD2 . PHE A 1 51  ? 7.156   11.994  -0.212  1.00 30.81  ? 90  PHE A CD2 1 
ATOM   408  C CE1 . PHE A 1 51  ? 7.149   10.288  1.979   1.00 33.30  ? 90  PHE A CE1 1 
ATOM   409  C CE2 . PHE A 1 51  ? 8.036   12.208  0.847   1.00 34.19  ? 90  PHE A CE2 1 
ATOM   410  C CZ  . PHE A 1 51  ? 8.026   11.366  1.948   1.00 34.07  ? 90  PHE A CZ  1 
ATOM   411  N N   . LEU A 1 52  ? 5.583   8.417   -3.993  1.00 35.74  ? 91  LEU A N   1 
ATOM   412  C CA  . LEU A 1 52  ? 4.921   7.438   -4.887  1.00 39.86  ? 91  LEU A CA  1 
ATOM   413  C C   . LEU A 1 52  ? 4.593   6.213   -4.042  1.00 36.61  ? 91  LEU A C   1 
ATOM   414  O O   . LEU A 1 52  ? 5.362   5.927   -3.116  1.00 33.90  ? 91  LEU A O   1 
ATOM   415  C CB  . LEU A 1 52  ? 5.867   7.036   -6.018  1.00 42.05  ? 91  LEU A CB  1 
ATOM   416  C CG  . LEU A 1 52  ? 5.940   7.934   -7.247  1.00 52.06  ? 91  LEU A CG  1 
ATOM   417  C CD1 . LEU A 1 52  ? 5.904   9.406   -6.891  1.00 48.36  ? 91  LEU A CD1 1 
ATOM   418  C CD2 . LEU A 1 52  ? 7.197   7.596   -8.046  1.00 51.92  ? 91  LEU A CD2 1 
ATOM   419  N N   . LEU A 1 53  ? 3.497   5.530   -4.356  1.00 37.62  ? 92  LEU A N   1 
ATOM   420  C CA  . LEU A 1 53  ? 3.110   4.265   -3.693  1.00 38.44  ? 92  LEU A CA  1 
ATOM   421  C C   . LEU A 1 53  ? 2.807   3.206   -4.760  1.00 37.18  ? 92  LEU A C   1 
ATOM   422  O O   . LEU A 1 53  ? 2.047   3.493   -5.692  1.00 32.20  ? 92  LEU A O   1 
ATOM   423  C CB  . LEU A 1 53  ? 1.900   4.534   -2.796  1.00 43.25  ? 92  LEU A CB  1 
ATOM   424  C CG  . LEU A 1 53  ? 1.097   3.303   -2.390  1.00 42.89  ? 92  LEU A CG  1 
ATOM   425  C CD1 . LEU A 1 53  ? 1.860   2.503   -1.337  1.00 46.02  ? 92  LEU A CD1 1 
ATOM   426  C CD2 . LEU A 1 53  ? -0.297  3.696   -1.899  1.00 42.60  ? 92  LEU A CD2 1 
ATOM   427  N N   . ASP A 1 54  ? 3.369   2.009   -4.609  1.00 36.35  ? 93  ASP A N   1 
ATOM   428  C CA  . ASP A 1 54  ? 2.927   0.839   -5.409  1.00 38.59  ? 93  ASP A CA  1 
ATOM   429  C C   . ASP A 1 54  ? 2.791   -0.362  -4.473  1.00 36.51  ? 93  ASP A C   1 
ATOM   430  O O   . ASP A 1 54  ? 3.178   -0.254  -3.291  1.00 35.19  ? 93  ASP A O   1 
ATOM   431  C CB  . ASP A 1 54  ? 3.858   0.568   -6.598  1.00 39.19  ? 93  ASP A CB  1 
ATOM   432  C CG  . ASP A 1 54  ? 5.280   0.201   -6.216  1.00 41.06  ? 93  ASP A CG  1 
ATOM   433  O OD1 . ASP A 1 54  ? 5.614   0.314   -5.026  1.00 42.41  ? 93  ASP A OD1 1 
ATOM   434  O OD2 . ASP A 1 54  ? 6.051   -0.172  -7.108  1.00 41.93  ? 93  ASP A OD2 1 
ATOM   435  N N   . PHE A 1 55  ? 2.263   -1.449  -5.028  1.00 39.93  ? 94  PHE A N   1 
ATOM   436  C CA  . PHE A 1 55  ? 1.892   -2.713  -4.358  1.00 39.07  ? 94  PHE A CA  1 
ATOM   437  C C   . PHE A 1 55  ? 2.642   -3.850  -5.058  1.00 41.19  ? 94  PHE A C   1 
ATOM   438  O O   . PHE A 1 55  ? 2.440   -4.070  -6.264  1.00 46.03  ? 94  PHE A O   1 
ATOM   439  C CB  . PHE A 1 55  ? 0.366   -2.875  -4.407  1.00 37.56  ? 94  PHE A CB  1 
ATOM   440  C CG  . PHE A 1 55  ? -0.396  -1.808  -3.654  1.00 35.01  ? 94  PHE A CG  1 
ATOM   441  C CD1 . PHE A 1 55  ? -0.886  -2.043  -2.375  1.00 34.29  ? 94  PHE A CD1 1 
ATOM   442  C CD2 . PHE A 1 55  ? -0.583  -0.547  -4.199  1.00 37.67  ? 94  PHE A CD2 1 
ATOM   443  C CE1 . PHE A 1 55  ? -1.549  -1.048  -1.672  1.00 34.81  ? 94  PHE A CE1 1 
ATOM   444  C CE2 . PHE A 1 55  ? -1.280  0.440   -3.517  1.00 35.33  ? 94  PHE A CE2 1 
ATOM   445  C CZ  . PHE A 1 55  ? -1.757  0.189   -2.249  1.00 37.80  ? 94  PHE A CZ  1 
ATOM   446  N N   . VAL A 1 56  ? 3.490   -4.544  -4.312  1.00 41.54  ? 95  VAL A N   1 
ATOM   447  C CA  . VAL A 1 56  ? 4.379   -5.621  -4.827  1.00 39.65  ? 95  VAL A CA  1 
ATOM   448  C C   . VAL A 1 56  ? 3.737   -6.968  -4.499  1.00 37.96  ? 95  VAL A C   1 
ATOM   449  O O   . VAL A 1 56  ? 3.377   -7.182  -3.349  1.00 35.32  ? 95  VAL A O   1 
ATOM   450  C CB  . VAL A 1 56  ? 5.777   -5.521  -4.196  1.00 42.09  ? 95  VAL A CB  1 
ATOM   451  C CG1 . VAL A 1 56  ? 6.691   -6.617  -4.720  1.00 40.62  ? 95  VAL A CG1 1 
ATOM   452  C CG2 . VAL A 1 56  ? 6.397   -4.139  -4.397  1.00 43.19  ? 95  VAL A CG2 1 
ATOM   453  N N   . ALA A 1 57  ? 3.614   -7.831  -5.495  1.00 36.80  ? 96  ALA A N   1 
ATOM   454  C CA  . ALA A 1 57  ? 3.183   -9.235  -5.364  1.00 43.59  ? 96  ALA A CA  1 
ATOM   455  C C   . ALA A 1 57  ? 4.107   -9.938  -4.371  1.00 44.03  ? 96  ALA A C   1 
ATOM   456  O O   . ALA A 1 57  ? 5.292   -9.926  -4.607  1.00 41.02  ? 96  ALA A O   1 
ATOM   457  C CB  . ALA A 1 57  ? 3.237   -9.891  -6.713  1.00 41.03  ? 96  ALA A CB  1 
ATOM   458  N N   . ALA A 1 58  ? 3.574   -10.528 -3.304  1.00 44.36  ? 97  ALA A N   1 
ATOM   459  C CA  . ALA A 1 58  ? 4.377   -11.217 -2.269  1.00 47.40  ? 97  ALA A CA  1 
ATOM   460  C C   . ALA A 1 58  ? 4.748   -12.647 -2.693  1.00 48.94  ? 97  ALA A C   1 
ATOM   461  O O   . ALA A 1 58  ? 5.740   -13.131 -2.147  1.00 59.33  ? 97  ALA A O   1 
ATOM   462  C CB  . ALA A 1 58  ? 3.651   -11.215 -0.944  1.00 49.31  ? 97  ALA A CB  1 
ATOM   463  N N   . ASP A 1 59  ? 4.010   -13.322 -3.590  1.00 45.74  ? 98  ASP A N   1 
ATOM   464  C CA  . ASP A 1 59  ? 4.182   -14.792 -3.772  1.00 43.64  ? 98  ASP A CA  1 
ATOM   465  C C   . ASP A 1 59  ? 4.111   -15.199 -5.241  1.00 41.06  ? 98  ASP A C   1 
ATOM   466  O O   . ASP A 1 59  ? 3.585   -14.444 -6.041  1.00 42.85  ? 98  ASP A O   1 
ATOM   467  C CB  . ASP A 1 59  ? 3.125   -15.614 -3.027  1.00 45.08  ? 98  ASP A CB  1 
ATOM   468  C CG  . ASP A 1 59  ? 2.646   -15.017 -1.716  1.00 47.34  ? 98  ASP A CG  1 
ATOM   469  O OD1 . ASP A 1 59  ? 1.561   -14.397 -1.724  1.00 42.48  ? 98  ASP A OD1 1 
ATOM   470  O OD2 . ASP A 1 59  ? 3.349   -15.175 -0.701  1.00 48.74  ? 98  ASP A OD2 1 
ATOM   471  N N   . ASN A 1 60  ? 4.544   -16.418 -5.558  1.00 45.12  ? 99  ASN A N   1 
ATOM   472  C CA  . ASN A 1 60  ? 4.506   -16.964 -6.943  1.00 48.90  ? 99  ASN A CA  1 
ATOM   473  C C   . ASN A 1 60  ? 3.268   -17.857 -7.070  1.00 45.99  ? 99  ASN A C   1 
ATOM   474  O O   . ASN A 1 60  ? 3.266   -18.750 -7.929  1.00 58.32  ? 99  ASN A O   1 
ATOM   475  C CB  . ASN A 1 60  ? 5.825   -17.656 -7.309  1.00 54.79  ? 99  ASN A CB  1 
ATOM   476  C CG  . ASN A 1 60  ? 5.967   -19.041 -6.717  1.00 63.63  ? 99  ASN A CG  1 
ATOM   477  O OD1 . ASN A 1 60  ? 5.370   -19.350 -5.690  1.00 75.70  ? 99  ASN A OD1 1 
ATOM   478  N ND2 . ASN A 1 60  ? 6.755   -19.890 -7.356  1.00 68.60  ? 99  ASN A ND2 1 
ATOM   479  N N   . HIS A 1 61  ? 2.248   -17.607 -6.245  1.00 47.42  ? 100 HIS A N   1 
ATOM   480  C CA  . HIS A 1 61  ? 1.006   -18.418 -6.157  1.00 44.45  ? 100 HIS A CA  1 
ATOM   481  C C   . HIS A 1 61  ? -0.146  -17.526 -5.701  1.00 43.97  ? 100 HIS A C   1 
ATOM   482  O O   . HIS A 1 61  ? 0.134   -16.452 -5.140  1.00 45.81  ? 100 HIS A O   1 
ATOM   483  C CB  . HIS A 1 61  ? 1.248   -19.627 -5.245  1.00 44.33  ? 100 HIS A CB  1 
ATOM   484  C CG  . HIS A 1 61  ? 1.409   -19.293 -3.802  1.00 47.42  ? 100 HIS A CG  1 
ATOM   485  N ND1 . HIS A 1 61  ? 2.643   -19.261 -3.175  1.00 46.82  ? 100 HIS A ND1 1 
ATOM   486  C CD2 . HIS A 1 61  ? 0.494   -19.045 -2.842  1.00 51.34  ? 100 HIS A CD2 1 
ATOM   487  C CE1 . HIS A 1 61  ? 2.485   -18.978 -1.901  1.00 47.39  ? 100 HIS A CE1 1 
ATOM   488  N NE2 . HIS A 1 61  ? 1.167   -18.857 -1.666  1.00 51.06  ? 100 HIS A NE2 1 
ATOM   489  N N   . ARG A 1 62  ? -1.390  -17.954 -5.907  1.00 44.21  ? 101 ARG A N   1 
ATOM   490  C CA  . ARG A 1 62  ? -2.550  -17.213 -5.353  1.00 43.25  ? 101 ARG A CA  1 
ATOM   491  C C   . ARG A 1 62  ? -3.002  -17.915 -4.068  1.00 40.65  ? 101 ARG A C   1 
ATOM   492  O O   . ARG A 1 62  ? -2.394  -18.908 -3.663  1.00 36.26  ? 101 ARG A O   1 
ATOM   493  C CB  . ARG A 1 62  ? -3.592  -16.995 -6.449  1.00 48.89  ? 101 ARG A CB  1 
ATOM   494  C CG  . ARG A 1 62  ? -4.436  -18.203 -6.810  1.00 58.85  ? 101 ARG A CG  1 
ATOM   495  C CD  . ARG A 1 62  ? -5.324  -17.873 -7.995  1.00 60.58  ? 101 ARG A CD  1 
ATOM   496  N NE  . ARG A 1 62  ? -6.232  -18.979 -8.248  1.00 73.77  ? 101 ARG A NE  1 
ATOM   497  C CZ  . ARG A 1 62  ? -7.193  -18.993 -9.166  1.00 77.69  ? 101 ARG A CZ  1 
ATOM   498  N NH1 . ARG A 1 62  ? -7.954  -20.069 -9.294  1.00 71.74  ? 101 ARG A NH1 1 
ATOM   499  N NH2 . ARG A 1 62  ? -7.394  -17.941 -9.945  1.00 82.16  ? 101 ARG A NH2 1 
ATOM   500  N N   . TRP A 1 63  ? -3.986  -17.343 -3.392  1.00 38.29  ? 102 TRP A N   1 
ATOM   501  C CA  . TRP A 1 63  ? -4.456  -17.810 -2.069  1.00 41.93  ? 102 TRP A CA  1 
ATOM   502  C C   . TRP A 1 63  ? -5.931  -18.174 -2.192  1.00 40.56  ? 102 TRP A C   1 
ATOM   503  O O   . TRP A 1 63  ? -6.601  -17.700 -3.127  1.00 42.58  ? 102 TRP A O   1 
ATOM   504  C CB  . TRP A 1 63  ? -4.229  -16.741 -0.991  1.00 39.75  ? 102 TRP A CB  1 
ATOM   505  C CG  . TRP A 1 63  ? -2.785  -16.558 -0.660  1.00 38.35  ? 102 TRP A CG  1 
ATOM   506  C CD1 . TRP A 1 63  ? -1.917  -15.706 -1.267  1.00 39.05  ? 102 TRP A CD1 1 
ATOM   507  C CD2 . TRP A 1 63  ? -2.028  -17.266 0.336   1.00 38.58  ? 102 TRP A CD2 1 
ATOM   508  N NE1 . TRP A 1 63  ? -0.683  -15.808 -0.694  1.00 39.45  ? 102 TRP A NE1 1 
ATOM   509  C CE2 . TRP A 1 63  ? -0.712  -16.763 0.281   1.00 41.34  ? 102 TRP A CE2 1 
ATOM   510  C CE3 . TRP A 1 63  ? -2.340  -18.242 1.289   1.00 40.14  ? 102 TRP A CE3 1 
ATOM   511  C CZ2 . TRP A 1 63  ? 0.306   -17.241 1.102   1.00 38.51  ? 102 TRP A CZ2 1 
ATOM   512  C CZ3 . TRP A 1 63  ? -1.337  -18.711 2.112   1.00 41.09  ? 102 TRP A CZ3 1 
ATOM   513  C CH2 . TRP A 1 63  ? -0.029  -18.217 2.012   1.00 39.42  ? 102 TRP A CH2 1 
ATOM   514  N N   A LYS A 1 64  ? -6.412  -19.019 -1.277  0.25 41.32  ? 103 LYS A N   1 
ATOM   515  N N   B LYS A 1 64  ? -6.425  -18.997 -1.264  0.25 40.98  ? 103 LYS A N   1 
ATOM   516  C CA  A LYS A 1 64  ? -7.849  -19.387 -1.142  0.25 41.80  ? 103 LYS A CA  1 
ATOM   517  C CA  B LYS A 1 64  ? -7.868  -19.346 -1.156  0.25 41.27  ? 103 LYS A CA  1 
ATOM   518  C C   A LYS A 1 64  ? -8.157  -19.584 0.341   0.25 40.62  ? 103 LYS A C   1 
ATOM   519  C C   B LYS A 1 64  ? -8.189  -19.651 0.309   0.25 40.30  ? 103 LYS A C   1 
ATOM   520  O O   A LYS A 1 64  ? -7.250  -20.029 1.073   0.25 41.37  ? 103 LYS A O   1 
ATOM   521  O O   B LYS A 1 64  ? -7.325  -20.236 0.992   0.25 41.47  ? 103 LYS A O   1 
ATOM   522  C CB  A LYS A 1 64  ? -8.181  -20.655 -1.935  0.25 43.41  ? 103 LYS A CB  1 
ATOM   523  C CB  B LYS A 1 64  ? -8.221  -20.499 -2.102  0.25 42.46  ? 103 LYS A CB  1 
ATOM   524  C CG  A LYS A 1 64  ? -9.658  -21.030 -1.933  0.25 44.32  ? 103 LYS A CG  1 
ATOM   525  C CG  B LYS A 1 64  ? -7.593  -21.854 -1.798  0.25 42.68  ? 103 LYS A CG  1 
ATOM   526  C CD  A LYS A 1 64  ? -9.963  -22.365 -2.579  0.25 44.27  ? 103 LYS A CD  1 
ATOM   527  C CD  B LYS A 1 64  ? -8.242  -22.974 -2.601  0.25 44.11  ? 103 LYS A CD  1 
ATOM   528  C CE  A LYS A 1 64  ? -11.451 -22.618 -2.711  0.25 43.81  ? 103 LYS A CE  1 
ATOM   529  C CE  B LYS A 1 64  ? -7.317  -24.118 -2.970  0.25 43.91  ? 103 LYS A CE  1 
ATOM   530  N NZ  A LYS A 1 64  ? -11.742 -23.696 -3.686  0.25 43.35  ? 103 LYS A NZ  1 
ATOM   531  N NZ  B LYS A 1 64  ? -6.349  -24.436 -1.895  0.25 43.25  ? 103 LYS A NZ  1 
ATOM   532  N N   . TYR A 1 65  ? -9.377  -19.235 0.762   1.00 41.21  ? 104 TYR A N   1 
ATOM   533  C CA  . TYR A 1 65  ? -9.833  -19.371 2.175   1.00 39.92  ? 104 TYR A CA  1 
ATOM   534  C C   . TYR A 1 65  ? -10.539 -20.726 2.298   1.00 40.75  ? 104 TYR A C   1 
ATOM   535  O O   . TYR A 1 65  ? -11.603 -20.874 1.714   1.00 39.37  ? 104 TYR A O   1 
ATOM   536  C CB  . TYR A 1 65  ? -10.728 -18.178 2.526   1.00 38.72  ? 104 TYR A CB  1 
ATOM   537  C CG  . TYR A 1 65  ? -10.906 -17.943 3.999   1.00 40.51  ? 104 TYR A CG  1 
ATOM   538  C CD1 . TYR A 1 65  ? -9.829  -17.598 4.790   1.00 44.19  ? 104 TYR A CD1 1 
ATOM   539  C CD2 . TYR A 1 65  ? -12.147 -18.064 4.607   1.00 41.78  ? 104 TYR A CD2 1 
ATOM   540  C CE1 . TYR A 1 65  ? -9.969  -17.376 6.149   1.00 46.60  ? 104 TYR A CE1 1 
ATOM   541  C CE2 . TYR A 1 65  ? -12.306 -17.851 5.968   1.00 42.99  ? 104 TYR A CE2 1 
ATOM   542  C CZ  . TYR A 1 65  ? -11.215 -17.487 6.738   1.00 46.35  ? 104 TYR A CZ  1 
ATOM   543  O OH  . TYR A 1 65  ? -11.319 -17.295 8.083   1.00 44.31  ? 104 TYR A OH  1 
ATOM   544  N N   . VAL A 1 66  ? -9.932  -21.709 2.953   1.00 40.61  ? 105 VAL A N   1 
ATOM   545  C CA  . VAL A 1 66  ? -10.472 -23.103 2.999   1.00 42.63  ? 105 VAL A CA  1 
ATOM   546  C C   . VAL A 1 66  ? -10.566 -23.525 4.463   1.00 43.07  ? 105 VAL A C   1 
ATOM   547  O O   . VAL A 1 66  ? -9.538  -23.509 5.154   1.00 43.02  ? 105 VAL A O   1 
ATOM   548  C CB  . VAL A 1 66  ? -9.628  -24.096 2.171   1.00 45.87  ? 105 VAL A CB  1 
ATOM   549  C CG1 . VAL A 1 66  ? -10.204 -25.505 2.227   1.00 46.82  ? 105 VAL A CG1 1 
ATOM   550  C CG2 . VAL A 1 66  ? -9.492  -23.666 0.717   1.00 47.66  ? 105 VAL A CG2 1 
ATOM   551  N N   . ASN A 1 67  ? -11.772 -23.876 4.914   1.00 45.51  ? 106 ASN A N   1 
ATOM   552  C CA  . ASN A 1 67  ? -12.023 -24.331 6.301   1.00 39.75  ? 106 ASN A CA  1 
ATOM   553  C C   . ASN A 1 67  ? -11.468 -23.276 7.268   1.00 40.16  ? 106 ASN A C   1 
ATOM   554  O O   . ASN A 1 67  ? -10.744 -23.652 8.224   1.00 38.14  ? 106 ASN A O   1 
ATOM   555  C CB  . ASN A 1 67  ? -11.411 -25.719 6.496   1.00 43.30  ? 106 ASN A CB  1 
ATOM   556  C CG  . ASN A 1 67  ? -12.038 -26.735 5.573   1.00 45.06  ? 106 ASN A CG  1 
ATOM   557  O OD1 . ASN A 1 67  ? -13.211 -26.596 5.234   1.00 48.80  ? 106 ASN A OD1 1 
ATOM   558  N ND2 . ASN A 1 67  ? -11.281 -27.748 5.179   1.00 43.38  ? 106 ASN A ND2 1 
ATOM   559  N N   . GLY A 1 68  ? -11.748 -21.996 6.988   1.00 41.39  ? 107 GLY A N   1 
ATOM   560  C CA  . GLY A 1 68  ? -11.416 -20.856 7.864   1.00 42.45  ? 107 GLY A CA  1 
ATOM   561  C C   . GLY A 1 68  ? -9.947  -20.477 7.814   1.00 46.49  ? 107 GLY A C   1 
ATOM   562  O O   . GLY A 1 68  ? -9.524  -19.746 8.705   1.00 45.94  ? 107 GLY A O   1 
ATOM   563  N N   . GLU A 1 69  ? -9.197  -20.943 6.809   1.00 48.04  ? 108 GLU A N   1 
ATOM   564  C CA  . GLU A 1 69  ? -7.698  -20.914 6.758   1.00 48.87  ? 108 GLU A CA  1 
ATOM   565  C C   . GLU A 1 69  ? -7.294  -20.327 5.405   1.00 49.77  ? 108 GLU A C   1 
ATOM   566  O O   . GLU A 1 69  ? -7.872  -20.758 4.406   1.00 41.26  ? 108 GLU A O   1 
ATOM   567  C CB  . GLU A 1 69  ? -7.168  -22.349 6.865   1.00 52.07  ? 108 GLU A CB  1 
ATOM   568  C CG  . GLU A 1 69  ? -5.841  -22.538 7.581   1.00 58.45  ? 108 GLU A CG  1 
ATOM   569  C CD  . GLU A 1 69  ? -5.321  -23.978 7.569   1.00 65.55  ? 108 GLU A CD  1 
ATOM   570  O OE1 . GLU A 1 69  ? -5.637  -24.724 6.617   1.00 65.61  ? 108 GLU A OE1 1 
ATOM   571  O OE2 . GLU A 1 69  ? -4.602  -24.369 8.508   1.00 75.17  ? 108 GLU A OE2 1 
ATOM   572  N N   . TRP A 1 70  ? -6.340  -19.407 5.317   1.00 44.70  ? 109 TRP A N   1 
ATOM   573  C CA  . TRP A 1 70  ? -5.841  -19.041 3.966   1.00 47.66  ? 109 TRP A CA  1 
ATOM   574  C C   . TRP A 1 70  ? -4.798  -20.086 3.542   1.00 47.58  ? 109 TRP A C   1 
ATOM   575  O O   . TRP A 1 70  ? -3.930  -20.431 4.358   1.00 51.26  ? 109 TRP A O   1 
ATOM   576  C CB  . TRP A 1 70  ? -5.306  -17.608 3.928   1.00 45.50  ? 109 TRP A CB  1 
ATOM   577  C CG  . TRP A 1 70  ? -6.363  -16.545 3.866   1.00 42.46  ? 109 TRP A CG  1 
ATOM   578  C CD1 . TRP A 1 70  ? -6.806  -15.780 4.907   1.00 39.83  ? 109 TRP A CD1 1 
ATOM   579  C CD2 . TRP A 1 70  ? -7.063  -16.073 2.696   1.00 36.44  ? 109 TRP A CD2 1 
ATOM   580  N NE1 . TRP A 1 70  ? -7.739  -14.885 4.467   1.00 36.67  ? 109 TRP A NE1 1 
ATOM   581  C CE2 . TRP A 1 70  ? -7.938  -15.055 3.123   1.00 37.35  ? 109 TRP A CE2 1 
ATOM   582  C CE3 . TRP A 1 70  ? -7.038  -16.403 1.344   1.00 38.07  ? 109 TRP A CE3 1 
ATOM   583  C CZ2 . TRP A 1 70  ? -8.765  -14.363 2.246   1.00 40.14  ? 109 TRP A CZ2 1 
ATOM   584  C CZ3 . TRP A 1 70  ? -7.879  -15.740 0.473   1.00 45.87  ? 109 TRP A CZ3 1 
ATOM   585  C CH2 . TRP A 1 70  ? -8.727  -14.725 0.919   1.00 42.67  ? 109 TRP A CH2 1 
ATOM   586  N N   . VAL A 1 71  ? -4.908  -20.649 2.345   1.00 44.77  ? 110 VAL A N   1 
ATOM   587  C CA  . VAL A 1 71  ? -3.913  -21.658 1.874   1.00 44.78  ? 110 VAL A CA  1 
ATOM   588  C C   . VAL A 1 71  ? -3.539  -21.307 0.440   1.00 42.56  ? 110 VAL A C   1 
ATOM   589  O O   . VAL A 1 71  ? -4.301  -20.630 -0.241  1.00 41.84  ? 110 VAL A O   1 
ATOM   590  C CB  . VAL A 1 71  ? -4.456  -23.091 2.026   1.00 42.53  ? 110 VAL A CB  1 
ATOM   591  C CG1 . VAL A 1 71  ? -4.545  -23.469 3.491   1.00 43.80  ? 110 VAL A CG1 1 
ATOM   592  C CG2 . VAL A 1 71  ? -5.808  -23.276 1.349   1.00 40.57  ? 110 VAL A CG2 1 
ATOM   593  N N   . PRO A 1 72  ? -2.338  -21.703 -0.034  1.00 46.80  ? 111 PRO A N   1 
ATOM   594  C CA  . PRO A 1 72  ? -1.992  -21.570 -1.449  1.00 46.51  ? 111 PRO A CA  1 
ATOM   595  C C   . PRO A 1 72  ? -3.139  -22.142 -2.287  1.00 44.56  ? 111 PRO A C   1 
ATOM   596  O O   . PRO A 1 72  ? -3.606  -23.171 -1.939  1.00 40.56  ? 111 PRO A O   1 
ATOM   597  C CB  . PRO A 1 72  ? -0.678  -22.354 -1.564  1.00 47.51  ? 111 PRO A CB  1 
ATOM   598  C CG  . PRO A 1 72  ? -0.061  -22.212 -0.189  1.00 47.58  ? 111 PRO A CG  1 
ATOM   599  C CD  . PRO A 1 72  ? -1.240  -22.275 0.764   1.00 47.09  ? 111 PRO A CD  1 
ATOM   600  N N   . GLY A 1 73  ? -3.599  -21.413 -3.310  1.00 50.19  ? 112 GLY A N   1 
ATOM   601  C CA  . GLY A 1 73  ? -4.895  -21.653 -3.975  1.00 49.15  ? 112 GLY A CA  1 
ATOM   602  C C   . GLY A 1 73  ? -4.780  -21.707 -5.485  1.00 54.04  ? 112 GLY A C   1 
ATOM   603  O O   . GLY A 1 73  ? -5.792  -21.464 -6.190  1.00 53.60  ? 112 GLY A O   1 
ATOM   604  N N   . GLY A 1 74  ? -3.606  -22.043 -5.992  1.00 47.47  ? 113 GLY A N   1 
ATOM   605  C CA  . GLY A 1 74  ? -3.396  -22.108 -7.442  1.00 51.15  ? 113 GLY A CA  1 
ATOM   606  C C   . GLY A 1 74  ? -2.185  -21.307 -7.850  1.00 54.58  ? 113 GLY A C   1 
ATOM   607  O O   . GLY A 1 74  ? -1.492  -20.754 -6.966  1.00 60.37  ? 113 GLY A O   1 
ATOM   608  N N   . LYS A 1 75  ? -1.921  -21.293 -9.149  1.00 56.30  ? 114 LYS A N   1 
ATOM   609  C CA  . LYS A 1 75  ? -0.759  -20.597 -9.743  1.00 54.79  ? 114 LYS A CA  1 
ATOM   610  C C   . LYS A 1 75  ? -1.218  -19.184 -10.029 1.00 50.08  ? 114 LYS A C   1 
ATOM   611  O O   . LYS A 1 75  ? -2.384  -18.980 -10.324 1.00 45.28  ? 114 LYS A O   1 
ATOM   612  C CB  . LYS A 1 75  ? -0.290  -21.337 -10.999 1.00 65.42  ? 114 LYS A CB  1 
ATOM   613  C CG  . LYS A 1 75  ? 0.173   -22.769 -10.756 1.00 65.59  ? 114 LYS A CG  1 
ATOM   614  C CD  . LYS A 1 75  ? 0.297   -23.576 -12.019 1.00 72.23  ? 114 LYS A CD  1 
ATOM   615  C CE  . LYS A 1 75  ? 1.570   -23.256 -12.768 1.00 72.95  ? 114 LYS A CE  1 
ATOM   616  N NZ  . LYS A 1 75  ? 2.765   -23.629 -11.978 1.00 72.45  ? 114 LYS A NZ  1 
ATOM   617  N N   . PRO A 1 76  ? -0.322  -18.184 -9.961  1.00 52.67  ? 115 PRO A N   1 
ATOM   618  C CA  . PRO A 1 76  ? -0.726  -16.785 -10.067 1.00 58.39  ? 115 PRO A CA  1 
ATOM   619  C C   . PRO A 1 76  ? -1.293  -16.443 -11.450 1.00 58.20  ? 115 PRO A C   1 
ATOM   620  O O   . PRO A 1 76  ? -1.029  -17.163 -12.393 1.00 59.74  ? 115 PRO A O   1 
ATOM   621  C CB  . PRO A 1 76  ? 0.576   -16.014 -9.802  1.00 54.75  ? 115 PRO A CB  1 
ATOM   622  C CG  . PRO A 1 76  ? 1.663   -16.980 -10.193 1.00 57.45  ? 115 PRO A CG  1 
ATOM   623  C CD  . PRO A 1 76  ? 1.126   -18.345 -9.825  1.00 56.06  ? 115 PRO A CD  1 
ATOM   624  N N   . GLU A 1 77  ? -2.071  -15.362 -11.519 1.00 56.98  ? 116 GLU A N   1 
ATOM   625  C CA  . GLU A 1 77  ? -2.452  -14.695 -12.786 1.00 63.13  ? 116 GLU A CA  1 
ATOM   626  C C   . GLU A 1 77  ? -1.243  -13.858 -13.214 1.00 64.53  ? 116 GLU A C   1 
ATOM   627  O O   . GLU A 1 77  ? -0.398  -13.513 -12.381 1.00 52.43  ? 116 GLU A O   1 
ATOM   628  C CB  . GLU A 1 77  ? -3.737  -13.884 -12.585 1.00 69.67  ? 116 GLU A CB  1 
ATOM   629  C CG  . GLU A 1 77  ? -4.879  -14.673 -11.953 1.00 75.13  ? 116 GLU A CG  1 
ATOM   630  C CD  . GLU A 1 77  ? -6.067  -13.836 -11.501 1.00 80.30  ? 116 GLU A CD  1 
ATOM   631  O OE1 . GLU A 1 77  ? -6.395  -12.848 -12.186 1.00 89.28  ? 116 GLU A OE1 1 
ATOM   632  O OE2 . GLU A 1 77  ? -6.667  -14.171 -10.458 1.00 85.66  ? 116 GLU A OE2 1 
ATOM   633  N N   . PRO A 1 78  ? -1.086  -13.537 -14.521 1.00 67.99  ? 117 PRO A N   1 
ATOM   634  C CA  . PRO A 1 78  ? -0.029  -12.622 -14.964 1.00 66.77  ? 117 PRO A CA  1 
ATOM   635  C C   . PRO A 1 78  ? -0.015  -11.339 -14.116 1.00 67.17  ? 117 PRO A C   1 
ATOM   636  O O   . PRO A 1 78  ? -1.098  -10.826 -13.789 1.00 56.31  ? 117 PRO A O   1 
ATOM   637  C CB  . PRO A 1 78  ? -0.389  -12.308 -16.424 1.00 66.32  ? 117 PRO A CB  1 
ATOM   638  C CG  . PRO A 1 78  ? -1.184  -13.521 -16.876 1.00 71.55  ? 117 PRO A CG  1 
ATOM   639  C CD  . PRO A 1 78  ? -1.909  -14.026 -15.639 1.00 71.84  ? 117 PRO A CD  1 
ATOM   640  N N   . GLN A 1 79  ? 1.189   -10.866 -13.770 1.00 68.80  ? 118 GLN A N   1 
ATOM   641  C CA  . GLN A 1 79  ? 1.413   -9.678  -12.901 1.00 71.44  ? 118 GLN A CA  1 
ATOM   642  C C   . GLN A 1 79  ? 0.513   -8.536  -13.379 1.00 76.70  ? 118 GLN A C   1 
ATOM   643  O O   . GLN A 1 79  ? 0.395   -8.345  -14.614 1.00 70.83  ? 118 GLN A O   1 
ATOM   644  C CB  . GLN A 1 79  ? 2.885   -9.265  -12.910 1.00 75.93  ? 118 GLN A CB  1 
ATOM   645  C CG  . GLN A 1 79  ? 3.770   -10.156 -12.047 1.00 84.98  ? 118 GLN A CG  1 
ATOM   646  C CD  . GLN A 1 79  ? 3.997   -9.615  -10.653 1.00 86.79  ? 118 GLN A CD  1 
ATOM   647  O OE1 . GLN A 1 79  ? 3.881   -8.417  -10.399 1.00 92.20  ? 118 GLN A OE1 1 
ATOM   648  N NE2 . GLN A 1 79  ? 4.348   -10.503 -9.733  1.00 80.39  ? 118 GLN A NE2 1 
ATOM   649  N N   . ALA A 1 80  ? -0.115  -7.835  -12.427 1.00 83.19  ? 119 ALA A N   1 
ATOM   650  C CA  . ALA A 1 80  ? -0.920  -6.610  -12.649 1.00 84.05  ? 119 ALA A CA  1 
ATOM   651  C C   . ALA A 1 80  ? -0.047  -5.545  -13.317 1.00 87.13  ? 119 ALA A C   1 
ATOM   652  O O   . ALA A 1 80  ? 1.141   -5.455  -13.014 1.00 88.47  ? 119 ALA A O   1 
ATOM   653  C CB  . ALA A 1 80  ? -1.474  -6.129  -11.327 1.00 81.65  ? 119 ALA A CB  1 
ATOM   654  N N   . PRO A 1 81  ? -0.587  -4.707  -14.238 1.00 89.02  ? 120 PRO A N   1 
ATOM   655  C CA  . PRO A 1 81  ? 0.199   -3.650  -14.884 1.00 93.08  ? 120 PRO A CA  1 
ATOM   656  C C   . PRO A 1 81  ? 0.759   -2.627  -13.884 1.00 97.50  ? 120 PRO A C   1 
ATOM   657  O O   . PRO A 1 81  ? 0.001   -2.204  -13.021 1.00 109.86 ? 120 PRO A O   1 
ATOM   658  C CB  . PRO A 1 81  ? -0.805  -2.949  -15.811 1.00 87.95  ? 120 PRO A CB  1 
ATOM   659  C CG  . PRO A 1 81  ? -2.154  -3.291  -15.213 1.00 88.70  ? 120 PRO A CG  1 
ATOM   660  C CD  . PRO A 1 81  ? -1.989  -4.699  -14.678 1.00 86.10  ? 120 PRO A CD  1 
ATOM   661  N N   . SER A 1 82  ? 2.044   -2.261  -14.029 1.00 94.71  ? 121 SER A N   1 
ATOM   662  C CA  . SER A 1 82  ? 2.814   -1.398  -13.085 1.00 88.75  ? 121 SER A CA  1 
ATOM   663  C C   . SER A 1 82  ? 2.056   -0.093  -12.819 1.00 75.77  ? 121 SER A C   1 
ATOM   664  O O   . SER A 1 82  ? 2.231   0.859   -13.602 1.00 81.63  ? 121 SER A O   1 
ATOM   665  C CB  . SER A 1 82  ? 4.215   -1.112  -13.577 1.00 84.43  ? 121 SER A CB  1 
ATOM   666  O OG  . SER A 1 82  ? 5.132   -2.030  -13.007 1.00 89.14  ? 121 SER A OG  1 
ATOM   667  N N   . CYS A 1 83  ? 1.250   -0.068  -11.754 1.00 57.64  ? 122 CYS A N   1 
ATOM   668  C CA  . CYS A 1 83  ? 0.464   1.115   -11.323 1.00 60.08  ? 122 CYS A CA  1 
ATOM   669  C C   . CYS A 1 83  ? 1.241   1.833   -10.217 1.00 54.61  ? 122 CYS A C   1 
ATOM   670  O O   . CYS A 1 83  ? 1.646   1.177   -9.261  1.00 47.22  ? 122 CYS A O   1 
ATOM   671  C CB  . CYS A 1 83  ? -0.927  0.709   -10.853 1.00 62.86  ? 122 CYS A CB  1 
ATOM   672  S SG  . CYS A 1 83  ? -1.957  0.014   -12.174 1.00 63.53  ? 122 CYS A SG  1 
ATOM   673  N N   . VAL A 1 84  ? 1.492   3.129   -10.368 1.00 53.57  ? 123 VAL A N   1 
ATOM   674  C CA  . VAL A 1 84  ? 2.056   3.945   -9.261  1.00 52.43  ? 123 VAL A CA  1 
ATOM   675  C C   . VAL A 1 84  ? 1.066   5.067   -8.960  1.00 50.19  ? 123 VAL A C   1 
ATOM   676  O O   . VAL A 1 84  ? 0.627   5.739   -9.905  1.00 51.92  ? 123 VAL A O   1 
ATOM   677  C CB  . VAL A 1 84  ? 3.473   4.453   -9.587  1.00 54.29  ? 123 VAL A CB  1 
ATOM   678  C CG1 . VAL A 1 84  ? 4.044   5.297   -8.463  1.00 55.52  ? 123 VAL A CG1 1 
ATOM   679  C CG2 . VAL A 1 84  ? 4.408   3.297   -9.885  1.00 54.46  ? 123 VAL A CG2 1 
ATOM   680  N N   . TYR A 1 85  ? 0.718   5.210   -7.678  1.00 43.84  ? 124 TYR A N   1 
ATOM   681  C CA  . TYR A 1 85  ? -0.077  6.322   -7.119  1.00 42.97  ? 124 TYR A CA  1 
ATOM   682  C C   . TYR A 1 85  ? 0.861   7.451   -6.669  1.00 43.58  ? 124 TYR A C   1 
ATOM   683  O O   . TYR A 1 85  ? 1.809   7.229   -5.859  1.00 43.39  ? 124 TYR A O   1 
ATOM   684  C CB  . TYR A 1 85  ? -0.923  5.831   -5.952  1.00 41.04  ? 124 TYR A CB  1 
ATOM   685  C CG  . TYR A 1 85  ? -1.757  6.900   -5.305  1.00 40.98  ? 124 TYR A CG  1 
ATOM   686  C CD1 . TYR A 1 85  ? -2.954  7.308   -5.872  1.00 46.17  ? 124 TYR A CD1 1 
ATOM   687  C CD2 . TYR A 1 85  ? -1.365  7.492   -4.119  1.00 40.39  ? 124 TYR A CD2 1 
ATOM   688  C CE1 . TYR A 1 85  ? -3.733  8.291   -5.285  1.00 44.17  ? 124 TYR A CE1 1 
ATOM   689  C CE2 . TYR A 1 85  ? -2.140  8.466   -3.507  1.00 45.79  ? 124 TYR A CE2 1 
ATOM   690  C CZ  . TYR A 1 85  ? -3.320  8.879   -4.099  1.00 43.92  ? 124 TYR A CZ  1 
ATOM   691  O OH  . TYR A 1 85  ? -4.099  9.816   -3.495  1.00 44.85  ? 124 TYR A OH  1 
ATOM   692  N N   . ILE A 1 86  ? 0.641   8.648   -7.204  1.00 43.18  ? 125 ILE A N   1 
ATOM   693  C CA  . ILE A 1 86  ? 1.465   9.829   -6.838  1.00 40.29  ? 125 ILE A CA  1 
ATOM   694  C C   . ILE A 1 86  ? 0.736   10.522  -5.701  1.00 39.44  ? 125 ILE A C   1 
ATOM   695  O O   . ILE A 1 86  ? -0.389  10.967  -5.936  1.00 40.39  ? 125 ILE A O   1 
ATOM   696  C CB  . ILE A 1 86  ? 1.701   10.729  -8.060  1.00 44.80  ? 125 ILE A CB  1 
ATOM   697  C CG1 . ILE A 1 86  ? 2.495   9.993   -9.141  1.00 43.14  ? 125 ILE A CG1 1 
ATOM   698  C CG2 . ILE A 1 86  ? 2.381   12.043  -7.676  1.00 42.04  ? 125 ILE A CG2 1 
ATOM   699  C CD1 . ILE A 1 86  ? 2.241   10.516  -10.534 1.00 44.41  ? 125 ILE A CD1 1 
ATOM   700  N N   . HIS A 1 87  ? 1.341   10.604  -4.512  1.00 42.18  ? 126 HIS A N   1 
ATOM   701  C CA  . HIS A 1 87  ? 0.759   11.360  -3.363  1.00 42.76  ? 126 HIS A CA  1 
ATOM   702  C C   . HIS A 1 87  ? 0.339   12.755  -3.836  1.00 40.61  ? 126 HIS A C   1 
ATOM   703  O O   . HIS A 1 87  ? 1.095   13.417  -4.539  1.00 42.52  ? 126 HIS A O   1 
ATOM   704  C CB  . HIS A 1 87  ? 1.702   11.410  -2.149  1.00 40.67  ? 126 HIS A CB  1 
ATOM   705  C CG  . HIS A 1 87  ? 0.997   11.902  -0.933  1.00 39.38  ? 126 HIS A CG  1 
ATOM   706  N ND1 . HIS A 1 87  ? 0.666   13.243  -0.768  1.00 38.65  ? 126 HIS A ND1 1 
ATOM   707  C CD2 . HIS A 1 87  ? 0.487   11.248  0.136   1.00 41.36  ? 126 HIS A CD2 1 
ATOM   708  C CE1 . HIS A 1 87  ? -0.005  13.386  0.369   1.00 41.34  ? 126 HIS A CE1 1 
ATOM   709  N NE2 . HIS A 1 87  ? -0.129  12.186  0.942   1.00 39.97  ? 126 HIS A NE2 1 
ATOM   710  N N   . PRO A 1 88  ? -0.908  13.212  -3.568  1.00 40.78  ? 127 PRO A N   1 
ATOM   711  C CA  . PRO A 1 88  ? -1.376  14.487  -4.119  1.00 44.69  ? 127 PRO A CA  1 
ATOM   712  C C   . PRO A 1 88  ? -0.621  15.738  -3.630  1.00 43.31  ? 127 PRO A C   1 
ATOM   713  O O   . PRO A 1 88  ? -0.744  16.740  -4.277  1.00 45.76  ? 127 PRO A O   1 
ATOM   714  C CB  . PRO A 1 88  ? -2.873  14.576  -3.761  1.00 43.65  ? 127 PRO A CB  1 
ATOM   715  C CG  . PRO A 1 88  ? -3.130  13.461  -2.766  1.00 44.11  ? 127 PRO A CG  1 
ATOM   716  C CD  . PRO A 1 88  ? -1.974  12.476  -2.874  1.00 42.59  ? 127 PRO A CD  1 
ATOM   717  N N   . ASP A 1 89  ? 0.151   15.665  -2.542  1.00 41.23  ? 128 ASP A N   1 
ATOM   718  C CA  . ASP A 1 89  ? 1.010   16.788  -2.076  1.00 41.33  ? 128 ASP A CA  1 
ATOM   719  C C   . ASP A 1 89  ? 2.267   16.906  -2.969  1.00 43.29  ? 128 ASP A C   1 
ATOM   720  O O   . ASP A 1 89  ? 2.984   17.925  -2.895  1.00 46.20  ? 128 ASP A O   1 
ATOM   721  C CB  . ASP A 1 89  ? 1.403   16.620  -0.611  1.00 39.54  ? 128 ASP A CB  1 
ATOM   722  C CG  . ASP A 1 89  ? 0.260   16.659  0.397   1.00 42.95  ? 128 ASP A CG  1 
ATOM   723  O OD1 . ASP A 1 89  ? -0.906  16.609  -0.036  1.00 40.53  ? 128 ASP A OD1 1 
ATOM   724  O OD2 . ASP A 1 89  ? 0.554   16.707  1.628   1.00 35.73  ? 128 ASP A OD2 1 
ATOM   725  N N   . SER A 1 90  ? 2.546   15.912  -3.805  1.00 43.41  ? 129 SER A N   1 
ATOM   726  C CA  . SER A 1 90  ? 3.770   15.873  -4.646  1.00 39.96  ? 129 SER A CA  1 
ATOM   727  C C   . SER A 1 90  ? 3.706   16.969  -5.714  1.00 44.87  ? 129 SER A C   1 
ATOM   728  O O   . SER A 1 90  ? 2.644   17.224  -6.270  1.00 45.18  ? 129 SER A O   1 
ATOM   729  C CB  . SER A 1 90  ? 3.931   14.496  -5.234  1.00 38.44  ? 129 SER A CB  1 
ATOM   730  O OG  . SER A 1 90  ? 4.170   13.534  -4.197  1.00 36.56  ? 129 SER A OG  1 
ATOM   731  N N   . PRO A 1 91  ? 4.810   17.673  -6.056  1.00 44.55  ? 130 PRO A N   1 
ATOM   732  C CA  . PRO A 1 91  ? 6.068   17.630  -5.304  1.00 43.65  ? 130 PRO A CA  1 
ATOM   733  C C   . PRO A 1 91  ? 6.027   18.613  -4.129  1.00 42.76  ? 130 PRO A C   1 
ATOM   734  O O   . PRO A 1 91  ? 5.378   19.601  -4.279  1.00 40.46  ? 130 PRO A O   1 
ATOM   735  C CB  . PRO A 1 91  ? 7.108   18.159  -6.295  1.00 44.99  ? 130 PRO A CB  1 
ATOM   736  C CG  . PRO A 1 91  ? 6.311   19.147  -7.147  1.00 45.94  ? 130 PRO A CG  1 
ATOM   737  C CD  . PRO A 1 91  ? 4.910   18.544  -7.242  1.00 43.84  ? 130 PRO A CD  1 
ATOM   738  N N   . ASN A 1 92  ? 6.780   18.377  -3.055  1.00 39.29  ? 131 ASN A N   1 
ATOM   739  C CA  . ASN A 1 92  ? 6.811   19.316  -1.897  1.00 37.04  ? 131 ASN A CA  1 
ATOM   740  C C   . ASN A 1 92  ? 8.172   19.285  -1.187  1.00 38.20  ? 131 ASN A C   1 
ATOM   741  O O   . ASN A 1 92  ? 8.932   18.325  -1.343  1.00 37.99  ? 131 ASN A O   1 
ATOM   742  C CB  . ASN A 1 92  ? 5.665   19.025  -0.933  1.00 35.41  ? 131 ASN A CB  1 
ATOM   743  C CG  . ASN A 1 92  ? 4.959   20.286  -0.472  1.00 41.72  ? 131 ASN A CG  1 
ATOM   744  O OD1 . ASN A 1 92  ? 5.602   21.217  0.001   1.00 41.70  ? 131 ASN A OD1 1 
ATOM   745  N ND2 . ASN A 1 92  ? 3.643   20.329  -0.615  1.00 36.50  ? 131 ASN A ND2 1 
ATOM   746  N N   . PHE A 1 93  ? 8.405   20.284  -0.343  1.00 41.13  ? 132 PHE A N   1 
ATOM   747  C CA  . PHE A 1 93  ? 9.620   20.435  0.488   1.00 41.99  ? 132 PHE A CA  1 
ATOM   748  C C   . PHE A 1 93  ? 9.756   19.273  1.473   1.00 42.95  ? 132 PHE A C   1 
ATOM   749  O O   . PHE A 1 93  ? 8.722   18.746  1.902   1.00 36.86  ? 132 PHE A O   1 
ATOM   750  C CB  . PHE A 1 93  ? 9.527   21.745  1.265   1.00 38.17  ? 132 PHE A CB  1 
ATOM   751  C CG  . PHE A 1 93  ? 9.577   22.963  0.398   1.00 38.55  ? 132 PHE A CG  1 
ATOM   752  C CD1 . PHE A 1 93  ? 10.750  23.318  -0.250  1.00 39.28  ? 132 PHE A CD1 1 
ATOM   753  C CD2 . PHE A 1 93  ? 8.462   23.772  0.260   1.00 40.88  ? 132 PHE A CD2 1 
ATOM   754  C CE1 . PHE A 1 93  ? 10.805  24.468  -1.015  1.00 42.30  ? 132 PHE A CE1 1 
ATOM   755  C CE2 . PHE A 1 93  ? 8.524   24.929  -0.507  1.00 41.68  ? 132 PHE A CE2 1 
ATOM   756  C CZ  . PHE A 1 93  ? 9.686   25.258  -1.161  1.00 39.14  ? 132 PHE A CZ  1 
ATOM   757  N N   . GLY A 1 94  ? 10.989  18.919  1.853   1.00 41.14  ? 133 GLY A N   1 
ATOM   758  C CA  . GLY A 1 94  ? 11.232  17.948  2.939   1.00 36.62  ? 133 GLY A CA  1 
ATOM   759  C C   . GLY A 1 94  ? 10.540  18.397  4.211   1.00 40.60  ? 133 GLY A C   1 
ATOM   760  O O   . GLY A 1 94  ? 10.096  17.530  5.001   1.00 42.21  ? 133 GLY A O   1 
ATOM   761  N N   . ALA A 1 95  ? 10.467  19.713  4.426   1.00 42.18  ? 134 ALA A N   1 
ATOM   762  C CA  . ALA A 1 95  ? 9.832   20.313  5.625   1.00 43.68  ? 134 ALA A CA  1 
ATOM   763  C C   . ALA A 1 95  ? 8.362   19.899  5.689   1.00 40.81  ? 134 ALA A C   1 
ATOM   764  O O   . ALA A 1 95  ? 7.878   19.627  6.810   1.00 38.71  ? 134 ALA A O   1 
ATOM   765  C CB  . ALA A 1 95  ? 9.948   21.817  5.596   1.00 48.60  ? 134 ALA A CB  1 
ATOM   766  N N   . HIS A 1 96  ? 7.685   19.896  4.538   1.00 39.68  ? 135 HIS A N   1 
ATOM   767  C CA  . HIS A 1 96  ? 6.250   19.544  4.420   1.00 41.00  ? 135 HIS A CA  1 
ATOM   768  C C   . HIS A 1 96  ? 6.063   18.066  4.799   1.00 41.83  ? 135 HIS A C   1 
ATOM   769  O O   . HIS A 1 96  ? 5.219   17.764  5.656   1.00 41.99  ? 135 HIS A O   1 
ATOM   770  C CB  . HIS A 1 96  ? 5.715   19.881  3.022   1.00 42.12  ? 135 HIS A CB  1 
ATOM   771  C CG  . HIS A 1 96  ? 4.343   19.336  2.787   1.00 46.40  ? 135 HIS A CG  1 
ATOM   772  N ND1 . HIS A 1 96  ? 3.193   20.055  3.088   1.00 45.14  ? 135 HIS A ND1 1 
ATOM   773  C CD2 . HIS A 1 96  ? 3.929   18.126  2.339   1.00 44.20  ? 135 HIS A CD2 1 
ATOM   774  C CE1 . HIS A 1 96  ? 2.135   19.316  2.801   1.00 42.37  ? 135 HIS A CE1 1 
ATOM   775  N NE2 . HIS A 1 96  ? 2.557   18.128  2.342   1.00 40.67  ? 135 HIS A NE2 1 
ATOM   776  N N   . TRP A 1 97  ? 6.846   17.172  4.203   1.00 39.57  ? 136 TRP A N   1 
ATOM   777  C CA  . TRP A 1 97  ? 6.671   15.711  4.387   1.00 37.73  ? 136 TRP A CA  1 
ATOM   778  C C   . TRP A 1 97  ? 6.961   15.317  5.845   1.00 37.04  ? 136 TRP A C   1 
ATOM   779  O O   . TRP A 1 97  ? 6.265   14.420  6.357   1.00 42.62  ? 136 TRP A O   1 
ATOM   780  C CB  . TRP A 1 97  ? 7.537   14.946  3.388   1.00 37.32  ? 136 TRP A CB  1 
ATOM   781  C CG  . TRP A 1 97  ? 7.250   15.225  1.942   1.00 38.58  ? 136 TRP A CG  1 
ATOM   782  C CD1 . TRP A 1 97  ? 8.099   15.800  1.039   1.00 39.79  ? 136 TRP A CD1 1 
ATOM   783  C CD2 . TRP A 1 97  ? 6.070   14.859  1.199   1.00 37.92  ? 136 TRP A CD2 1 
ATOM   784  N NE1 . TRP A 1 97  ? 7.524   15.831  -0.206  1.00 42.16  ? 136 TRP A NE1 1 
ATOM   785  C CE2 . TRP A 1 97  ? 6.283   15.247  -0.141  1.00 39.81  ? 136 TRP A CE2 1 
ATOM   786  C CE3 . TRP A 1 97  ? 4.866   14.234  1.534   1.00 39.30  ? 136 TRP A CE3 1 
ATOM   787  C CZ2 . TRP A 1 97  ? 5.323   15.064  -1.130  1.00 38.50  ? 136 TRP A CZ2 1 
ATOM   788  C CZ3 . TRP A 1 97  ? 3.929   14.020  0.550   1.00 38.21  ? 136 TRP A CZ3 1 
ATOM   789  C CH2 . TRP A 1 97  ? 4.158   14.431  -0.762  1.00 40.20  ? 136 TRP A CH2 1 
ATOM   790  N N   . MET A 1 98  ? 7.888   16.011  6.517   1.00 37.34  ? 137 MET A N   1 
ATOM   791  C CA  . MET A 1 98  ? 8.342   15.696  7.905   1.00 36.57  ? 137 MET A CA  1 
ATOM   792  C C   . MET A 1 98  ? 7.480   16.378  8.982   1.00 38.13  ? 137 MET A C   1 
ATOM   793  O O   . MET A 1 98  ? 7.637   16.010  10.134  1.00 37.89  ? 137 MET A O   1 
ATOM   794  C CB  . MET A 1 98  ? 9.799   16.140  8.094   1.00 36.75  ? 137 MET A CB  1 
ATOM   795  C CG  . MET A 1 98  ? 10.786  15.257  7.316   1.00 41.41  ? 137 MET A CG  1 
ATOM   796  S SD  . MET A 1 98  ? 12.560  15.581  7.524   1.00 42.77  ? 137 MET A SD  1 
ATOM   797  C CE  . MET A 1 98  ? 12.699  17.243  6.865   1.00 43.58  ? 137 MET A CE  1 
ATOM   798  N N   . LYS A 1 99  ? 6.672   17.393  8.671   1.00 41.67  ? 138 LYS A N   1 
ATOM   799  C CA  . LYS A 1 99  ? 6.006   18.205  9.724   1.00 46.84  ? 138 LYS A CA  1 
ATOM   800  C C   . LYS A 1 99  ? 4.792   17.453  10.304  1.00 49.29  ? 138 LYS A C   1 
ATOM   801  O O   . LYS A 1 99  ? 4.351   17.796  11.412  1.00 45.56  ? 138 LYS A O   1 
ATOM   802  C CB  . LYS A 1 99  ? 5.610   19.580  9.190   1.00 49.30  ? 138 LYS A CB  1 
ATOM   803  C CG  . LYS A 1 99  ? 4.481   19.594  8.182   1.00 52.73  ? 138 LYS A CG  1 
ATOM   804  C CD  . LYS A 1 99  ? 4.024   20.993  7.888   1.00 57.15  ? 138 LYS A CD  1 
ATOM   805  C CE  . LYS A 1 99  ? 3.354   21.153  6.539   1.00 59.06  ? 138 LYS A CE  1 
ATOM   806  N NZ  . LYS A 1 99  ? 3.401   22.572  6.114   1.00 62.43  ? 138 LYS A NZ  1 
ATOM   807  N N   . ALA A 1 100 ? 4.274   16.462  9.581   1.00 45.72  ? 139 ALA A N   1 
ATOM   808  C CA  . ALA A 1 100 ? 3.091   15.656  9.955   1.00 44.74  ? 139 ALA A CA  1 
ATOM   809  C C   . ALA A 1 100 ? 3.115   14.372  9.150   1.00 38.01  ? 139 ALA A C   1 
ATOM   810  O O   . ALA A 1 100 ? 3.700   14.335  8.055   1.00 33.20  ? 139 ALA A O   1 
ATOM   811  C CB  . ALA A 1 100 ? 1.810   16.399  9.690   1.00 44.90  ? 139 ALA A CB  1 
ATOM   812  N N   . PRO A 1 101 ? 2.440   13.318  9.660   1.00 39.90  ? 140 PRO A N   1 
ATOM   813  C CA  . PRO A 1 101 ? 2.394   12.022  8.980   1.00 39.51  ? 140 PRO A CA  1 
ATOM   814  C C   . PRO A 1 101 ? 1.891   12.142  7.541   1.00 36.74  ? 140 PRO A C   1 
ATOM   815  O O   . PRO A 1 101 ? 1.055   12.998  7.277   1.00 34.59  ? 140 PRO A O   1 
ATOM   816  C CB  . PRO A 1 101 ? 1.445   11.204  9.855   1.00 44.88  ? 140 PRO A CB  1 
ATOM   817  C CG  . PRO A 1 101 ? 1.632   11.810  11.242  1.00 43.05  ? 140 PRO A CG  1 
ATOM   818  C CD  . PRO A 1 101 ? 1.734   13.292  10.950  1.00 41.38  ? 140 PRO A CD  1 
ATOM   819  N N   . VAL A 1 102 ? 2.479   11.343  6.654   1.00 35.04  ? 141 VAL A N   1 
ATOM   820  C CA  . VAL A 1 102 ? 2.152   11.296  5.205   1.00 37.09  ? 141 VAL A CA  1 
ATOM   821  C C   . VAL A 1 102 ? 1.095   10.198  5.073   1.00 40.95  ? 141 VAL A C   1 
ATOM   822  O O   . VAL A 1 102 ? 1.379   9.028   5.368   1.00 43.77  ? 141 VAL A O   1 
ATOM   823  C CB  . VAL A 1 102 ? 3.417   11.044  4.359   1.00 36.64  ? 141 VAL A CB  1 
ATOM   824  C CG1 . VAL A 1 102 ? 3.131   11.009  2.870   1.00 37.41  ? 141 VAL A CG1 1 
ATOM   825  C CG2 . VAL A 1 102 ? 4.503   12.067  4.665   1.00 39.86  ? 141 VAL A CG2 1 
ATOM   826  N N   A SER A 1 103 ? -0.118  10.588  4.675   0.25 40.66  ? 142 SER A N   1 
ATOM   827  N N   B SER A 1 103 ? -0.108  10.579  4.645   0.25 41.03  ? 142 SER A N   1 
ATOM   828  C CA  A SER A 1 103 ? -1.313  9.710   4.587   0.25 41.35  ? 142 SER A CA  1 
ATOM   829  C CA  B SER A 1 103 ? -1.297  9.694   4.584   0.25 42.04  ? 142 SER A CA  1 
ATOM   830  C C   A SER A 1 103 ? -1.667  9.476   3.117   0.25 40.30  ? 142 SER A C   1 
ATOM   831  C C   B SER A 1 103 ? -1.700  9.478   3.125   0.25 40.74  ? 142 SER A C   1 
ATOM   832  O O   A SER A 1 103 ? -1.698  10.467  2.364   0.25 38.82  ? 142 SER A O   1 
ATOM   833  O O   B SER A 1 103 ? -1.799  10.479  2.392   0.25 39.28  ? 142 SER A O   1 
ATOM   834  C CB  A SER A 1 103 ? -2.478  10.301  5.339   0.25 41.24  ? 142 SER A CB  1 
ATOM   835  C CB  B SER A 1 103 ? -2.425  10.262  5.395   0.25 42.29  ? 142 SER A CB  1 
ATOM   836  O OG  A SER A 1 103 ? -3.704  9.733   4.891   0.25 42.33  ? 142 SER A OG  1 
ATOM   837  O OG  B SER A 1 103 ? -2.110  10.211  6.775   0.25 44.79  ? 142 SER A OG  1 
ATOM   838  N N   . PHE A 1 104 ? -1.918  8.215   2.740   1.00 39.16  ? 143 PHE A N   1 
ATOM   839  C CA  . PHE A 1 104 ? -2.400  7.833   1.391   1.00 37.95  ? 143 PHE A CA  1 
ATOM   840  C C   . PHE A 1 104 ? -3.883  7.470   1.487   1.00 38.26  ? 143 PHE A C   1 
ATOM   841  O O   . PHE A 1 104 ? -4.257  6.421   0.961   1.00 33.28  ? 143 PHE A O   1 
ATOM   842  C CB  . PHE A 1 104 ? -1.558  6.684   0.849   1.00 38.69  ? 143 PHE A CB  1 
ATOM   843  C CG  . PHE A 1 104 ? -0.133  7.077   0.570   1.00 38.66  ? 143 PHE A CG  1 
ATOM   844  C CD1 . PHE A 1 104 ? 0.261   7.402   -0.712  1.00 37.40  ? 143 PHE A CD1 1 
ATOM   845  C CD2 . PHE A 1 104 ? 0.797   7.141   1.592   1.00 36.13  ? 143 PHE A CD2 1 
ATOM   846  C CE1 . PHE A 1 104 ? 1.571   7.755   -0.979  1.00 38.94  ? 143 PHE A CE1 1 
ATOM   847  C CE2 . PHE A 1 104 ? 2.102   7.511   1.326   1.00 38.77  ? 143 PHE A CE2 1 
ATOM   848  C CZ  . PHE A 1 104 ? 2.489   7.806   0.041   1.00 37.35  ? 143 PHE A CZ  1 
ATOM   849  N N   . SER A 1 105 ? -4.692  8.359   2.078   1.00 44.28  ? 144 SER A N   1 
ATOM   850  C CA  . SER A 1 105 ? -6.135  8.152   2.373   1.00 46.74  ? 144 SER A CA  1 
ATOM   851  C C   . SER A 1 105 ? -6.978  7.973   1.097   1.00 44.07  ? 144 SER A C   1 
ATOM   852  O O   . SER A 1 105 ? -8.022  7.323   1.174   1.00 48.33  ? 144 SER A O   1 
ATOM   853  C CB  . SER A 1 105 ? -6.655  9.288   3.209   1.00 49.04  ? 144 SER A CB  1 
ATOM   854  O OG  . SER A 1 105 ? -6.364  10.527  2.578   1.00 50.79  ? 144 SER A OG  1 
ATOM   855  N N   . LYS A 1 106 ? -6.552  8.532   -0.031  1.00 45.48  ? 145 LYS A N   1 
ATOM   856  C CA  . LYS A 1 106 ? -7.393  8.690   -1.247  1.00 48.37  ? 145 LYS A CA  1 
ATOM   857  C C   . LYS A 1 106 ? -7.089  7.585   -2.267  1.00 46.29  ? 145 LYS A C   1 
ATOM   858  O O   . LYS A 1 106 ? -7.809  7.511   -3.269  1.00 40.74  ? 145 LYS A O   1 
ATOM   859  C CB  . LYS A 1 106 ? -7.150  10.050  -1.912  1.00 55.46  ? 145 LYS A CB  1 
ATOM   860  C CG  . LYS A 1 106 ? -7.356  11.268  -1.015  1.00 63.02  ? 145 LYS A CG  1 
ATOM   861  C CD  . LYS A 1 106 ? -8.719  11.293  -0.356  1.00 75.61  ? 145 LYS A CD  1 
ATOM   862  C CE  . LYS A 1 106 ? -9.114  12.648  0.202   1.00 79.89  ? 145 LYS A CE  1 
ATOM   863  N NZ  . LYS A 1 106 ? -10.532 12.645  0.641   1.00 83.78  ? 145 LYS A NZ  1 
ATOM   864  N N   . VAL A 1 107 ? -6.061  6.761   -2.057  1.00 46.34  ? 146 VAL A N   1 
ATOM   865  C CA  . VAL A 1 107 ? -5.721  5.687   -3.039  1.00 44.63  ? 146 VAL A CA  1 
ATOM   866  C C   . VAL A 1 107 ? -6.915  4.706   -3.127  1.00 40.38  ? 146 VAL A C   1 
ATOM   867  O O   . VAL A 1 107 ? -7.507  4.377   -2.090  1.00 35.42  ? 146 VAL A O   1 
ATOM   868  C CB  . VAL A 1 107 ? -4.381  5.008   -2.692  1.00 49.02  ? 146 VAL A CB  1 
ATOM   869  C CG1 . VAL A 1 107 ? -4.509  4.005   -1.545  1.00 48.37  ? 146 VAL A CG1 1 
ATOM   870  C CG2 . VAL A 1 107 ? -3.752  4.369   -3.924  1.00 49.47  ? 146 VAL A CG2 1 
ATOM   871  N N   . LYS A 1 108 ? -7.274  4.287   -4.342  1.00 44.56  ? 147 LYS A N   1 
ATOM   872  C CA  . LYS A 1 108 ? -8.395  3.354   -4.629  1.00 45.28  ? 147 LYS A CA  1 
ATOM   873  C C   . LYS A 1 108 ? -7.848  2.083   -5.276  1.00 43.26  ? 147 LYS A C   1 
ATOM   874  O O   . LYS A 1 108 ? -7.041  2.203   -6.225  1.00 43.40  ? 147 LYS A O   1 
ATOM   875  C CB  . LYS A 1 108 ? -9.418  4.040   -5.534  1.00 48.93  ? 147 LYS A CB  1 
ATOM   876  C CG  . LYS A 1 108 ? -10.298 5.047   -4.806  1.00 53.69  ? 147 LYS A CG  1 
ATOM   877  C CD  . LYS A 1 108 ? -11.499 5.474   -5.609  1.00 59.51  ? 147 LYS A CD  1 
ATOM   878  C CE  . LYS A 1 108 ? -12.476 6.292   -4.795  1.00 62.74  ? 147 LYS A CE  1 
ATOM   879  N NZ  . LYS A 1 108 ? -13.687 6.609   -5.588  1.00 66.06  ? 147 LYS A NZ  1 
ATOM   880  N N   . LEU A 1 109 ? -8.247  0.929   -4.746  1.00 40.37  ? 148 LEU A N   1 
ATOM   881  C CA  . LEU A 1 109 ? -7.846  -0.413  -5.244  1.00 45.32  ? 148 LEU A CA  1 
ATOM   882  C C   . LEU A 1 109 ? -8.971  -0.956  -6.136  1.00 44.22  ? 148 LEU A C   1 
ATOM   883  O O   . LEU A 1 109 ? -10.144 -0.948  -5.708  1.00 45.21  ? 148 LEU A O   1 
ATOM   884  C CB  . LEU A 1 109 ? -7.562  -1.333  -4.048  1.00 42.49  ? 148 LEU A CB  1 
ATOM   885  C CG  . LEU A 1 109 ? -6.506  -0.848  -3.043  1.00 43.79  ? 148 LEU A CG  1 
ATOM   886  C CD1 . LEU A 1 109 ? -6.199  -1.935  -2.012  1.00 40.33  ? 148 LEU A CD1 1 
ATOM   887  C CD2 . LEU A 1 109 ? -5.215  -0.406  -3.723  1.00 39.07  ? 148 LEU A CD2 1 
ATOM   888  N N   . THR A 1 110 ? -8.628  -1.421  -7.336  1.00 45.96  ? 149 THR A N   1 
ATOM   889  C CA  . THR A 1 110 ? -9.609  -1.918  -8.334  1.00 48.61  ? 149 THR A CA  1 
ATOM   890  C C   . THR A 1 110 ? -9.155  -3.250  -8.944  1.00 46.97  ? 149 THR A C   1 
ATOM   891  O O   . THR A 1 110 ? -7.965  -3.533  -8.937  1.00 46.24  ? 149 THR A O   1 
ATOM   892  C CB  . THR A 1 110 ? -9.833  -0.882  -9.447  1.00 44.86  ? 149 THR A CB  1 
ATOM   893  O OG1 . THR A 1 110 ? -10.975 -1.321  -10.173 1.00 50.68  ? 149 THR A OG1 1 
ATOM   894  C CG2 . THR A 1 110 ? -8.659  -0.748  -10.390 1.00 44.06  ? 149 THR A CG2 1 
ATOM   895  N N   . ASN A 1 111 ? -10.105 -3.994  -9.512  1.00 54.23  ? 150 ASN A N   1 
ATOM   896  C CA  . ASN A 1 111 ? -9.859  -5.192  -10.361 1.00 60.77  ? 150 ASN A CA  1 
ATOM   897  C C   . ASN A 1 111 ? -10.193 -4.896  -11.834 1.00 60.49  ? 150 ASN A C   1 
ATOM   898  O O   . ASN A 1 111 ? -10.210 -5.851  -12.607 1.00 58.98  ? 150 ASN A O   1 
ATOM   899  C CB  . ASN A 1 111 ? -10.608 -6.438  -9.856  1.00 57.00  ? 150 ASN A CB  1 
ATOM   900  C CG  . ASN A 1 111 ? -12.096 -6.251  -9.631  1.00 58.33  ? 150 ASN A CG  1 
ATOM   901  O OD1 . ASN A 1 111 ? -12.748 -7.141  -9.090  1.00 61.96  ? 150 ASN A OD1 1 
ATOM   902  N ND2 . ASN A 1 111 ? -12.649 -5.119  -10.032 1.00 49.61  ? 150 ASN A ND2 1 
ATOM   903  N N   . LYS A 1 112 ? -10.415 -3.636  -12.226 1.00 67.78  ? 151 LYS A N   1 
ATOM   904  C CA  . LYS A 1 112 ? -10.672 -3.255  -13.646 1.00 81.55  ? 151 LYS A CA  1 
ATOM   905  C C   . LYS A 1 112 ? -9.812  -2.046  -14.017 1.00 87.61  ? 151 LYS A C   1 
ATOM   906  O O   . LYS A 1 112 ? -9.712  -1.122  -13.189 1.00 87.81  ? 151 LYS A O   1 
ATOM   907  C CB  . LYS A 1 112 ? -12.150 -2.925  -13.883 1.00 89.41  ? 151 LYS A CB  1 
ATOM   908  C CG  . LYS A 1 112 ? -13.129 -4.058  -13.594 1.00 102.72 ? 151 LYS A CG  1 
ATOM   909  C CD  . LYS A 1 112 ? -13.158 -5.165  -14.644 1.00 107.53 ? 151 LYS A CD  1 
ATOM   910  C CE  . LYS A 1 112 ? -14.012 -6.352  -14.236 1.00 106.61 ? 151 LYS A CE  1 
ATOM   911  N NZ  . LYS A 1 112 ? -13.302 -7.238  -13.282 1.00 101.47 ? 151 LYS A NZ  1 
ATOM   912  N N   . LEU A 1 113 ? -9.238  -2.050  -15.226 1.00 96.82  ? 152 LEU A N   1 
ATOM   913  C CA  . LEU A 1 113 ? -8.443  -0.911  -15.772 1.00 108.56 ? 152 LEU A CA  1 
ATOM   914  C C   . LEU A 1 113 ? -9.400  0.217   -16.193 1.00 105.09 ? 152 LEU A C   1 
ATOM   915  O O   . LEU A 1 113 ? -9.511  0.503   -17.399 1.00 103.50 ? 152 LEU A O   1 
ATOM   916  C CB  . LEU A 1 113 ? -7.511  -1.359  -16.913 1.00 113.34 ? 152 LEU A CB  1 
ATOM   917  C CG  . LEU A 1 113 ? -8.009  -2.371  -17.960 1.00 116.24 ? 152 LEU A CG  1 
ATOM   918  C CD1 . LEU A 1 113 ? -7.661  -3.805  -17.577 1.00 111.67 ? 152 LEU A CD1 1 
ATOM   919  C CD2 . LEU A 1 113 ? -9.497  -2.247  -18.282 1.00 115.84 ? 152 LEU A CD2 1 
ATOM   920  N N   . ASN A 1 114 ? -10.028 0.864   -15.204 1.00 105.55 ? 153 ASN A N   1 
ATOM   921  C CA  . ASN A 1 114 ? -11.090 1.890   -15.383 1.00 105.13 ? 153 ASN A CA  1 
ATOM   922  C C   . ASN A 1 114 ? -10.534 3.266   -14.986 1.00 112.69 ? 153 ASN A C   1 
ATOM   923  O O   . ASN A 1 114 ? -11.318 4.085   -14.451 1.00 105.23 ? 153 ASN A O   1 
ATOM   924  C CB  . ASN A 1 114 ? -12.352 1.526   -14.594 1.00 104.33 ? 153 ASN A CB  1 
ATOM   925  C CG  . ASN A 1 114 ? -12.149 1.591   -13.094 1.00 109.80 ? 153 ASN A CG  1 
ATOM   926  O OD1 . ASN A 1 114 ? -12.568 2.553   -12.456 1.00 117.64 ? 153 ASN A OD1 1 
ATOM   927  N ND2 . ASN A 1 114 ? -11.494 0.590   -12.525 1.00 96.87  ? 153 ASN A ND2 1 
ATOM   928  N N   . GLY A 1 115 ? -9.235  3.501   -15.236 1.00 116.73 ? 154 GLY A N   1 
ATOM   929  C CA  . GLY A 1 115 ? -8.535  4.792   -15.050 1.00 113.24 ? 154 GLY A CA  1 
ATOM   930  C C   . GLY A 1 115 ? -8.640  5.325   -13.628 1.00 114.96 ? 154 GLY A C   1 
ATOM   931  O O   . GLY A 1 115 ? -8.575  4.515   -12.682 1.00 121.20 ? 154 GLY A O   1 
ATOM   932  N N   . GLY A 1 116 ? -8.764  6.650   -13.487 1.00 110.15 ? 155 GLY A N   1 
ATOM   933  C CA  . GLY A 1 116 ? -9.049  7.357   -12.221 1.00 99.73  ? 155 GLY A CA  1 
ATOM   934  C C   . GLY A 1 116 ? -7.893  7.326   -11.228 1.00 91.88  ? 155 GLY A C   1 
ATOM   935  O O   . GLY A 1 116 ? -8.159  7.568   -10.030 1.00 85.07  ? 155 GLY A O   1 
ATOM   936  N N   . GLY A 1 117 ? -6.664  7.049   -11.684 1.00 86.05  ? 156 GLY A N   1 
ATOM   937  C CA  . GLY A 1 117 ? -5.459  6.969   -10.828 1.00 82.82  ? 156 GLY A CA  1 
ATOM   938  C C   . GLY A 1 117 ? -5.508  5.802   -9.848  1.00 79.34  ? 156 GLY A C   1 
ATOM   939  O O   . GLY A 1 117 ? -4.718  5.806   -8.880  1.00 69.65  ? 156 GLY A O   1 
ATOM   940  N N   . GLN A 1 118 ? -6.384  4.823   -10.100 1.00 72.25  ? 157 GLN A N   1 
ATOM   941  C CA  . GLN A 1 118 ? -6.610  3.643   -9.230  1.00 63.60  ? 157 GLN A CA  1 
ATOM   942  C C   . GLN A 1 118 ? -5.467  2.638   -9.409  1.00 60.42  ? 157 GLN A C   1 
ATOM   943  O O   . GLN A 1 118 ? -4.795  2.670   -10.449 1.00 65.49  ? 157 GLN A O   1 
ATOM   944  C CB  . GLN A 1 118 ? -7.946  3.001   -9.585  1.00 64.33  ? 157 GLN A CB  1 
ATOM   945  C CG  . GLN A 1 118 ? -9.139  3.907   -9.348  1.00 67.22  ? 157 GLN A CG  1 
ATOM   946  C CD  . GLN A 1 118 ? -10.306 3.458   -10.187 1.00 71.06  ? 157 GLN A CD  1 
ATOM   947  O OE1 . GLN A 1 118 ? -10.594 2.270   -10.284 1.00 82.26  ? 157 GLN A OE1 1 
ATOM   948  N NE2 . GLN A 1 118 ? -10.965 4.405   -10.835 1.00 65.89  ? 157 GLN A NE2 1 
ATOM   949  N N   . ILE A 1 119 ? -5.277  1.761   -8.426  1.00 53.83  ? 158 ILE A N   1 
ATOM   950  C CA  . ILE A 1 119 ? -4.280  0.654   -8.470  1.00 46.40  ? 158 ILE A CA  1 
ATOM   951  C C   . ILE A 1 119 ? -5.030  -0.633  -8.831  1.00 45.06  ? 158 ILE A C   1 
ATOM   952  O O   . ILE A 1 119 ? -5.983  -0.996  -8.103  1.00 44.15  ? 158 ILE A O   1 
ATOM   953  C CB  . ILE A 1 119 ? -3.540  0.519   -7.131  1.00 47.50  ? 158 ILE A CB  1 
ATOM   954  C CG1 . ILE A 1 119 ? -2.817  1.807   -6.714  1.00 49.71  ? 158 ILE A CG1 1 
ATOM   955  C CG2 . ILE A 1 119 ? -2.632  -0.704  -7.144  1.00 49.35  ? 158 ILE A CG2 1 
ATOM   956  C CD1 . ILE A 1 119 ? -1.632  2.195   -7.572  1.00 52.86  ? 158 ILE A CD1 1 
ATOM   957  N N   . MET A 1 120 ? -4.598  -1.270  -9.920  1.00 45.58  ? 159 MET A N   1 
ATOM   958  C CA  . MET A 1 120 ? -5.113  -2.558  -10.439 1.00 48.58  ? 159 MET A CA  1 
ATOM   959  C C   . MET A 1 120 ? -4.434  -3.699  -9.671  1.00 47.62  ? 159 MET A C   1 
ATOM   960  O O   . MET A 1 120 ? -3.185  -3.849  -9.789  1.00 42.93  ? 159 MET A O   1 
ATOM   961  C CB  . MET A 1 120 ? -4.829  -2.677  -11.936 1.00 54.88  ? 159 MET A CB  1 
ATOM   962  C CG  . MET A 1 120 ? -5.083  -4.060  -12.501 1.00 66.42  ? 159 MET A CG  1 
ATOM   963  S SD  . MET A 1 120 ? -6.829  -4.418  -12.738 1.00 79.40  ? 159 MET A SD  1 
ATOM   964  C CE  . MET A 1 120 ? -6.997  -3.973  -14.462 1.00 81.70  ? 159 MET A CE  1 
ATOM   965  N N   . LEU A 1 121 ? -5.217  -4.457  -8.894  1.00 41.76  ? 160 LEU A N   1 
ATOM   966  C CA  . LEU A 1 121 ? -4.738  -5.671  -8.184  1.00 41.60  ? 160 LEU A CA  1 
ATOM   967  C C   . LEU A 1 121 ? -5.502  -6.888  -8.742  1.00 46.41  ? 160 LEU A C   1 
ATOM   968  O O   . LEU A 1 121 ? -6.522  -6.697  -9.402  1.00 48.64  ? 160 LEU A O   1 
ATOM   969  C CB  . LEU A 1 121 ? -4.935  -5.499  -6.673  1.00 39.55  ? 160 LEU A CB  1 
ATOM   970  C CG  . LEU A 1 121 ? -4.283  -4.274  -6.017  1.00 38.95  ? 160 LEU A CG  1 
ATOM   971  C CD1 . LEU A 1 121 ? -4.395  -4.365  -4.513  1.00 43.05  ? 160 LEU A CD1 1 
ATOM   972  C CD2 . LEU A 1 121 ? -2.811  -4.117  -6.395  1.00 38.31  ? 160 LEU A CD2 1 
ATOM   973  N N   . ASN A 1 122 ? -4.969  -8.094  -8.556  1.00 46.84  ? 161 ASN A N   1 
ATOM   974  C CA  . ASN A 1 122 ? -5.653  -9.365  -8.920  1.00 44.33  ? 161 ASN A CA  1 
ATOM   975  C C   . ASN A 1 122 ? -6.248  -9.949  -7.643  1.00 40.29  ? 161 ASN A C   1 
ATOM   976  O O   . ASN A 1 122 ? -5.486  -10.179 -6.714  1.00 39.47  ? 161 ASN A O   1 
ATOM   977  C CB  . ASN A 1 122 ? -4.690  -10.356 -9.564  1.00 43.81  ? 161 ASN A CB  1 
ATOM   978  C CG  . ASN A 1 122 ? -4.069  -9.789  -10.816 1.00 43.64  ? 161 ASN A CG  1 
ATOM   979  O OD1 . ASN A 1 122 ? -4.729  -9.066  -11.549 1.00 48.42  ? 161 ASN A OD1 1 
ATOM   980  N ND2 . ASN A 1 122 ? -2.819  -10.112 -11.066 1.00 36.33  ? 161 ASN A ND2 1 
ATOM   981  N N   . SER A 1 123 ? -7.555  -10.194 -7.625  1.00 41.35  ? 162 SER A N   1 
ATOM   982  C CA  . SER A 1 123 ? -8.252  -10.922 -6.536  1.00 42.98  ? 162 SER A CA  1 
ATOM   983  C C   . SER A 1 123 ? -7.465  -12.187 -6.122  1.00 41.74  ? 162 SER A C   1 
ATOM   984  O O   . SER A 1 123 ? -6.927  -12.895 -7.003  1.00 37.84  ? 162 SER A O   1 
ATOM   985  C CB  . SER A 1 123 ? -9.652  -11.233 -6.950  1.00 43.92  ? 162 SER A CB  1 
ATOM   986  O OG  . SER A 1 123 ? -10.387 -11.685 -5.820  1.00 57.51  ? 162 SER A OG  1 
ATOM   987  N N   . LEU A 1 124 ? -7.406  -12.463 -4.815  1.00 40.50  ? 163 LEU A N   1 
ATOM   988  C CA  . LEU A 1 124 ? -6.832  -13.692 -4.189  1.00 39.12  ? 163 LEU A CA  1 
ATOM   989  C C   . LEU A 1 124 ? -5.304  -13.702 -4.324  1.00 37.79  ? 163 LEU A C   1 
ATOM   990  O O   . LEU A 1 124 ? -4.677  -14.765 -4.159  1.00 37.04  ? 163 LEU A O   1 
ATOM   991  C CB  . LEU A 1 124 ? -7.494  -14.931 -4.813  1.00 43.04  ? 163 LEU A CB  1 
ATOM   992  C CG  . LEU A 1 124 ? -9.022  -15.023 -4.668  1.00 44.71  ? 163 LEU A CG  1 
ATOM   993  C CD1 . LEU A 1 124 ? -9.591  -16.255 -5.369  1.00 49.38  ? 163 LEU A CD1 1 
ATOM   994  C CD2 . LEU A 1 124 ? -9.451  -15.025 -3.209  1.00 46.87  ? 163 LEU A CD2 1 
ATOM   995  N N   . HIS A 1 125 ? -4.698  -12.550 -4.610  1.00 41.77  ? 164 HIS A N   1 
ATOM   996  C CA  . HIS A 1 125 ? -3.222  -12.370 -4.600  1.00 39.43  ? 164 HIS A CA  1 
ATOM   997  C C   . HIS A 1 125 ? -2.826  -11.474 -3.432  1.00 36.32  ? 164 HIS A C   1 
ATOM   998  O O   . HIS A 1 125 ? -3.591  -10.496 -3.149  1.00 37.21  ? 164 HIS A O   1 
ATOM   999  C CB  . HIS A 1 125 ? -2.740  -11.800 -5.925  1.00 40.57  ? 164 HIS A CB  1 
ATOM   1000 C CG  . HIS A 1 125 ? -2.992  -12.713 -7.063  1.00 41.15  ? 164 HIS A CG  1 
ATOM   1001 N ND1 . HIS A 1 125 ? -4.266  -13.104 -7.404  1.00 44.83  ? 164 HIS A ND1 1 
ATOM   1002 C CD2 . HIS A 1 125 ? -2.149  -13.327 -7.923  1.00 43.34  ? 164 HIS A CD2 1 
ATOM   1003 C CE1 . HIS A 1 125 ? -4.200  -13.933 -8.430  1.00 45.02  ? 164 HIS A CE1 1 
ATOM   1004 N NE2 . HIS A 1 125 ? -2.913  -14.080 -8.769  1.00 41.82  ? 164 HIS A NE2 1 
ATOM   1005 N N   . LYS A 1 126 ? -1.680  -11.790 -2.807  1.00 33.11  ? 165 LYS A N   1 
ATOM   1006 C CA  . LYS A 1 126 ? -1.108  -11.054 -1.669  1.00 30.93  ? 165 LYS A CA  1 
ATOM   1007 C C   . LYS A 1 126 ? -0.192  -9.964  -2.220  1.00 37.92  ? 165 LYS A C   1 
ATOM   1008 O O   . LYS A 1 126 ? 0.591   -10.242 -3.136  1.00 32.67  ? 165 LYS A O   1 
ATOM   1009 C CB  . LYS A 1 126 ? -0.329  -11.964 -0.725  1.00 37.66  ? 165 LYS A CB  1 
ATOM   1010 C CG  . LYS A 1 126 ? 0.212   -11.264 0.521   1.00 43.85  ? 165 LYS A CG  1 
ATOM   1011 C CD  . LYS A 1 126 ? 0.741   -12.194 1.607   1.00 48.67  ? 165 LYS A CD  1 
ATOM   1012 C CE  . LYS A 1 126 ? -0.260  -13.280 1.964   1.00 54.53  ? 165 LYS A CE  1 
ATOM   1013 N NZ  . LYS A 1 126 ? -0.134  -13.777 3.359   1.00 56.56  ? 165 LYS A NZ  1 
ATOM   1014 N N   . TYR A 1 127 ? -0.287  -8.773  -1.636  1.00 34.54  ? 166 TYR A N   1 
ATOM   1015 C CA  . TYR A 1 127 ? 0.483   -7.578  -2.042  1.00 36.50  ? 166 TYR A CA  1 
ATOM   1016 C C   . TYR A 1 127 ? 1.093   -6.958  -0.793  1.00 37.90  ? 166 TYR A C   1 
ATOM   1017 O O   . TYR A 1 127 ? 0.487   -7.077  0.275   1.00 34.04  ? 166 TYR A O   1 
ATOM   1018 C CB  . TYR A 1 127 ? -0.441  -6.626  -2.792  1.00 36.26  ? 166 TYR A CB  1 
ATOM   1019 C CG  . TYR A 1 127 ? -0.891  -7.136  -4.136  1.00 33.88  ? 166 TYR A CG  1 
ATOM   1020 C CD1 . TYR A 1 127 ? -0.068  -7.021  -5.244  1.00 35.80  ? 166 TYR A CD1 1 
ATOM   1021 C CD2 . TYR A 1 127 ? -2.135  -7.723  -4.310  1.00 31.10  ? 166 TYR A CD2 1 
ATOM   1022 C CE1 . TYR A 1 127 ? -0.469  -7.466  -6.496  1.00 32.47  ? 166 TYR A CE1 1 
ATOM   1023 C CE2 . TYR A 1 127 ? -2.565  -8.146  -5.558  1.00 31.26  ? 166 TYR A CE2 1 
ATOM   1024 C CZ  . TYR A 1 127 ? -1.716  -8.046  -6.650  1.00 32.01  ? 166 TYR A CZ  1 
ATOM   1025 O OH  . TYR A 1 127 ? -2.110  -8.468  -7.898  1.00 38.09  ? 166 TYR A OH  1 
ATOM   1026 N N   . GLU A 1 128 ? 2.273   -6.362  -0.945  1.00 41.42  ? 167 GLU A N   1 
ATOM   1027 C CA  . GLU A 1 128 ? 2.929   -5.540  0.103   1.00 42.94  ? 167 GLU A CA  1 
ATOM   1028 C C   . GLU A 1 128 ? 3.070   -4.092  -0.382  1.00 38.50  ? 167 GLU A C   1 
ATOM   1029 O O   . GLU A 1 128 ? 3.750   -3.816  -1.366  1.00 37.56  ? 167 GLU A O   1 
ATOM   1030 C CB  . GLU A 1 128 ? 4.267   -6.180  0.443   1.00 44.49  ? 167 GLU A CB  1 
ATOM   1031 C CG  . GLU A 1 128 ? 4.853   -5.659  1.736   1.00 50.79  ? 167 GLU A CG  1 
ATOM   1032 C CD  . GLU A 1 128 ? 6.204   -6.268  2.025   1.00 48.20  ? 167 GLU A CD  1 
ATOM   1033 O OE1 . GLU A 1 128 ? 7.140   -5.968  1.269   1.00 54.95  ? 167 GLU A OE1 1 
ATOM   1034 O OE2 . GLU A 1 128 ? 6.294   -7.099  2.940   1.00 58.61  ? 167 GLU A OE2 1 
ATOM   1035 N N   . PRO A 1 129 ? 2.411   -3.120  0.280   1.00 41.44  ? 168 PRO A N   1 
ATOM   1036 C CA  . PRO A 1 129 ? 2.652   -1.699  0.019   1.00 40.09  ? 168 PRO A CA  1 
ATOM   1037 C C   . PRO A 1 129 ? 4.131   -1.285  0.102   1.00 36.49  ? 168 PRO A C   1 
ATOM   1038 O O   . PRO A 1 129 ? 4.899   -1.779  0.963   1.00 35.97  ? 168 PRO A O   1 
ATOM   1039 C CB  . PRO A 1 129 ? 1.826   -0.999  1.102   1.00 39.09  ? 168 PRO A CB  1 
ATOM   1040 C CG  . PRO A 1 129 ? 0.705   -1.972  1.396   1.00 43.24  ? 168 PRO A CG  1 
ATOM   1041 C CD  . PRO A 1 129 ? 1.360   -3.334  1.295   1.00 44.84  ? 168 PRO A CD  1 
ATOM   1042 N N   . ARG A 1 130 ? 4.518   -0.427  -0.834  1.00 35.96  ? 169 ARG A N   1 
ATOM   1043 C CA  . ARG A 1 130 ? 5.896   0.094   -0.983  1.00 34.12  ? 169 ARG A CA  1 
ATOM   1044 C C   . ARG A 1 130 ? 5.853   1.573   -1.364  1.00 35.53  ? 169 ARG A C   1 
ATOM   1045 O O   . ARG A 1 130 ? 5.245   1.896   -2.394  1.00 35.46  ? 169 ARG A O   1 
ATOM   1046 C CB  . ARG A 1 130 ? 6.645   -0.707  -2.049  1.00 36.31  ? 169 ARG A CB  1 
ATOM   1047 C CG  . ARG A 1 130 ? 8.011   -0.135  -2.381  1.00 38.87  ? 169 ARG A CG  1 
ATOM   1048 C CD  . ARG A 1 130 ? 8.847   -1.061  -3.230  1.00 42.99  ? 169 ARG A CD  1 
ATOM   1049 N NE  . ARG A 1 130 ? 8.368   -1.097  -4.596  1.00 44.17  ? 169 ARG A NE  1 
ATOM   1050 C CZ  . ARG A 1 130 ? 8.957   -1.785  -5.569  1.00 42.25  ? 169 ARG A CZ  1 
ATOM   1051 N NH1 . ARG A 1 130 ? 10.027  -2.522  -5.319  1.00 40.54  ? 169 ARG A NH1 1 
ATOM   1052 N NH2 . ARG A 1 130 ? 8.469   -1.735  -6.790  1.00 38.93  ? 169 ARG A NH2 1 
ATOM   1053 N N   . ILE A 1 131 ? 6.594   2.406   -0.627  1.00 36.25  ? 170 ILE A N   1 
ATOM   1054 C CA  . ILE A 1 131 ? 6.637   3.883   -0.822  1.00 34.45  ? 170 ILE A CA  1 
ATOM   1055 C C   . ILE A 1 131 ? 8.013   4.262   -1.370  1.00 36.12  ? 170 ILE A C   1 
ATOM   1056 O O   . ILE A 1 131 ? 9.028   3.708   -0.894  1.00 32.10  ? 170 ILE A O   1 
ATOM   1057 C CB  . ILE A 1 131 ? 6.340   4.620   0.502   1.00 40.08  ? 170 ILE A CB  1 
ATOM   1058 C CG1 . ILE A 1 131 ? 4.893   4.391   0.974   1.00 37.58  ? 170 ILE A CG1 1 
ATOM   1059 C CG2 . ILE A 1 131 ? 6.711   6.097   0.357   1.00 39.92  ? 170 ILE A CG2 1 
ATOM   1060 C CD1 . ILE A 1 131 ? 4.563   4.988   2.371   1.00 37.92  ? 170 ILE A CD1 1 
ATOM   1061 N N   . HIS A 1 132 ? 8.019   5.155   -2.351  1.00 34.54  ? 171 HIS A N   1 
ATOM   1062 C CA  . HIS A 1 132 ? 9.214   5.701   -3.030  1.00 36.75  ? 171 HIS A CA  1 
ATOM   1063 C C   . HIS A 1 132 ? 9.273   7.208   -2.765  1.00 37.82  ? 171 HIS A C   1 
ATOM   1064 O O   . HIS A 1 132 ? 8.257   7.925   -2.984  1.00 37.41  ? 171 HIS A O   1 
ATOM   1065 C CB  . HIS A 1 132 ? 9.183   5.434   -4.543  1.00 35.25  ? 171 HIS A CB  1 
ATOM   1066 C CG  . HIS A 1 132 ? 8.833   4.039   -4.904  1.00 41.09  ? 171 HIS A CG  1 
ATOM   1067 N ND1 . HIS A 1 132 ? 9.799   3.078   -5.158  1.00 40.72  ? 171 HIS A ND1 1 
ATOM   1068 C CD2 . HIS A 1 132 ? 7.636   3.432   -5.048  1.00 41.17  ? 171 HIS A CD2 1 
ATOM   1069 C CE1 . HIS A 1 132 ? 9.206   1.943   -5.442  1.00 41.68  ? 171 HIS A CE1 1 
ATOM   1070 N NE2 . HIS A 1 132 ? 7.884   2.136   -5.385  1.00 44.61  ? 171 HIS A NE2 1 
ATOM   1071 N N   . ILE A 1 133 ? 10.430  7.682   -2.345  1.00 34.81  ? 172 ILE A N   1 
ATOM   1072 C CA  . ILE A 1 133 ? 10.710  9.129   -2.239  1.00 34.63  ? 172 ILE A CA  1 
ATOM   1073 C C   . ILE A 1 133 ? 11.666  9.436   -3.382  1.00 34.15  ? 172 ILE A C   1 
ATOM   1074 O O   . ILE A 1 133 ? 12.743  8.811   -3.408  1.00 31.00  ? 172 ILE A O   1 
ATOM   1075 C CB  . ILE A 1 133 ? 11.287  9.523   -0.869  1.00 35.78  ? 172 ILE A CB  1 
ATOM   1076 C CG1 . ILE A 1 133 ? 10.394  9.037   0.277   1.00 36.22  ? 172 ILE A CG1 1 
ATOM   1077 C CG2 . ILE A 1 133 ? 11.498  11.028  -0.846  1.00 37.86  ? 172 ILE A CG2 1 
ATOM   1078 C CD1 . ILE A 1 133 ? 10.965  9.259   1.666   1.00 34.98  ? 172 ILE A CD1 1 
ATOM   1079 N N   . VAL A 1 134 ? 11.194  10.283  -4.296  1.00 36.64  ? 173 VAL A N   1 
ATOM   1080 C CA  . VAL A 1 134 ? 11.843  10.753  -5.551  1.00 39.10  ? 173 VAL A CA  1 
ATOM   1081 C C   . VAL A 1 134 ? 12.232  12.225  -5.348  1.00 41.06  ? 173 VAL A C   1 
ATOM   1082 O O   . VAL A 1 134 ? 11.326  13.017  -5.136  1.00 36.03  ? 173 VAL A O   1 
ATOM   1083 C CB  . VAL A 1 134 ? 10.861  10.608  -6.731  1.00 45.94  ? 173 VAL A CB  1 
ATOM   1084 C CG1 . VAL A 1 134 ? 11.496  10.985  -8.068  1.00 50.06  ? 173 VAL A CG1 1 
ATOM   1085 C CG2 . VAL A 1 134 ? 10.273  9.215   -6.808  1.00 45.32  ? 173 VAL A CG2 1 
ATOM   1086 N N   . ARG A 1 135 ? 13.521  12.568  -5.443  1.00 42.46  ? 174 ARG A N   1 
ATOM   1087 C CA  . ARG A 1 135 ? 14.048  13.951  -5.262  1.00 45.22  ? 174 ARG A CA  1 
ATOM   1088 C C   . ARG A 1 135 ? 13.857  14.755  -6.548  1.00 43.63  ? 174 ARG A C   1 
ATOM   1089 O O   . ARG A 1 135 ? 14.270  14.256  -7.628  1.00 40.71  ? 174 ARG A O   1 
ATOM   1090 C CB  . ARG A 1 135 ? 15.540  13.933  -4.942  1.00 43.16  ? 174 ARG A CB  1 
ATOM   1091 C CG  . ARG A 1 135 ? 16.091  15.303  -4.576  1.00 45.62  ? 174 ARG A CG  1 
ATOM   1092 C CD  . ARG A 1 135 ? 17.373  15.146  -3.807  1.00 47.57  ? 174 ARG A CD  1 
ATOM   1093 N NE  . ARG A 1 135 ? 18.372  14.398  -4.582  1.00 54.11  ? 174 ARG A NE  1 
ATOM   1094 C CZ  . ARG A 1 135 ? 19.466  13.825  -4.078  1.00 52.93  ? 174 ARG A CZ  1 
ATOM   1095 N NH1 . ARG A 1 135 ? 20.317  13.197  -4.875  1.00 51.75  ? 174 ARG A NH1 1 
ATOM   1096 N NH2 . ARG A 1 135 ? 19.708  13.879  -2.777  1.00 55.31  ? 174 ARG A NH2 1 
ATOM   1097 N N   . VAL A 1 136 ? 13.243  15.938  -6.473  1.00 44.88  ? 175 VAL A N   1 
ATOM   1098 C CA  . VAL A 1 136 ? 12.912  16.673  -7.731  1.00 43.14  ? 175 VAL A CA  1 
ATOM   1099 C C   . VAL A 1 136 ? 14.135  17.487  -8.155  1.00 41.38  ? 175 VAL A C   1 
ATOM   1100 O O   . VAL A 1 136 ? 14.950  17.908  -7.277  1.00 42.55  ? 175 VAL A O   1 
ATOM   1101 C CB  . VAL A 1 136 ? 11.601  17.484  -7.685  1.00 47.64  ? 175 VAL A CB  1 
ATOM   1102 C CG1 . VAL A 1 136 ? 10.628  16.928  -6.660  1.00 50.63  ? 175 VAL A CG1 1 
ATOM   1103 C CG2 . VAL A 1 136 ? 11.803  18.978  -7.500  1.00 50.88  ? 175 VAL A CG2 1 
ATOM   1104 N N   . GLY A 1 137 ? 14.302  17.597  -9.469  1.00 40.77  ? 176 GLY A N   1 
ATOM   1105 C CA  . GLY A 1 137 ? 15.384  18.357  -10.120 1.00 43.88  ? 176 GLY A CA  1 
ATOM   1106 C C   . GLY A 1 137 ? 16.725  17.643  -10.104 1.00 45.10  ? 176 GLY A C   1 
ATOM   1107 O O   . GLY A 1 137 ? 17.719  18.315  -10.354 1.00 47.85  ? 176 GLY A O   1 
ATOM   1108 N N   . ASP A 1 138 ? 16.775  16.330  -9.859  1.00 47.87  ? 177 ASP A N   1 
ATOM   1109 C CA  . ASP A 1 138 ? 18.066  15.618  -9.630  1.00 44.21  ? 177 ASP A CA  1 
ATOM   1110 C C   . ASP A 1 138 ? 18.523  14.932  -10.916 1.00 43.56  ? 177 ASP A C   1 
ATOM   1111 O O   . ASP A 1 138 ? 17.837  14.042  -11.436 1.00 36.84  ? 177 ASP A O   1 
ATOM   1112 C CB  . ASP A 1 138 ? 17.948  14.625  -8.478  1.00 46.04  ? 177 ASP A CB  1 
ATOM   1113 C CG  . ASP A 1 138 ? 19.240  13.875  -8.220  1.00 48.61  ? 177 ASP A CG  1 
ATOM   1114 O OD1 . ASP A 1 138 ? 20.216  14.117  -8.941  1.00 58.84  ? 177 ASP A OD1 1 
ATOM   1115 O OD2 . ASP A 1 138 ? 19.248  13.048  -7.339  1.00 49.56  ? 177 ASP A OD2 1 
ATOM   1116 N N   . PRO A 1 139 ? 19.706  15.298  -11.470 1.00 41.29  ? 178 PRO A N   1 
ATOM   1117 C CA  . PRO A 1 139 ? 20.190  14.661  -12.704 1.00 40.54  ? 178 PRO A CA  1 
ATOM   1118 C C   . PRO A 1 139 ? 20.487  13.152  -12.519 1.00 43.46  ? 178 PRO A C   1 
ATOM   1119 O O   . PRO A 1 139 ? 20.470  12.426  -13.507 1.00 43.01  ? 178 PRO A O   1 
ATOM   1120 C CB  . PRO A 1 139 ? 21.434  15.493  -13.072 1.00 41.91  ? 178 PRO A CB  1 
ATOM   1121 C CG  . PRO A 1 139 ? 21.915  16.106  -11.748 1.00 42.59  ? 178 PRO A CG  1 
ATOM   1122 C CD  . PRO A 1 139 ? 20.653  16.290  -10.920 1.00 45.40  ? 178 PRO A CD  1 
ATOM   1123 N N   . GLN A 1 140 ? 20.688  12.686  -11.274 1.00 39.67  ? 179 GLN A N   1 
ATOM   1124 C CA  . GLN A 1 140 ? 20.873  11.242  -10.944 1.00 38.51  ? 179 GLN A CA  1 
ATOM   1125 C C   . GLN A 1 140 ? 19.543  10.531  -10.675 1.00 39.85  ? 179 GLN A C   1 
ATOM   1126 O O   . GLN A 1 140 ? 19.563  9.278   -10.523 1.00 44.92  ? 179 GLN A O   1 
ATOM   1127 C CB  . GLN A 1 140 ? 21.830  11.089  -9.775  1.00 39.15  ? 179 GLN A CB  1 
ATOM   1128 C CG  . GLN A 1 140 ? 23.256  11.441  -10.178 1.00 44.81  ? 179 GLN A CG  1 
ATOM   1129 C CD  . GLN A 1 140 ? 24.225  11.026  -9.109  1.00 52.82  ? 179 GLN A CD  1 
ATOM   1130 O OE1 . GLN A 1 140 ? 24.997  10.087  -9.289  1.00 62.15  ? 179 GLN A OE1 1 
ATOM   1131 N NE2 . GLN A 1 140 ? 24.139  11.695  -7.971  1.00 46.00  ? 179 GLN A NE2 1 
ATOM   1132 N N   . ARG A 1 141 ? 18.433  11.266  -10.691 1.00 39.20  ? 180 ARG A N   1 
ATOM   1133 C CA  . ARG A 1 141 ? 17.073  10.718  -10.470 1.00 41.47  ? 180 ARG A CA  1 
ATOM   1134 C C   . ARG A 1 141 ? 17.088  9.790   -9.246  1.00 40.16  ? 180 ARG A C   1 
ATOM   1135 O O   . ARG A 1 141 ? 16.591  8.661   -9.331  1.00 40.44  ? 180 ARG A O   1 
ATOM   1136 C CB  . ARG A 1 141 ? 16.629  9.982   -11.739 1.00 44.62  ? 180 ARG A CB  1 
ATOM   1137 C CG  . ARG A 1 141 ? 16.140  10.917  -12.834 1.00 48.75  ? 180 ARG A CG  1 
ATOM   1138 C CD  . ARG A 1 141 ? 15.623  10.142  -14.034 1.00 49.97  ? 180 ARG A CD  1 
ATOM   1139 N NE  . ARG A 1 141 ? 16.750  9.748   -14.863 1.00 52.44  ? 180 ARG A NE  1 
ATOM   1140 C CZ  . ARG A 1 141 ? 16.910  8.574   -15.449 1.00 63.40  ? 180 ARG A CZ  1 
ATOM   1141 N NH1 . ARG A 1 141 ? 17.995  8.354   -16.165 1.00 66.58  ? 180 ARG A NH1 1 
ATOM   1142 N NH2 . ARG A 1 141 ? 16.002  7.620   -15.330 1.00 78.40  ? 180 ARG A NH2 1 
ATOM   1143 N N   A MET A 1 142 ? 17.684  10.234  -8.133  0.25 39.53  ? 181 MET A N   1 
ATOM   1144 N N   B MET A 1 142 ? 17.639  10.284  -8.134  0.25 40.52  ? 181 MET A N   1 
ATOM   1145 C CA  A MET A 1 142 ? 17.869  9.382   -6.927  0.25 38.55  ? 181 MET A CA  1 
ATOM   1146 C CA  B MET A 1 142 ? 17.782  9.521   -6.869  0.25 40.38  ? 181 MET A CA  1 
ATOM   1147 C C   A MET A 1 142 ? 16.495  9.088   -6.322  0.25 37.03  ? 181 MET A C   1 
ATOM   1148 C C   B MET A 1 142 ? 16.381  9.166   -6.361  0.25 38.32  ? 181 MET A C   1 
ATOM   1149 O O   A MET A 1 142 ? 15.776  10.056  -6.037  0.25 34.76  ? 181 MET A O   1 
ATOM   1150 O O   B MET A 1 142 ? 15.514  10.049  -6.383  0.25 37.98  ? 181 MET A O   1 
ATOM   1151 C CB  A MET A 1 142 ? 18.742  10.049  -5.858  0.25 38.88  ? 181 MET A CB  1 
ATOM   1152 C CB  B MET A 1 142 ? 18.534  10.338  -5.811  0.25 41.21  ? 181 MET A CB  1 
ATOM   1153 C CG  A MET A 1 142 ? 18.940  9.162   -4.627  0.25 38.26  ? 181 MET A CG  1 
ATOM   1154 C CG  B MET A 1 142 ? 18.960  9.508   -4.611  0.25 42.53  ? 181 MET A CG  1 
ATOM   1155 S SD  A MET A 1 142 ? 19.646  10.053  -3.214  0.25 40.63  ? 181 MET A SD  1 
ATOM   1156 S SD  B MET A 1 142 ? 17.668  9.418   -3.350  0.25 45.34  ? 181 MET A SD  1 
ATOM   1157 C CE  A MET A 1 142 ? 19.262  8.936   -1.868  0.25 38.71  ? 181 MET A CE  1 
ATOM   1158 C CE  B MET A 1 142 ? 17.844  11.026  -2.576  0.25 45.27  ? 181 MET A CE  1 
ATOM   1159 N N   A ILE A 1 143 ? 16.170  7.803   -6.143  0.25 35.02  ? 182 ILE A N   1 
ATOM   1160 N N   B ILE A 1 143 ? 16.177  7.904   -5.969  0.25 35.63  ? 182 ILE A N   1 
ATOM   1161 C CA  A ILE A 1 143 ? 14.915  7.314   -5.499  0.25 35.58  ? 182 ILE A CA  1 
ATOM   1162 C CA  B ILE A 1 143 ? 14.892  7.380   -5.418  0.25 35.52  ? 182 ILE A CA  1 
ATOM   1163 C C   A ILE A 1 143 ? 15.289  6.394   -4.336  0.25 34.54  ? 182 ILE A C   1 
ATOM   1164 C C   B ILE A 1 143 ? 15.217  6.382   -4.308  0.25 35.15  ? 182 ILE A C   1 
ATOM   1165 O O   A ILE A 1 143 ? 16.196  5.549   -4.519  0.25 34.06  ? 182 ILE A O   1 
ATOM   1166 O O   B ILE A 1 143 ? 15.980  5.424   -4.582  0.25 34.27  ? 182 ILE A O   1 
ATOM   1167 C CB  A ILE A 1 143 ? 14.015  6.584   -6.516  0.25 36.23  ? 182 ILE A CB  1 
ATOM   1168 C CB  B ILE A 1 143 ? 14.034  6.734   -6.526  0.25 34.97  ? 182 ILE A CB  1 
ATOM   1169 C CG1 A ILE A 1 143 ? 13.690  7.468   -7.723  0.25 36.79  ? 182 ILE A CG1 1 
ATOM   1170 C CG1 B ILE A 1 143 ? 12.692  6.220   -5.991  0.25 35.63  ? 182 ILE A CG1 1 
ATOM   1171 C CG2 A ILE A 1 143 ? 12.753  6.058   -5.842  0.25 37.85  ? 182 ILE A CG2 1 
ATOM   1172 C CG2 B ILE A 1 143 ? 14.808  5.637   -7.237  0.25 35.17  ? 182 ILE A CG2 1 
ATOM   1173 C CD1 A ILE A 1 143 ? 13.061  6.721   -8.876  0.25 36.97  ? 182 ILE A CD1 1 
ATOM   1174 C CD1 B ILE A 1 143 ? 11.796  5.645   -7.061  0.25 34.02  ? 182 ILE A CD1 1 
ATOM   1175 N N   A THR A 1 144 ? 14.617  6.563   -3.194  0.25 33.40  ? 183 THR A N   1 
ATOM   1176 N N   B THR A 1 144 ? 14.681  6.616   -3.106  0.25 34.99  ? 183 THR A N   1 
ATOM   1177 C CA  A THR A 1 144 ? 14.680  5.653   -2.021  0.25 33.92  ? 183 THR A CA  1 
ATOM   1178 C CA  B THR A 1 144 ? 14.722  5.666   -1.964  0.25 36.48  ? 183 THR A CA  1 
ATOM   1179 C C   A THR A 1 144 ? 13.339  4.924   -1.897  0.25 33.20  ? 183 THR A C   1 
ATOM   1180 C C   B THR A 1 144 ? 13.375  4.941   -1.890  0.25 36.45  ? 183 THR A C   1 
ATOM   1181 O O   A THR A 1 144 ? 12.294  5.590   -2.060  0.25 31.86  ? 183 THR A O   1 
ATOM   1182 O O   B THR A 1 144 ? 12.334  5.632   -1.900  0.25 35.37  ? 183 THR A O   1 
ATOM   1183 C CB  A THR A 1 144 ? 14.981  6.423   -0.731  0.25 35.19  ? 183 THR A CB  1 
ATOM   1184 C CB  B THR A 1 144 ? 15.023  6.376   -0.639  0.25 38.04  ? 183 THR A CB  1 
ATOM   1185 O OG1 A THR A 1 144 ? 13.801  7.153   -0.395  0.25 34.80  ? 183 THR A OG1 1 
ATOM   1186 O OG1 B THR A 1 144 ? 16.033  7.357   -0.865  0.25 40.18  ? 183 THR A OG1 1 
ATOM   1187 C CG2 A THR A 1 144 ? 16.164  7.356   -0.857  0.25 36.13  ? 183 THR A CG2 1 
ATOM   1188 C CG2 B THR A 1 144 ? 15.472  5.419   0.444   0.25 37.51  ? 183 THR A CG2 1 
ATOM   1189 N N   A SER A 1 145 ? 13.369  3.619   -1.616  0.25 32.29  ? 184 SER A N   1 
ATOM   1190 N N   B SER A 1 145 ? 13.401  3.609   -1.838  0.25 36.24  ? 184 SER A N   1 
ATOM   1191 C CA  A SER A 1 145 ? 12.171  2.743   -1.545  0.25 32.93  ? 184 SER A CA  1 
ATOM   1192 C CA  B SER A 1 145 ? 12.201  2.743   -1.718  0.25 37.11  ? 184 SER A CA  1 
ATOM   1193 C C   A SER A 1 145 ? 12.127  2.019   -0.194  0.25 33.18  ? 184 SER A C   1 
ATOM   1194 C C   B SER A 1 145 ? 12.153  2.154   -0.306  0.25 37.30  ? 184 SER A C   1 
ATOM   1195 O O   A SER A 1 145 ? 13.132  1.367   0.166   0.25 32.01  ? 184 SER A O   1 
ATOM   1196 O O   B SER A 1 145 ? 13.227  1.978   0.298   0.25 37.14  ? 184 SER A O   1 
ATOM   1197 C CB  A SER A 1 145 ? 12.143  1.757   -2.690  0.25 33.83  ? 184 SER A CB  1 
ATOM   1198 C CB  B SER A 1 145 ? 12.187  1.666   -2.775  0.25 38.54  ? 184 SER A CB  1 
ATOM   1199 O OG  A SER A 1 145 ? 12.143  2.426   -3.944  0.25 31.64  ? 184 SER A OG  1 
ATOM   1200 O OG  B SER A 1 145 ? 13.327  0.830   -2.662  0.25 37.44  ? 184 SER A OG  1 
ATOM   1201 N N   A HIS A 1 146 ? 11.001  2.145   0.515   0.25 31.93  ? 185 HIS A N   1 
ATOM   1202 N N   B HIS A 1 146 ? 10.946  1.879   0.190   0.25 35.13  ? 185 HIS A N   1 
ATOM   1203 C CA  A HIS A 1 146 ? 10.688  1.428   1.779   0.25 31.28  ? 185 HIS A CA  1 
ATOM   1204 C CA  B HIS A 1 146 ? 10.670  1.425   1.578   0.25 34.04  ? 185 HIS A CA  1 
ATOM   1205 C C   A HIS A 1 146 ? 9.491   0.501   1.553   0.25 31.62  ? 185 HIS A C   1 
ATOM   1206 C C   B HIS A 1 146 ? 9.451   0.499   1.555   0.25 33.28  ? 185 HIS A C   1 
ATOM   1207 O O   A HIS A 1 146 ? 8.504   0.957   0.949   0.25 32.69  ? 185 HIS A O   1 
ATOM   1208 O O   B HIS A 1 146 ? 8.393   0.960   1.093   0.25 34.79  ? 185 HIS A O   1 
ATOM   1209 C CB  A HIS A 1 146 ? 10.395  2.418   2.912   0.25 30.59  ? 185 HIS A CB  1 
ATOM   1210 C CB  B HIS A 1 146 ? 10.431  2.633   2.491   0.25 33.48  ? 185 HIS A CB  1 
ATOM   1211 C CG  A HIS A 1 146 ? 11.602  3.137   3.411   0.25 29.69  ? 185 HIS A CG  1 
ATOM   1212 C CG  B HIS A 1 146 ? 11.296  3.817   2.197   0.25 33.09  ? 185 HIS A CG  1 
ATOM   1213 N ND1 A HIS A 1 146 ? 12.332  2.686   4.495   0.25 29.29  ? 185 HIS A ND1 1 
ATOM   1214 N ND1 B HIS A 1 146 ? 10.970  4.753   1.217   0.25 32.01  ? 185 HIS A ND1 1 
ATOM   1215 C CD2 A HIS A 1 146 ? 12.200  4.267   2.985   0.25 28.52  ? 185 HIS A CD2 1 
ATOM   1216 C CD2 B HIS A 1 146 ? 12.446  4.242   2.764   0.25 31.82  ? 185 HIS A CD2 1 
ATOM   1217 C CE1 A HIS A 1 146 ? 13.336  3.506   4.707   0.25 29.99  ? 185 HIS A CE1 1 
ATOM   1218 C CE1 B HIS A 1 146 ? 11.896  5.689   1.182   0.25 32.38  ? 185 HIS A CE1 1 
ATOM   1219 N NE2 A HIS A 1 146 ? 13.272  4.494   3.799   0.25 30.25  ? 185 HIS A NE2 1 
ATOM   1220 N NE2 B HIS A 1 146 ? 12.815  5.403   2.128   0.25 33.57  ? 185 HIS A NE2 1 
ATOM   1221 N N   . CYS A 1 147 ? 9.597   -0.743  2.028   1.00 33.91  ? 186 CYS A N   1 
ATOM   1222 C CA  . CYS A 1 147 ? 8.497   -1.747  2.067   1.00 35.16  ? 186 CYS A CA  1 
ATOM   1223 C C   . CYS A 1 147 ? 7.931   -1.851  3.487   1.00 37.69  ? 186 CYS A C   1 
ATOM   1224 O O   . CYS A 1 147 ? 8.670   -1.550  4.461   1.00 37.95  ? 186 CYS A O   1 
ATOM   1225 C CB  . CYS A 1 147 ? 9.008   -3.112  1.618   1.00 36.93  ? 186 CYS A CB  1 
ATOM   1226 S SG  . CYS A 1 147 ? 9.744   -3.058  -0.033  1.00 43.86  ? 186 CYS A SG  1 
ATOM   1227 N N   . PHE A 1 148 ? 6.662   -2.244  3.618   1.00 39.02  ? 187 PHE A N   1 
ATOM   1228 C CA  . PHE A 1 148 ? 5.955   -2.246  4.923   1.00 40.31  ? 187 PHE A CA  1 
ATOM   1229 C C   . PHE A 1 148 ? 5.288   -3.605  5.117   1.00 43.41  ? 187 PHE A C   1 
ATOM   1230 O O   . PHE A 1 148 ? 4.097   -3.787  4.849   1.00 37.64  ? 187 PHE A O   1 
ATOM   1231 C CB  . PHE A 1 148 ? 5.003   -1.052  5.026   1.00 42.27  ? 187 PHE A CB  1 
ATOM   1232 C CG  . PHE A 1 148 ? 5.699   0.274   4.904   1.00 43.23  ? 187 PHE A CG  1 
ATOM   1233 C CD1 . PHE A 1 148 ? 6.207   0.917   6.022   1.00 43.30  ? 187 PHE A CD1 1 
ATOM   1234 C CD2 . PHE A 1 148 ? 5.903   0.848   3.658   1.00 43.30  ? 187 PHE A CD2 1 
ATOM   1235 C CE1 . PHE A 1 148 ? 6.869   2.131   5.894   1.00 44.83  ? 187 PHE A CE1 1 
ATOM   1236 C CE2 . PHE A 1 148 ? 6.554   2.064   3.538   1.00 42.84  ? 187 PHE A CE2 1 
ATOM   1237 C CZ  . PHE A 1 148 ? 7.037   2.701   4.655   1.00 42.76  ? 187 PHE A CZ  1 
ATOM   1238 N N   . PRO A 1 149 ? 6.056   -4.593  5.623   1.00 45.76  ? 188 PRO A N   1 
ATOM   1239 C CA  . PRO A 1 149 ? 5.562   -5.964  5.740   1.00 43.38  ? 188 PRO A CA  1 
ATOM   1240 C C   . PRO A 1 149 ? 4.341   -6.091  6.668   1.00 40.56  ? 188 PRO A C   1 
ATOM   1241 O O   . PRO A 1 149 ? 3.585   -6.975  6.447   1.00 37.68  ? 188 PRO A O   1 
ATOM   1242 C CB  . PRO A 1 149 ? 6.771   -6.770  6.241   1.00 47.83  ? 188 PRO A CB  1 
ATOM   1243 C CG  . PRO A 1 149 ? 7.756   -5.741  6.793   1.00 48.83  ? 188 PRO A CG  1 
ATOM   1244 C CD  . PRO A 1 149 ? 7.434   -4.429  6.112   1.00 51.75  ? 188 PRO A CD  1 
ATOM   1245 N N   . GLU A 1 150 ? 4.140   -5.165  7.611   1.00 43.46  ? 189 GLU A N   1 
ATOM   1246 C CA  . GLU A 1 150 ? 2.988   -5.159  8.553   1.00 41.10  ? 189 GLU A CA  1 
ATOM   1247 C C   . GLU A 1 150 ? 1.668   -4.907  7.808   1.00 37.86  ? 189 GLU A C   1 
ATOM   1248 O O   . GLU A 1 150 ? 0.594   -5.215  8.380   1.00 39.09  ? 189 GLU A O   1 
ATOM   1249 C CB  . GLU A 1 150 ? 3.141   -4.074  9.616   1.00 50.55  ? 189 GLU A CB  1 
ATOM   1250 C CG  . GLU A 1 150 ? 4.421   -4.167  10.417  1.00 53.77  ? 189 GLU A CG  1 
ATOM   1251 C CD  . GLU A 1 150 ? 5.516   -3.230  9.939   1.00 54.34  ? 189 GLU A CD  1 
ATOM   1252 O OE1 . GLU A 1 150 ? 6.195   -2.655  10.805  1.00 59.07  ? 189 GLU A OE1 1 
ATOM   1253 O OE2 . GLU A 1 150 ? 5.694   -3.080  8.707   1.00 56.53  ? 189 GLU A OE2 1 
ATOM   1254 N N   . THR A 1 151 ? 1.743   -4.313  6.613   1.00 35.97  ? 190 THR A N   1 
ATOM   1255 C CA  . THR A 1 151 ? 0.590   -3.788  5.839   1.00 36.74  ? 190 THR A CA  1 
ATOM   1256 C C   . THR A 1 151 ? 0.214   -4.776  4.735   1.00 32.76  ? 190 THR A C   1 
ATOM   1257 O O   . THR A 1 151 ? -0.499  -4.356  3.825   1.00 31.00  ? 190 THR A O   1 
ATOM   1258 C CB  . THR A 1 151 ? 0.919   -2.416  5.237   1.00 36.50  ? 190 THR A CB  1 
ATOM   1259 O OG1 . THR A 1 151 ? 1.934   -2.529  4.235   1.00 33.17  ? 190 THR A OG1 1 
ATOM   1260 C CG2 . THR A 1 151 ? 1.398   -1.439  6.289   1.00 33.82  ? 190 THR A CG2 1 
ATOM   1261 N N   . GLN A 1 152 ? 0.806   -5.973  4.727   1.00 34.49  ? 191 GLN A N   1 
ATOM   1262 C CA  . GLN A 1 152 ? 0.529   -6.998  3.675   1.00 40.45  ? 191 GLN A CA  1 
ATOM   1263 C C   . GLN A 1 152 ? -0.948  -7.357  3.749   1.00 36.21  ? 191 GLN A C   1 
ATOM   1264 O O   . GLN A 1 152 ? -1.462  -7.416  4.870   1.00 34.37  ? 191 GLN A O   1 
ATOM   1265 C CB  . GLN A 1 152 ? 1.332   -8.280  3.891   1.00 41.24  ? 191 GLN A CB  1 
ATOM   1266 C CG  . GLN A 1 152 ? 2.749   -8.177  3.368   1.00 47.90  ? 191 GLN A CG  1 
ATOM   1267 C CD  . GLN A 1 152 ? 3.550   -9.371  3.812   1.00 50.56  ? 191 GLN A CD  1 
ATOM   1268 O OE1 . GLN A 1 152 ? 3.050   -10.488 3.832   1.00 51.42  ? 191 GLN A OE1 1 
ATOM   1269 N NE2 . GLN A 1 152 ? 4.794   -9.128  4.187   1.00 52.23  ? 191 GLN A NE2 1 
ATOM   1270 N N   . PHE A 1 153 ? -1.584  -7.558  2.605   1.00 35.86  ? 192 PHE A N   1 
ATOM   1271 C CA  . PHE A 1 153 ? -3.009  -7.950  2.524   1.00 33.21  ? 192 PHE A CA  1 
ATOM   1272 C C   . PHE A 1 153 ? -3.271  -8.783  1.276   1.00 38.10  ? 192 PHE A C   1 
ATOM   1273 O O   . PHE A 1 153 ? -2.479  -8.700  0.265   1.00 33.86  ? 192 PHE A O   1 
ATOM   1274 C CB  . PHE A 1 153 ? -3.925  -6.727  2.485   1.00 38.01  ? 192 PHE A CB  1 
ATOM   1275 C CG  . PHE A 1 153 ? -3.737  -5.843  1.280   1.00 35.60  ? 192 PHE A CG  1 
ATOM   1276 C CD1 . PHE A 1 153 ? -4.423  -6.085  0.106   1.00 34.23  ? 192 PHE A CD1 1 
ATOM   1277 C CD2 . PHE A 1 153 ? -2.849  -4.778  1.324   1.00 36.23  ? 192 PHE A CD2 1 
ATOM   1278 C CE1 . PHE A 1 153 ? -4.246  -5.266  -0.993  1.00 34.23  ? 192 PHE A CE1 1 
ATOM   1279 C CE2 . PHE A 1 153 ? -2.674  -3.953  0.223   1.00 35.05  ? 192 PHE A CE2 1 
ATOM   1280 C CZ  . PHE A 1 153 ? -3.351  -4.221  -0.942  1.00 32.52  ? 192 PHE A CZ  1 
ATOM   1281 N N   . ILE A 1 154 ? -4.367  -9.546  1.331   1.00 29.40  ? 193 ILE A N   1 
ATOM   1282 C CA  . ILE A 1 154 ? -4.902  -10.215 0.122   1.00 30.43  ? 193 ILE A CA  1 
ATOM   1283 C C   . ILE A 1 154 ? -6.020  -9.357  -0.472  1.00 33.65  ? 193 ILE A C   1 
ATOM   1284 O O   . ILE A 1 154 ? -6.980  -9.021  0.259   1.00 34.83  ? 193 ILE A O   1 
ATOM   1285 C CB  . ILE A 1 154 ? -5.353  -11.646 0.470   1.00 31.92  ? 193 ILE A CB  1 
ATOM   1286 C CG1 . ILE A 1 154 ? -4.232  -12.381 1.219   1.00 30.69  ? 193 ILE A CG1 1 
ATOM   1287 C CG2 . ILE A 1 154 ? -5.814  -12.372 -0.803  1.00 30.84  ? 193 ILE A CG2 1 
ATOM   1288 C CD1 . ILE A 1 154 ? -4.590  -13.772 1.641   1.00 35.36  ? 193 ILE A CD1 1 
ATOM   1289 N N   . ALA A 1 155 ? -5.944  -9.087  -1.781  1.00 35.08  ? 194 ALA A N   1 
ATOM   1290 C CA  . ALA A 1 155 ? -7.017  -8.433  -2.551  1.00 37.32  ? 194 ALA A CA  1 
ATOM   1291 C C   . ALA A 1 155 ? -8.187  -9.406  -2.644  1.00 40.67  ? 194 ALA A C   1 
ATOM   1292 O O   . ALA A 1 155 ? -7.938  -10.570 -2.988  1.00 42.90  ? 194 ALA A O   1 
ATOM   1293 C CB  . ALA A 1 155 ? -6.520  -8.047  -3.916  1.00 40.19  ? 194 ALA A CB  1 
ATOM   1294 N N   . VAL A 1 156 ? -9.393  -8.954  -2.323  1.00 36.57  ? 195 VAL A N   1 
ATOM   1295 C CA  . VAL A 1 156 ? -10.634 -9.765  -2.462  1.00 40.48  ? 195 VAL A CA  1 
ATOM   1296 C C   . VAL A 1 156 ? -11.744 -8.900  -3.079  1.00 45.62  ? 195 VAL A C   1 
ATOM   1297 O O   . VAL A 1 156 ? -11.747 -7.675  -2.851  1.00 42.64  ? 195 VAL A O   1 
ATOM   1298 C CB  . VAL A 1 156 ? -11.028 -10.357 -1.098  1.00 43.47  ? 195 VAL A CB  1 
ATOM   1299 C CG1 . VAL A 1 156 ? -9.853  -11.102 -0.468  1.00 41.32  ? 195 VAL A CG1 1 
ATOM   1300 C CG2 . VAL A 1 156 ? -11.589 -9.322  -0.126  1.00 38.70  ? 195 VAL A CG2 1 
ATOM   1301 N N   . THR A 1 157 ? -12.634 -9.513  -3.868  1.00 43.42  ? 196 THR A N   1 
ATOM   1302 C CA  . THR A 1 157 ? -13.868 -8.875  -4.384  1.00 43.37  ? 196 THR A CA  1 
ATOM   1303 C C   . THR A 1 157 ? -14.904 -8.860  -3.258  1.00 41.70  ? 196 THR A C   1 
ATOM   1304 O O   . THR A 1 157 ? -15.860 -8.108  -3.375  1.00 48.51  ? 196 THR A O   1 
ATOM   1305 C CB  . THR A 1 157 ? -14.398 -9.575  -5.645  1.00 45.42  ? 196 THR A CB  1 
ATOM   1306 O OG1 . THR A 1 157 ? -14.733 -10.914 -5.314  1.00 47.14  ? 196 THR A OG1 1 
ATOM   1307 C CG2 . THR A 1 157 ? -13.418 -9.604  -6.798  1.00 49.21  ? 196 THR A CG2 1 
ATOM   1308 N N   . ALA A 1 158 ? -14.720 -9.669  -2.215  1.00 42.68  ? 197 ALA A N   1 
ATOM   1309 C CA  . ALA A 1 158 ? -15.599 -9.765  -1.018  1.00 40.85  ? 197 ALA A CA  1 
ATOM   1310 C C   . ALA A 1 158 ? -14.799 -10.405 0.106   1.00 43.18  ? 197 ALA A C   1 
ATOM   1311 O O   . ALA A 1 158 ? -13.930 -11.263 -0.214  1.00 45.62  ? 197 ALA A O   1 
ATOM   1312 C CB  . ALA A 1 158 ? -16.834 -10.600 -1.314  1.00 41.59  ? 197 ALA A CB  1 
ATOM   1313 N N   . TYR A 1 159 ? -15.099 -10.044 1.357   1.00 42.37  ? 198 TYR A N   1 
ATOM   1314 C CA  . TYR A 1 159 ? -14.384 -10.543 2.552   1.00 42.94  ? 198 TYR A CA  1 
ATOM   1315 C C   . TYR A 1 159 ? -14.609 -12.052 2.690   1.00 45.47  ? 198 TYR A C   1 
ATOM   1316 O O   . TYR A 1 159 ? -15.720 -12.533 2.434   1.00 46.45  ? 198 TYR A O   1 
ATOM   1317 C CB  . TYR A 1 159 ? -14.784 -9.748  3.793   1.00 43.51  ? 198 TYR A CB  1 
ATOM   1318 C CG  . TYR A 1 159 ? -14.252 -8.338  3.795   1.00 48.70  ? 198 TYR A CG  1 
ATOM   1319 C CD1 . TYR A 1 159 ? -12.935 -8.067  3.429   1.00 48.92  ? 198 TYR A CD1 1 
ATOM   1320 C CD2 . TYR A 1 159 ? -15.058 -7.264  4.147   1.00 46.57  ? 198 TYR A CD2 1 
ATOM   1321 C CE1 . TYR A 1 159 ? -12.445 -6.773  3.394   1.00 50.65  ? 198 TYR A CE1 1 
ATOM   1322 C CE2 . TYR A 1 159 ? -14.587 -5.961  4.115   1.00 48.46  ? 198 TYR A CE2 1 
ATOM   1323 C CZ  . TYR A 1 159 ? -13.271 -5.715  3.749   1.00 50.94  ? 198 TYR A CZ  1 
ATOM   1324 O OH  . TYR A 1 159 ? -12.784 -4.443  3.745   1.00 47.20  ? 198 TYR A OH  1 
ATOM   1325 N N   . GLN A 1 160 ? -13.566 -12.783 3.078   1.00 41.67  ? 199 GLN A N   1 
ATOM   1326 C CA  . GLN A 1 160 ? -13.609 -14.256 3.236   1.00 42.66  ? 199 GLN A CA  1 
ATOM   1327 C C   . GLN A 1 160 ? -13.780 -14.581 4.717   1.00 42.90  ? 199 GLN A C   1 
ATOM   1328 O O   . GLN A 1 160 ? -14.602 -15.444 5.054   1.00 44.48  ? 199 GLN A O   1 
ATOM   1329 C CB  . GLN A 1 160 ? -12.331 -14.861 2.658   1.00 45.67  ? 199 GLN A CB  1 
ATOM   1330 C CG  . GLN A 1 160 ? -12.135 -14.517 1.186   1.00 47.54  ? 199 GLN A CG  1 
ATOM   1331 C CD  . GLN A 1 160 ? -13.267 -15.059 0.353   1.00 48.56  ? 199 GLN A CD  1 
ATOM   1332 O OE1 . GLN A 1 160 ? -13.443 -16.261 0.278   1.00 48.20  ? 199 GLN A OE1 1 
ATOM   1333 N NE2 . GLN A 1 160 ? -14.043 -14.182 -0.276  1.00 53.85  ? 199 GLN A NE2 1 
ATOM   1334 N N   . ASN A 1 161 ? -12.986 -13.916 5.546   1.00 42.97  ? 200 ASN A N   1 
ATOM   1335 C CA  . ASN A 1 161 ? -12.883 -14.113 7.008   1.00 43.63  ? 200 ASN A CA  1 
ATOM   1336 C C   . ASN A 1 161 ? -13.863 -13.140 7.681   1.00 50.14  ? 200 ASN A C   1 
ATOM   1337 O O   . ASN A 1 161 ? -13.695 -11.901 7.498   1.00 45.59  ? 200 ASN A O   1 
ATOM   1338 C CB  . ASN A 1 161 ? -11.425 -13.912 7.422   1.00 43.01  ? 200 ASN A CB  1 
ATOM   1339 C CG  . ASN A 1 161 ? -11.201 -14.118 8.897   1.00 43.09  ? 200 ASN A CG  1 
ATOM   1340 O OD1 . ASN A 1 161 ? -12.166 -14.327 9.638   1.00 44.75  ? 200 ASN A OD1 1 
ATOM   1341 N ND2 . ASN A 1 161 ? -9.938  -14.108 9.304   1.00 35.80  ? 200 ASN A ND2 1 
ATOM   1342 N N   . GLU A 1 162 ? -14.865 -13.665 8.404   1.00 49.00  ? 201 GLU A N   1 
ATOM   1343 C CA  . GLU A 1 162 ? -15.915 -12.840 9.062   1.00 51.23  ? 201 GLU A CA  1 
ATOM   1344 C C   . GLU A 1 162 ? -15.271 -11.990 10.149  1.00 46.08  ? 201 GLU A C   1 
ATOM   1345 O O   . GLU A 1 162 ? -15.825 -10.937 10.442  1.00 56.47  ? 201 GLU A O   1 
ATOM   1346 C CB  . GLU A 1 162 ? -17.051 -13.675 9.662   1.00 57.11  ? 201 GLU A CB  1 
ATOM   1347 C CG  . GLU A 1 162 ? -16.644 -14.490 10.872  1.00 62.26  ? 201 GLU A CG  1 
ATOM   1348 C CD  . GLU A 1 162 ? -15.826 -15.734 10.547  1.00 72.64  ? 201 GLU A CD  1 
ATOM   1349 O OE1 . GLU A 1 162 ? -15.706 -16.607 11.443  1.00 77.51  ? 201 GLU A OE1 1 
ATOM   1350 O OE2 . GLU A 1 162 ? -15.320 -15.842 9.393   1.00 64.92  ? 201 GLU A OE2 1 
ATOM   1351 N N   . GLU A 1 163 ? -14.170 -12.448 10.743  1.00 45.52  ? 202 GLU A N   1 
ATOM   1352 C CA  . GLU A 1 163 ? -13.395 -11.642 11.720  1.00 50.65  ? 202 GLU A CA  1 
ATOM   1353 C C   . GLU A 1 163 ? -12.852 -10.368 11.061  1.00 43.84  ? 202 GLU A C   1 
ATOM   1354 O O   . GLU A 1 163 ? -12.792 -9.336  11.745  1.00 43.57  ? 202 GLU A O   1 
ATOM   1355 C CB  . GLU A 1 163 ? -12.237 -12.443 12.298  1.00 55.50  ? 202 GLU A CB  1 
ATOM   1356 C CG  . GLU A 1 163 ? -12.676 -13.605 13.155  1.00 62.00  ? 202 GLU A CG  1 
ATOM   1357 C CD  . GLU A 1 163 ? -11.648 -13.940 14.215  1.00 66.52  ? 202 GLU A CD  1 
ATOM   1358 O OE1 . GLU A 1 163 ? -11.247 -13.014 14.946  1.00 75.30  ? 202 GLU A OE1 1 
ATOM   1359 O OE2 . GLU A 1 163 ? -11.231 -15.110 14.282  1.00 75.06  ? 202 GLU A OE2 1 
ATOM   1360 N N   . ILE A 1 164 ? -12.386 -10.454 9.817   1.00 42.95  ? 203 ILE A N   1 
ATOM   1361 C CA  . ILE A 1 164 ? -11.858 -9.265  9.093   1.00 42.13  ? 203 ILE A CA  1 
ATOM   1362 C C   . ILE A 1 164 ? -13.040 -8.315  8.884   1.00 46.24  ? 203 ILE A C   1 
ATOM   1363 O O   . ILE A 1 164 ? -12.928 -7.134  9.269   1.00 45.26  ? 203 ILE A O   1 
ATOM   1364 C CB  . ILE A 1 164 ? -11.132 -9.645  7.781   1.00 39.27  ? 203 ILE A CB  1 
ATOM   1365 C CG1 . ILE A 1 164 ? -9.710  -10.135 8.073   1.00 40.17  ? 203 ILE A CG1 1 
ATOM   1366 C CG2 . ILE A 1 164 ? -11.112 -8.469  6.812   1.00 38.63  ? 203 ILE A CG2 1 
ATOM   1367 C CD1 . ILE A 1 164 ? -8.869  -9.135  8.814   1.00 39.46  ? 203 ILE A CD1 1 
ATOM   1368 N N   . THR A 1 165 ? -14.137 -8.837  8.336   1.00 45.29  ? 204 THR A N   1 
ATOM   1369 C CA  . THR A 1 165 ? -15.394 -8.091  8.097   1.00 47.46  ? 204 THR A CA  1 
ATOM   1370 C C   . THR A 1 165 ? -15.775 -7.349  9.379   1.00 44.36  ? 204 THR A C   1 
ATOM   1371 O O   . THR A 1 165 ? -16.204 -6.200  9.255   1.00 42.69  ? 204 THR A O   1 
ATOM   1372 C CB  . THR A 1 165 ? -16.525 -9.014  7.621   1.00 49.81  ? 204 THR A CB  1 
ATOM   1373 O OG1 . THR A 1 165 ? -16.103 -9.703  6.444   1.00 52.65  ? 204 THR A OG1 1 
ATOM   1374 C CG2 . THR A 1 165 ? -17.796 -8.267  7.287   1.00 51.76  ? 204 THR A CG2 1 
ATOM   1375 N N   . ALA A 1 166 ? -15.574 -7.959  10.548  1.00 40.55  ? 205 ALA A N   1 
ATOM   1376 C CA  . ALA A 1 166 ? -16.000 -7.392  11.859  1.00 51.36  ? 205 ALA A CA  1 
ATOM   1377 C C   . ALA A 1 166 ? -14.968 -6.371  12.357  1.00 50.99  ? 205 ALA A C   1 
ATOM   1378 O O   . ALA A 1 166 ? -15.387 -5.303  12.856  1.00 56.65  ? 205 ALA A O   1 
ATOM   1379 C CB  . ALA A 1 166 ? -16.203 -8.475  12.887  1.00 47.51  ? 205 ALA A CB  1 
ATOM   1380 N N   . LEU A 1 167 ? -13.674 -6.689  12.260  1.00 51.62  ? 206 LEU A N   1 
ATOM   1381 C CA  . LEU A 1 167 ? -12.588 -5.732  12.619  1.00 54.76  ? 206 LEU A CA  1 
ATOM   1382 C C   . LEU A 1 167 ? -12.807 -4.441  11.835  1.00 47.75  ? 206 LEU A C   1 
ATOM   1383 O O   . LEU A 1 167 ? -12.729 -3.367  12.436  1.00 52.90  ? 206 LEU A O   1 
ATOM   1384 C CB  . LEU A 1 167 ? -11.208 -6.310  12.298  1.00 51.30  ? 206 LEU A CB  1 
ATOM   1385 C CG  . LEU A 1 167 ? -10.341 -6.734  13.477  1.00 58.93  ? 206 LEU A CG  1 
ATOM   1386 C CD1 . LEU A 1 167 ? -8.864  -6.568  13.128  1.00 60.72  ? 206 LEU A CD1 1 
ATOM   1387 C CD2 . LEU A 1 167 ? -10.668 -5.960  14.748  1.00 63.62  ? 206 LEU A CD2 1 
ATOM   1388 N N   . LYS A 1 168 ? -13.067 -4.553  10.538  1.00 47.44  ? 207 LYS A N   1 
ATOM   1389 C CA  . LYS A 1 168 ? -13.207 -3.382  9.633   1.00 50.90  ? 207 LYS A CA  1 
ATOM   1390 C C   . LYS A 1 168 ? -14.317 -2.462  10.173  1.00 57.34  ? 207 LYS A C   1 
ATOM   1391 O O   . LYS A 1 168 ? -14.096 -1.242  10.205  1.00 53.07  ? 207 LYS A O   1 
ATOM   1392 C CB  . LYS A 1 168 ? -13.456 -3.852  8.195   1.00 50.45  ? 207 LYS A CB  1 
ATOM   1393 C CG  . LYS A 1 168 ? -12.298 -4.613  7.555   1.00 50.13  ? 207 LYS A CG  1 
ATOM   1394 C CD  . LYS A 1 168 ? -11.323 -3.764  6.758   1.00 48.15  ? 207 LYS A CD  1 
ATOM   1395 C CE  . LYS A 1 168 ? -10.231 -4.577  6.091   1.00 46.39  ? 207 LYS A CE  1 
ATOM   1396 N NZ  . LYS A 1 168 ? -9.648  -3.873  4.919   1.00 45.97  ? 207 LYS A NZ  1 
ATOM   1397 N N   . ILE A 1 169 ? -15.452 -3.027  10.605  1.00 61.20  ? 208 ILE A N   1 
ATOM   1398 C CA  . ILE A 1 169 ? -16.584 -2.269  11.224  1.00 61.22  ? 208 ILE A CA  1 
ATOM   1399 C C   . ILE A 1 169 ? -16.144 -1.746  12.600  1.00 58.45  ? 208 ILE A C   1 
ATOM   1400 O O   . ILE A 1 169 ? -16.285 -0.540  12.831  1.00 65.29  ? 208 ILE A O   1 
ATOM   1401 C CB  . ILE A 1 169 ? -17.856 -3.138  11.278  1.00 62.20  ? 208 ILE A CB  1 
ATOM   1402 C CG1 . ILE A 1 169 ? -18.542 -3.192  9.908   1.00 64.63  ? 208 ILE A CG1 1 
ATOM   1403 C CG2 . ILE A 1 169 ? -18.816 -2.658  12.349  1.00 62.36  ? 208 ILE A CG2 1 
ATOM   1404 C CD1 . ILE A 1 169 ? -19.376 -4.426  9.687   1.00 64.60  ? 208 ILE A CD1 1 
ATOM   1405 N N   . LYS A 1 170 ? -15.581 -2.602  13.454  1.00 60.66  ? 209 LYS A N   1 
ATOM   1406 C CA  . LYS A 1 170 ? -15.168 -2.248  14.840  1.00 60.21  ? 209 LYS A CA  1 
ATOM   1407 C C   . LYS A 1 170 ? -14.235 -1.025  14.862  1.00 64.55  ? 209 LYS A C   1 
ATOM   1408 O O   . LYS A 1 170 ? -14.487 -0.156  15.726  1.00 61.24  ? 209 LYS A O   1 
ATOM   1409 C CB  . LYS A 1 170 ? -14.491 -3.432  15.535  1.00 63.83  ? 209 LYS A CB  1 
ATOM   1410 C CG  . LYS A 1 170 ? -13.995 -3.167  16.954  1.00 63.43  ? 209 LYS A CG  1 
ATOM   1411 C CD  . LYS A 1 170 ? -13.413 -4.398  17.625  1.00 64.73  ? 209 LYS A CD  1 
ATOM   1412 C CE  . LYS A 1 170 ? -12.433 -4.090  18.736  1.00 69.34  ? 209 LYS A CE  1 
ATOM   1413 N NZ  . LYS A 1 170 ? -13.105 -3.595  19.959  1.00 72.96  ? 209 LYS A NZ  1 
ATOM   1414 N N   . TYR A 1 171 ? -13.189 -0.969  14.011  1.00 63.86  ? 210 TYR A N   1 
ATOM   1415 C CA  . TYR A 1 171 ? -12.111 0.072   14.058  1.00 63.77  ? 210 TYR A CA  1 
ATOM   1416 C C   . TYR A 1 171 ? -12.314 1.140   12.978  1.00 66.08  ? 210 TYR A C   1 
ATOM   1417 O O   . TYR A 1 171 ? -11.493 2.074   12.957  1.00 70.26  ? 210 TYR A O   1 
ATOM   1418 C CB  . TYR A 1 171 ? -10.689 -0.490  13.909  1.00 58.12  ? 210 TYR A CB  1 
ATOM   1419 C CG  . TYR A 1 171 ? -10.187 -1.310  15.069  1.00 58.04  ? 210 TYR A CG  1 
ATOM   1420 C CD1 . TYR A 1 171 ? -10.259 -0.856  16.377  1.00 65.12  ? 210 TYR A CD1 1 
ATOM   1421 C CD2 . TYR A 1 171 ? -9.651  -2.569  14.862  1.00 62.39  ? 210 TYR A CD2 1 
ATOM   1422 C CE1 . TYR A 1 171 ? -9.828  -1.635  17.446  1.00 62.92  ? 210 TYR A CE1 1 
ATOM   1423 C CE2 . TYR A 1 171 ? -9.199  -3.353  15.916  1.00 66.67  ? 210 TYR A CE2 1 
ATOM   1424 C CZ  . TYR A 1 171 ? -9.294  -2.894  17.218  1.00 62.65  ? 210 TYR A CZ  1 
ATOM   1425 O OH  . TYR A 1 171 ? -8.845  -3.698  18.230  1.00 56.02  ? 210 TYR A OH  1 
ATOM   1426 N N   . ASN A 1 172 ? -13.346 1.031   12.138  1.00 61.14  ? 211 ASN A N   1 
ATOM   1427 C CA  . ASN A 1 172 ? -13.696 2.067   11.129  1.00 68.84  ? 211 ASN A CA  1 
ATOM   1428 C C   . ASN A 1 172 ? -15.174 2.406   11.303  1.00 80.71  ? 211 ASN A C   1 
ATOM   1429 O O   . ASN A 1 172 ? -15.536 2.739   12.434  1.00 89.04  ? 211 ASN A O   1 
ATOM   1430 C CB  . ASN A 1 172 ? -13.393 1.610   9.697   1.00 73.75  ? 211 ASN A CB  1 
ATOM   1431 C CG  . ASN A 1 172 ? -13.564 2.684   8.638   1.00 71.00  ? 211 ASN A CG  1 
ATOM   1432 O OD1 . ASN A 1 172 ? -13.527 3.875   8.928   1.00 73.39  ? 211 ASN A OD1 1 
ATOM   1433 N ND2 . ASN A 1 172 ? -13.740 2.268   7.395   1.00 70.86  ? 211 ASN A ND2 1 
ATOM   1434 O OXT . ASN A 1 172 ? -15.983 2.343   10.358  1.00 78.61  ? 211 ASN A OXT 1 
HETATM 1435 C C10 . JHJ B 2 .   ? -6.706  2.547   16.204  0.40 96.76  ? 301 JHJ A C10 1 
HETATM 1436 N N12 . JHJ B 2 .   ? -6.517  3.686   15.406  0.40 95.36  ? 301 JHJ A N12 1 
HETATM 1437 C C13 . JHJ B 2 .   ? -7.558  4.368   14.800  0.40 90.84  ? 301 JHJ A C13 1 
HETATM 1438 C C15 . JHJ B 2 .   ? -9.745  4.586   13.933  0.40 87.36  ? 301 JHJ A C15 1 
HETATM 1439 C C17 . JHJ B 2 .   ? -8.402  6.418   13.932  0.40 88.62  ? 301 JHJ A C17 1 
HETATM 1440 C C01 . JHJ B 2 .   ? -4.602  -3.467  19.310  0.40 94.85  ? 301 JHJ A C01 1 
HETATM 1441 C C03 . JHJ B 2 .   ? -5.451  -1.311  19.153  0.40 98.88  ? 301 JHJ A C03 1 
HETATM 1442 C C04 . JHJ B 2 .   ? -6.618  -0.562  19.097  0.40 100.63 ? 301 JHJ A C04 1 
HETATM 1443 C C05 . JHJ B 2 .   ? -6.644  0.584   18.337  0.40 103.79 ? 301 JHJ A C05 1 
HETATM 1444 C C06 . JHJ B 2 .   ? -5.506  0.965   17.646  0.40 104.97 ? 301 JHJ A C06 1 
HETATM 1445 C C07 . JHJ B 2 .   ? -4.356  0.212   17.726  0.40 102.92 ? 301 JHJ A C07 1 
HETATM 1446 C C08 . JHJ B 2 .   ? -4.331  -0.934  18.478  0.40 100.01 ? 301 JHJ A C08 1 
HETATM 1447 C C14 . JHJ B 2 .   ? -8.773  3.784   14.506  0.40 89.10  ? 301 JHJ A C14 1 
HETATM 1448 C C18 . JHJ B 2 .   ? -7.367  5.707   14.501  0.40 89.99  ? 301 JHJ A C18 1 
HETATM 1449 N N09 . JHJ B 2 .   ? -5.555  2.097   16.826  0.40 104.39 ? 301 JHJ A N09 1 
HETATM 1450 N N16 . JHJ B 2 .   ? -9.591  5.890   13.641  0.40 87.26  ? 301 JHJ A N16 1 
HETATM 1451 O O02 . JHJ B 2 .   ? -5.369  -2.455  19.896  0.40 96.29  ? 301 JHJ A O02 1 
HETATM 1452 O O11 . JHJ B 2 .   ? -7.776  2.019   16.343  0.40 97.05  ? 301 JHJ A O11 1 
HETATM 1453 O O   . HOH C 3 .   ? -7.686  7.728   -5.396  1.00 60.47  ? 401 HOH A O   1 
HETATM 1454 O O   . HOH C 3 .   ? 18.962  21.298  4.252   1.00 52.07  ? 402 HOH A O   1 
HETATM 1455 O O   . HOH C 3 .   ? -13.608 -16.504 12.100  1.00 73.95  ? 403 HOH A O   1 
HETATM 1456 O O   . HOH C 3 .   ? 0.315   -17.295 -14.180 1.00 51.94  ? 404 HOH A O   1 
HETATM 1457 O O   . HOH C 3 .   ? 11.846  6.066   16.262  1.00 68.69  ? 405 HOH A O   1 
HETATM 1458 O O   . HOH C 3 .   ? -4.075  -6.973  -12.356 1.00 93.09  ? 406 HOH A O   1 
HETATM 1459 O O   . HOH C 3 .   ? -17.689 1.512   11.759  1.00 72.86  ? 407 HOH A O   1 
HETATM 1460 O O   . HOH C 3 .   ? 4.527   -23.392 -13.533 1.00 53.63  ? 408 HOH A O   1 
HETATM 1461 O O   . HOH C 3 .   ? -10.447 -1.118  3.739   1.00 54.42  ? 409 HOH A O   1 
HETATM 1462 O O   . HOH C 3 .   ? -16.926 -5.005  7.333   1.00 51.69  ? 410 HOH A O   1 
HETATM 1463 O O   . HOH C 3 .   ? -2.645  -16.564 6.847   1.00 68.71  ? 411 HOH A O   1 
HETATM 1464 O O   . HOH C 3 .   ? 1.013   6.393   14.651  0.50 45.55  ? 412 HOH A O   1 
HETATM 1465 O O   . HOH C 3 .   ? 3.394   2.714   14.833  1.00 35.75  ? 413 HOH A O   1 
HETATM 1466 O O   . HOH C 3 .   ? -9.457  -16.902 9.594   1.00 54.79  ? 414 HOH A O   1 
HETATM 1467 O O   . HOH C 3 .   ? 12.360  2.671   -6.359  1.00 77.42  ? 415 HOH A O   1 
HETATM 1468 O O   . HOH C 3 .   ? -1.105  -11.747 -10.487 1.00 68.45  ? 416 HOH A O   1 
HETATM 1469 O O   . HOH C 3 .   ? -16.704 -16.413 7.465   1.00 68.35  ? 417 HOH A O   1 
HETATM 1470 O O   . HOH C 3 .   ? 16.073  10.502  11.064  1.00 54.54  ? 418 HOH A O   1 
HETATM 1471 O O   . HOH C 3 .   ? -9.180  8.195   -15.354 1.00 76.63  ? 419 HOH A O   1 
HETATM 1472 O O   . HOH C 3 .   ? -4.063  9.688   -1.036  1.00 48.62  ? 420 HOH A O   1 
HETATM 1473 O O   . HOH C 3 .   ? -1.687  -4.925  17.438  1.00 59.09  ? 421 HOH A O   1 
HETATM 1474 O O   . HOH C 3 .   ? -13.194 -17.474 9.714   1.00 74.79  ? 422 HOH A O   1 
HETATM 1475 O O   . HOH C 3 .   ? 14.716  11.931  -8.401  1.00 52.31  ? 423 HOH A O   1 
HETATM 1476 O O   . HOH C 3 .   ? -15.858 -6.237  -5.025  1.00 47.11  ? 424 HOH A O   1 
HETATM 1477 O O   . HOH C 3 .   ? -3.562  7.419   14.733  1.00 56.02  ? 425 HOH A O   1 
HETATM 1478 O O   . HOH C 3 .   ? 1.774   -7.152  -9.846  1.00 70.16  ? 426 HOH A O   1 
HETATM 1479 O O   . HOH C 3 .   ? 22.498  14.198  -7.863  1.00 45.89  ? 427 HOH A O   1 
HETATM 1480 O O   . HOH C 3 .   ? -3.069  -25.206 -0.535  1.00 57.68  ? 428 HOH A O   1 
HETATM 1481 O O   . HOH C 3 .   ? 1.015   -4.754  -8.240  1.00 51.50  ? 429 HOH A O   1 
HETATM 1482 O O   . HOH C 3 .   ? 5.821   -10.523 7.126   1.00 65.35  ? 430 HOH A O   1 
HETATM 1483 O O   . HOH C 3 .   ? -8.550  -21.864 9.696   1.00 78.16  ? 431 HOH A O   1 
HETATM 1484 O O   . HOH C 3 .   ? 4.849   -7.447  -8.265  1.00 51.09  ? 432 HOH A O   1 
HETATM 1485 O O   . HOH C 3 .   ? -7.031  4.775   0.372   1.00 42.56  ? 433 HOH A O   1 
HETATM 1486 O O   . HOH C 3 .   ? 6.465   -17.147 -4.053  1.00 71.15  ? 434 HOH A O   1 
HETATM 1487 O O   . HOH C 3 .   ? -15.609 -17.457 3.848   1.00 50.62  ? 435 HOH A O   1 
HETATM 1488 O O   . HOH C 3 .   ? -0.640  3.617   8.834   1.00 38.43  ? 436 HOH A O   1 
HETATM 1489 O O   . HOH C 3 .   ? 7.761   -10.456 -4.191  1.00 73.02  ? 437 HOH A O   1 
HETATM 1490 O O   . HOH C 3 .   ? 6.862   -0.799  8.875   1.00 68.86  ? 438 HOH A O   1 
HETATM 1491 O O   . HOH C 3 .   ? -5.927  5.489   -6.634  1.00 50.63  ? 439 HOH A O   1 
HETATM 1492 O O   . HOH C 3 .   ? -10.049 4.784   3.837   1.00 60.11  ? 440 HOH A O   1 
HETATM 1493 O O   . HOH C 3 .   ? -0.125  -8.897  -9.480  1.00 61.27  ? 441 HOH A O   1 
HETATM 1494 O O   . HOH C 3 .   ? -6.303  -9.509  15.602  1.00 55.17  ? 442 HOH A O   1 
HETATM 1495 O O   . HOH C 3 .   ? -9.294  7.034   -7.774  1.00 110.03 ? 443 HOH A O   1 
HETATM 1496 O O   . HOH C 3 .   ? 10.839  6.348   10.641  1.00 179.26 ? 444 HOH A O   1 
HETATM 1497 O O   . HOH C 3 .   ? -12.997 -27.309 2.758   1.00 62.64  ? 445 HOH A O   1 
HETATM 1498 O O   . HOH C 3 .   ? 24.754  12.043  -5.475  1.00 46.24  ? 446 HOH A O   1 
HETATM 1499 O O   . HOH C 3 .   ? -7.584  -25.300 5.001   1.00 43.21  ? 447 HOH A O   1 
HETATM 1500 O O   . HOH C 3 .   ? -5.459  11.212  -5.218  1.00 57.23  ? 448 HOH A O   1 
HETATM 1501 O O   . HOH C 3 .   ? -1.151  -7.569  -16.564 1.00 71.93  ? 449 HOH A O   1 
HETATM 1502 O O   . HOH C 3 .   ? -7.440  -19.178 -5.106  1.00 61.17  ? 450 HOH A O   1 
HETATM 1503 O O   . HOH C 3 .   ? -5.009  -26.579 9.862   1.00 35.37  ? 451 HOH A O   1 
HETATM 1504 O O   . HOH C 3 .   ? -2.857  17.485  -5.646  1.00 69.01  ? 452 HOH A O   1 
HETATM 1505 O O   . HOH C 3 .   ? 12.057  9.051   12.836  1.00 65.28  ? 453 HOH A O   1 
HETATM 1506 O O   . HOH C 3 .   ? 17.106  6.122   -9.811  1.00 41.26  ? 454 HOH A O   1 
HETATM 1507 O O   . HOH C 3 .   ? -10.424 -22.512 -5.655  1.00 67.05  ? 455 HOH A O   1 
HETATM 1508 O O   . HOH C 3 .   ? 5.533   14.355  10.585  1.00 68.89  ? 456 HOH A O   1 
HETATM 1509 O O   . HOH C 3 .   ? -12.685 -9.649  -12.354 1.00 69.68  ? 457 HOH A O   1 
HETATM 1510 O O   . HOH C 3 .   ? -0.214  -14.072 -3.676  1.00 41.63  ? 458 HOH A O   1 
HETATM 1511 O O   . HOH C 3 .   ? -9.386  -1.370  -0.961  1.00 41.43  ? 459 HOH A O   1 
HETATM 1512 O O   . HOH C 3 .   ? 6.544   -0.529  12.369  1.00 52.71  ? 460 HOH A O   1 
HETATM 1513 O O   . HOH C 3 .   ? -9.484  7.197   3.400   1.00 64.18  ? 461 HOH A O   1 
HETATM 1514 O O   . HOH C 3 .   ? -18.405 -10.499 10.961  1.00 49.39  ? 462 HOH A O   1 
HETATM 1515 O O   . HOH C 3 .   ? -3.180  16.207  1.302   1.00 48.51  ? 463 HOH A O   1 
HETATM 1516 O O   . HOH C 3 .   ? -8.609  -13.230 6.678   1.00 37.12  ? 464 HOH A O   1 
HETATM 1517 O O   . HOH C 3 .   ? -1.072  17.549  3.576   1.00 44.60  ? 465 HOH A O   1 
HETATM 1518 O O   . HOH C 3 .   ? -7.607  -7.966  -11.491 1.00 73.16  ? 466 HOH A O   1 
HETATM 1519 O O   . HOH C 3 .   ? -17.830 3.378   13.664  1.00 115.08 ? 467 HOH A O   1 
HETATM 1520 O O   . HOH C 3 .   ? -15.182 4.542   -6.413  1.00 64.48  ? 468 HOH A O   1 
HETATM 1521 O O   . HOH C 3 .   ? 17.599  13.482  0.338   1.00 76.05  ? 469 HOH A O   1 
HETATM 1522 O O   . HOH C 3 .   ? -3.549  -11.554 -14.608 1.00 63.52  ? 470 HOH A O   1 
HETATM 1523 O O   . HOH C 3 .   ? 15.288  4.246   6.892   1.00 45.51  ? 471 HOH A O   1 
HETATM 1524 O O   . HOH C 3 .   ? 1.192   -11.863 -5.200  1.00 52.68  ? 472 HOH A O   1 
HETATM 1525 O O   . HOH C 3 .   ? -17.200 -3.858  -8.801  1.00 66.39  ? 473 HOH A O   1 
HETATM 1526 O O   . HOH C 3 .   ? 17.868  11.993  3.087   1.00 55.45  ? 474 HOH A O   1 
HETATM 1527 O O   . HOH C 3 .   ? -0.812  -2.504  -9.846  1.00 66.24  ? 475 HOH A O   1 
HETATM 1528 O O   . HOH C 3 .   ? 1.109   -1.069  -7.801  1.00 42.00  ? 476 HOH A O   1 
HETATM 1529 O O   . HOH C 3 .   ? -12.677 -9.770  14.445  1.00 50.44  ? 477 HOH A O   1 
HETATM 1530 O O   . HOH C 3 .   ? 5.917   5.061   13.761  1.00 45.86  ? 478 HOH A O   1 
HETATM 1531 O O   . HOH C 3 .   ? -15.762 -15.177 13.784  1.00 50.25  ? 479 HOH A O   1 
HETATM 1532 O O   . HOH C 3 .   ? 3.214   15.892  5.688   1.00 39.24  ? 480 HOH A O   1 
HETATM 1533 O O   . HOH C 3 .   ? 6.029   12.775  8.547   1.00 32.54  ? 481 HOH A O   1 
HETATM 1534 O O   . HOH C 3 .   ? -7.397  -16.255 9.202   1.00 51.19  ? 482 HOH A O   1 
HETATM 1535 O O   . HOH C 3 .   ? -5.086  12.464  4.053   1.00 65.63  ? 483 HOH A O   1 
HETATM 1536 O O   . HOH C 3 .   ? -7.477  -26.183 -0.092  1.00 52.76  ? 484 HOH A O   1 
HETATM 1537 O O   . HOH C 3 .   ? 1.489   17.915  -8.684  1.00 74.78  ? 485 HOH A O   1 
HETATM 1538 O O   . HOH C 3 .   ? 15.038  14.269  -10.475 1.00 58.77  ? 486 HOH A O   1 
HETATM 1539 O O   . HOH C 3 .   ? -1.485  8.991   -8.940  1.00 49.29  ? 487 HOH A O   1 
HETATM 1540 O O   . HOH C 3 .   ? 6.985   -4.060  -0.728  1.00 69.25  ? 488 HOH A O   1 
HETATM 1541 O O   . HOH C 3 .   ? -1.833  -6.029  7.238   1.00 38.15  ? 489 HOH A O   1 
HETATM 1542 O O   . HOH C 3 .   ? -1.741  -15.866 4.223   1.00 56.68  ? 490 HOH A O   1 
HETATM 1543 O O   . HOH C 3 .   ? -10.916 -1.940  0.092   1.00 67.84  ? 491 HOH A O   1 
HETATM 1544 O O   . HOH C 3 .   ? -14.091 -0.520  7.513   1.00 73.68  ? 492 HOH A O   1 
HETATM 1545 O O   . HOH C 3 .   ? 3.071   3.514   -13.468 1.00 77.49  ? 493 HOH A O   1 
HETATM 1546 O O   . HOH C 3 .   ? -2.904  11.281  -7.098  1.00 78.44  ? 494 HOH A O   1 
HETATM 1547 O O   . HOH C 3 .   ? 7.838   1.228   10.559  1.00 48.67  ? 495 HOH A O   1 
HETATM 1548 O O   . HOH C 3 .   ? 4.343   23.204  1.502   1.00 57.44  ? 496 HOH A O   1 
HETATM 1549 O O   . HOH C 3 .   ? 15.005  10.387  -2.974  1.00 58.08  ? 497 HOH A O   1 
HETATM 1550 O O   . HOH C 3 .   ? -18.296 -3.547  0.451   1.00 63.47  ? 498 HOH A O   1 
HETATM 1551 O O   . HOH C 3 .   ? 0.876   19.935  -0.500  1.00 87.27  ? 499 HOH A O   1 
HETATM 1552 O O   . HOH C 3 .   ? 25.089  8.285   9.391   1.00 71.46  ? 500 HOH A O   1 
HETATM 1553 O O   . HOH C 3 .   ? 15.021  19.289  -4.745  1.00 42.64  ? 501 HOH A O   1 
HETATM 1554 O O   . HOH C 3 .   ? 6.695   -9.015  -6.863  1.00 60.23  ? 502 HOH A O   1 
HETATM 1555 O O   . HOH C 3 .   ? -18.150 -11.614 6.159   1.00 44.54  ? 503 HOH A O   1 
HETATM 1556 O O   . HOH C 3 .   ? -18.618 -4.173  -2.093  1.00 70.29  ? 504 HOH A O   1 
HETATM 1557 O O   . HOH C 3 .   ? 16.016  16.271  8.515   1.00 53.28  ? 505 HOH A O   1 
HETATM 1558 O O   . HOH C 3 .   ? 19.554  16.741  -5.625  1.00 68.89  ? 506 HOH A O   1 
HETATM 1559 O O   . HOH C 3 .   ? 14.791  2.183   -4.903  0.50 56.51  ? 507 HOH A O   1 
HETATM 1560 O O   . HOH C 3 .   ? -5.377  -17.884 7.500   1.00 59.59  ? 508 HOH A O   1 
HETATM 1561 O O   . HOH C 3 .   ? -3.869  3.769   1.887   1.00 42.07  ? 509 HOH A O   1 
HETATM 1562 O O   . HOH C 3 .   ? -9.403  -6.476  18.051  1.00 60.24  ? 510 HOH A O   1 
HETATM 1563 O O   . HOH C 3 .   ? -0.661  -12.913 8.136   1.00 62.96  ? 511 HOH A O   1 
HETATM 1564 O O   . HOH C 3 .   ? -10.913 -10.400 16.017  1.00 53.00  ? 512 HOH A O   1 
HETATM 1565 O O   . HOH C 3 .   ? -14.793 -2.435  3.988   1.00 55.37  ? 513 HOH A O   1 
HETATM 1566 O O   . HOH C 3 .   ? -6.732  7.302   -7.515  1.00 82.29  ? 514 HOH A O   1 
HETATM 1567 O O   . HOH C 3 .   ? -4.378  -15.436 9.892   1.00 62.17  ? 515 HOH A O   1 
HETATM 1568 O O   . HOH C 3 .   ? -10.921 -2.831  2.294   1.00 45.81  ? 516 HOH A O   1 
HETATM 1569 O O   . HOH C 3 .   ? 6.340   18.767  13.227  1.00 56.43  ? 517 HOH A O   1 
HETATM 1570 O O   . HOH C 3 .   ? -6.554  4.335   9.273   1.00 55.85  ? 518 HOH A O   1 
HETATM 1571 O O   . HOH C 3 .   ? 5.398   -3.270  13.497  1.00 83.48  ? 519 HOH A O   1 
HETATM 1572 O O   . HOH C 3 .   ? -16.850 -3.101  2.307   1.00 61.96  ? 520 HOH A O   1 
HETATM 1573 O O   . HOH C 3 .   ? -7.779  -15.732 -12.625 1.00 64.93  ? 521 HOH A O   1 
HETATM 1574 O O   . HOH C 3 .   ? 1.815   22.444  0.131   1.00 54.75  ? 522 HOH A O   1 
HETATM 1575 O O   . HOH C 3 .   ? -1.800  -9.923  6.279   1.00 44.03  ? 523 HOH A O   1 
HETATM 1576 O O   . HOH C 3 .   ? -3.338  -11.227 19.440  1.00 78.60  ? 524 HOH A O   1 
HETATM 1577 O O   . HOH C 3 .   ? -17.739 -5.377  14.572  1.00 41.45  ? 525 HOH A O   1 
HETATM 1578 O O   . HOH C 3 .   ? -8.992  -9.400  -10.031 1.00 48.10  ? 526 HOH A O   1 
HETATM 1579 O O   . HOH C 3 .   ? -5.886  -15.752 12.126  1.00 71.13  ? 527 HOH A O   1 
HETATM 1580 O O   . HOH C 3 .   ? 17.012  3.330   15.414  1.00 57.11  ? 528 HOH A O   1 
HETATM 1581 O O   . HOH C 3 .   ? 19.450  13.191  -16.131 1.00 60.50  ? 529 HOH A O   1 
HETATM 1582 O O   . HOH C 3 .   ? -0.522  13.414  4.066   1.00 45.63  ? 530 HOH A O   1 
HETATM 1583 O O   . HOH C 3 .   ? 10.553  8.755   10.833  1.00 55.65  ? 531 HOH A O   1 
HETATM 1584 O O   . HOH C 3 .   ? 2.453   15.620  -8.706  1.00 62.79  ? 532 HOH A O   1 
HETATM 1585 O O   . HOH C 3 .   ? 18.428  6.532   15.286  1.00 69.83  ? 533 HOH A O   1 
HETATM 1586 O O   . HOH C 3 .   ? -11.320 -16.544 11.350  1.00 49.85  ? 534 HOH A O   1 
HETATM 1587 O O   . HOH C 3 .   ? 1.674   14.682  3.424   1.00 31.57  ? 535 HOH A O   1 
HETATM 1588 O O   . HOH C 3 .   ? -8.952  -15.169 11.852  1.00 66.46  ? 536 HOH A O   1 
HETATM 1589 O O   . HOH C 3 .   ? -11.876 -9.874  -9.767  1.00 55.67  ? 537 HOH A O   1 
HETATM 1590 O O   . HOH C 3 .   ? -7.928  -15.457 -8.122  1.00 67.77  ? 538 HOH A O   1 
HETATM 1591 O O   . HOH C 3 .   ? -13.742 -21.652 3.612   1.00 72.53  ? 539 HOH A O   1 
HETATM 1592 O O   . HOH C 3 .   ? -11.213 -17.930 -1.166  1.00 49.55  ? 540 HOH A O   1 
HETATM 1593 O O   . HOH C 3 .   ? 14.656  10.003  -0.373  1.00 57.35  ? 541 HOH A O   1 
HETATM 1594 O O   . HOH C 3 .   ? 1.931   -0.860  23.056  1.00 62.63  ? 542 HOH A O   1 
HETATM 1595 O O   . HOH C 3 .   ? 8.429   6.165   14.000  1.00 111.48 ? 543 HOH A O   1 
HETATM 1596 O O   . HOH C 3 .   ? -8.338  -27.908 5.686   1.00 41.13  ? 544 HOH A O   1 
HETATM 1597 O O   . HOH C 3 .   ? -0.248  -12.059 5.808   1.00 49.55  ? 545 HOH A O   1 
HETATM 1598 O O   . HOH C 3 .   ? -17.652 -14.492 1.246   1.00 60.50  ? 546 HOH A O   1 
HETATM 1599 O O   . HOH C 3 .   ? 4.345   -3.027  -8.360  1.00 50.24  ? 547 HOH A O   1 
HETATM 1600 O O   . HOH C 3 .   ? 0.535   -9.104  14.498  1.00 67.39  ? 548 HOH A O   1 
HETATM 1601 O O   . HOH C 3 .   ? 11.874  -3.105  -2.971  1.00 44.58  ? 549 HOH A O   1 
HETATM 1602 O O   . HOH C 3 .   ? 3.729   24.563  8.396   1.00 74.69  ? 550 HOH A O   1 
HETATM 1603 O O   . HOH C 3 .   ? -14.048 -20.685 5.480   1.00 46.42  ? 551 HOH A O   1 
HETATM 1604 O O   . HOH C 3 .   ? -12.895 3.290   4.628   1.00 67.62  ? 552 HOH A O   1 
HETATM 1605 O O   . HOH C 3 .   ? 14.515  15.157  10.565  1.00 52.55  ? 553 HOH A O   1 
HETATM 1606 O O   . HOH C 3 .   ? -12.370 -12.564 -3.566  1.00 53.02  ? 554 HOH A O   1 
HETATM 1607 O O   . HOH C 3 .   ? -13.778 -24.302 2.610   1.00 45.65  ? 555 HOH A O   1 
HETATM 1608 O O   . HOH C 3 .   ? -16.266 5.154   -11.081 1.00 68.33  ? 556 HOH A O   1 
HETATM 1609 O O   . HOH C 3 .   ? -16.805 -14.497 -1.651  1.00 48.79  ? 557 HOH A O   1 
HETATM 1610 O O   . HOH C 3 .   ? 3.682   -19.798 -10.822 1.00 58.44  ? 558 HOH A O   1 
HETATM 1611 O O   . HOH C 3 .   ? -14.188 3.753   -1.594  1.00 48.04  ? 559 HOH A O   1 
HETATM 1612 O O   . HOH C 3 .   ? 0.629   15.015  -7.239  1.00 58.40  ? 560 HOH A O   1 
HETATM 1613 O O   . HOH C 3 .   ? -17.604 -8.287  2.146   1.00 56.77  ? 561 HOH A O   1 
HETATM 1614 O O   . HOH C 3 .   ? 17.970  18.178  -6.378  1.00 47.87  ? 562 HOH A O   1 
HETATM 1615 O O   . HOH C 3 .   ? -17.464 -15.027 3.317   1.00 87.52  ? 563 HOH A O   1 
HETATM 1616 O O   . HOH C 3 .   ? 8.449   -22.571 -7.313  1.00 69.36  ? 564 HOH A O   1 
HETATM 1617 O O   . HOH C 3 .   ? 5.223   12.479  10.938  1.00 57.05  ? 565 HOH A O   1 
HETATM 1618 O O   . HOH C 3 .   ? 0.503   4.219   -13.187 1.00 64.83  ? 566 HOH A O   1 
HETATM 1619 O O   . HOH C 3 .   ? -4.074  11.727  0.513   1.00 62.80  ? 567 HOH A O   1 
HETATM 1620 O O   . HOH C 3 .   ? -1.933  13.444  -7.321  1.00 73.40  ? 568 HOH A O   1 
HETATM 1621 O O   . HOH C 3 .   ? -2.179  -17.969 5.514   1.00 85.33  ? 569 HOH A O   1 
HETATM 1622 O O   . HOH C 3 .   ? -2.831  13.559  2.322   1.00 51.82  ? 570 HOH A O   1 
HETATM 1623 O O   . HOH C 3 .   ? 19.786  8.509   4.462   1.00 56.12  ? 571 HOH A O   1 
HETATM 1624 O O   . HOH C 3 .   ? -16.214 -2.285  7.529   1.00 90.92  ? 572 HOH A O   1 
HETATM 1625 O O   . HOH C 3 .   ? -13.246 -0.283  5.320   1.00 65.72  ? 573 HOH A O   1 
HETATM 1626 O O   . HOH C 3 .   ? 9.088   11.080  12.337  1.00 55.33  ? 574 HOH A O   1 
HETATM 1627 O O   . HOH C 3 .   ? 10.621  6.514   12.997  1.00 71.27  ? 575 HOH A O   1 
HETATM 1628 O O   . HOH C 3 .   ? 2.842   -25.017 -15.075 1.00 67.69  ? 576 HOH A O   1 
HETATM 1629 O O   . HOH C 3 .   ? 11.986  3.414   10.759  1.00 64.53  ? 577 HOH A O   1 
HETATM 1630 O O   . HOH C 3 .   ? -17.618 -13.834 5.554   1.00 69.64  ? 578 HOH A O   1 
HETATM 1631 O O   . HOH C 3 .   ? -13.845 -7.131  15.751  1.00 53.17  ? 579 HOH A O   1 
HETATM 1632 O O   . HOH C 3 .   ? -3.791  -17.095 11.364  1.00 72.14  ? 580 HOH A O   1 
HETATM 1633 O O   . HOH C 3 .   ? -16.323 -12.266 13.684  1.00 43.66  ? 581 HOH A O   1 
HETATM 1634 O O   . HOH C 3 .   ? -3.432  6.479   -13.020 1.00 71.72  ? 582 HOH A O   1 
HETATM 1635 O O   . HOH C 3 .   ? 1.071   -19.680 -13.744 1.00 60.68  ? 583 HOH A O   1 
HETATM 1636 O O   . HOH C 3 .   ? 27.082  13.537  -8.687  1.00 68.98  ? 584 HOH A O   1 
HETATM 1637 O O   . HOH C 3 .   ? -10.925 4.438   5.850   1.00 74.49  ? 585 HOH A O   1 
HETATM 1638 O O   . HOH C 3 .   ? -18.719 -3.081  15.315  1.00 64.83  ? 586 HOH A O   1 
HETATM 1639 O O   . HOH C 3 .   ? 20.386  24.272  1.055   1.00 55.56  ? 587 HOH A O   1 
HETATM 1640 O O   . HOH C 3 .   ? 18.599  9.157   1.177   1.00 74.76  ? 588 HOH A O   1 
HETATM 1641 O O   . HOH C 3 .   ? -19.349 -7.810  10.782  1.00 45.73  ? 589 HOH A O   1 
HETATM 1642 O O   . HOH C 3 .   ? 15.830  5.883   -18.710 1.00 66.46  ? 590 HOH A O   1 
HETATM 1643 O O   . HOH C 3 .   ? -5.140  -13.432 -15.810 1.00 67.22  ? 591 HOH A O   1 
HETATM 1644 O O   . HOH C 3 .   ? 3.313   -10.168 11.531  1.00 55.37  ? 592 HOH A O   1 
HETATM 1645 O O   . HOH C 3 .   ? 7.938   11.777  -9.336  1.00 66.45  ? 593 HOH A O   1 
HETATM 1646 O O   . HOH C 3 .   ? -15.650 -23.245 4.600   1.00 70.74  ? 594 HOH A O   1 
HETATM 1647 O O   . HOH C 3 .   ? -16.605 -6.663  16.370  1.00 45.29  ? 595 HOH A O   1 
HETATM 1648 O O   . HOH C 3 .   ? 23.988  14.540  -3.976  1.00 86.65  ? 596 HOH A O   1 
HETATM 1649 O O   . HOH C 3 .   ? -12.320 -7.265  18.324  1.00 74.26  ? 597 HOH A O   1 
HETATM 1650 O O   . HOH C 3 .   ? 11.546  19.633  8.719   1.00 71.91  ? 598 HOH A O   1 
HETATM 1651 O O   . HOH C 3 .   ? 5.804   -4.497  -8.653  1.00 49.72  ? 599 HOH A O   1 
HETATM 1652 O O   . HOH C 3 .   ? 16.041  28.249  5.716   1.00 63.64  ? 600 HOH A O   1 
HETATM 1653 O O   . HOH C 3 .   ? 0.882   17.145  6.059   1.00 50.29  ? 601 HOH A O   1 
HETATM 1654 O O   . HOH C 3 .   ? 0.833   19.980  10.747  1.00 75.25  ? 602 HOH A O   1 
HETATM 1655 O O   . HOH C 3 .   ? -18.874 -11.550 13.285  1.00 53.68  ? 603 HOH A O   1 
HETATM 1656 O O   . HOH C 3 .   ? -18.382 -4.509  -5.182  1.00 74.30  ? 604 HOH A O   1 
HETATM 1657 O O   . HOH C 3 .   ? -20.737 -0.568  -13.626 1.00 87.05  ? 605 HOH A O   1 
HETATM 1658 O O   . HOH C 3 .   ? 16.936  11.113  0.981   1.00 61.34  ? 606 HOH A O   1 
HETATM 1659 O O   . HOH C 3 .   ? -5.063  -15.735 -15.101 1.00 57.35  ? 607 HOH A O   1 
HETATM 1660 O O   . HOH C 3 .   ? -15.022 -10.859 15.478  1.00 61.93  ? 608 HOH A O   1 
HETATM 1661 O O   . HOH C 3 .   ? -11.641 -18.632 -7.340  1.00 63.89  ? 609 HOH A O   1 
HETATM 1662 O O   . HOH C 3 .   ? -19.487 -6.910  13.361  1.00 47.83  ? 610 HOH A O   1 
HETATM 1663 O O   . HOH C 3 .   ? -3.893  17.059  3.283   1.00 57.59  ? 611 HOH A O   1 
HETATM 1664 O O   . HOH C 3 .   ? -10.070 -19.637 -5.343  1.00 52.17  ? 612 HOH A O   1 
HETATM 1665 O O   . HOH C 3 .   ? -1.460  -24.411 3.482   1.00 71.37  ? 613 HOH A O   1 
HETATM 1666 O O   . HOH C 3 .   ? -9.028  8.699   5.768   1.00 68.91  ? 614 HOH A O   1 
HETATM 1667 O O   . HOH C 3 .   ? -12.742 -11.906 -9.741  1.00 54.85  ? 615 HOH A O   1 
HETATM 1668 O O   . HOH C 3 .   ? -2.080  2.354   -14.187 1.00 81.31  ? 616 HOH A O   1 
HETATM 1669 O O   . HOH C 3 .   ? 17.683  20.755  -3.601  1.00 60.73  ? 617 HOH A O   1 
HETATM 1670 O O   . HOH C 3 .   ? -6.425  -29.391 6.902   1.00 58.23  ? 618 HOH A O   1 
HETATM 1671 O O   . HOH C 3 .   ? -7.032  -26.883 2.411   1.00 40.21  ? 619 HOH A O   1 
HETATM 1672 O O   . HOH C 3 .   ? -21.103 -7.301  9.302   1.00 58.64  ? 620 HOH A O   1 
HETATM 1673 O O   . HOH C 3 .   ? 0.765   -16.096 -18.824 1.00 61.28  ? 621 HOH A O   1 
HETATM 1674 O O   . HOH C 3 .   ? -3.048  17.141  5.592   1.00 75.30  ? 622 HOH A O   1 
HETATM 1675 O O   . HOH C 3 .   ? 1.898   -11.277 -19.356 1.00 69.85  ? 623 HOH A O   1 
HETATM 1676 O O   . HOH C 3 .   ? -19.433 -7.850  -7.757  1.00 75.67  ? 624 HOH A O   1 
HETATM 1677 O O   . HOH C 3 .   ? -17.286 -9.390  16.838  1.00 53.59  ? 625 HOH A O   1 
HETATM 1678 O O   . HOH C 3 .   ? -12.121 -7.305  -19.339 1.00 96.25  ? 626 HOH A O   1 
HETATM 1679 O O   . HOH C 3 .   ? -13.405 11.449  6.129   1.00 84.67  ? 627 HOH A O   1 
HETATM 1680 O O   . HOH C 3 .   ? -22.104 -5.694  13.992  1.00 64.98  ? 628 HOH A O   1 
HETATM 1681 O O   . HOH C 3 .   ? -18.096 -10.014 20.175  1.00 78.32  ? 629 HOH A O   1 
# 
